data_2N6G
#
_entry.id   2N6G
#
_entity_poly.entity_id   1
_entity_poly.type   'polypeptide(L)'
_entity_poly.pdbx_seq_one_letter_code
;GPGSMSINPFDDDNGSFFVLVNDEEQHSLWPAFADVPAGWRVVHGEADRAACLEYIEEHWPDIRPKSLRDKLATGRGFDQ
;
_entity_poly.pdbx_strand_id   A
#
# COMPACT_ATOMS: atom_id res chain seq x y z
N GLY A 1 -0.19 -15.59 6.25
CA GLY A 1 -0.03 -14.23 5.72
C GLY A 1 -1.35 -13.47 5.69
N PRO A 2 -1.59 -12.58 6.67
CA PRO A 2 -2.87 -11.87 6.80
C PRO A 2 -2.95 -10.66 5.87
N GLY A 3 -4.14 -10.46 5.29
CA GLY A 3 -4.39 -9.29 4.47
C GLY A 3 -3.87 -9.44 3.06
N SER A 4 -2.85 -8.67 2.71
CA SER A 4 -2.36 -8.61 1.35
C SER A 4 -1.18 -9.54 1.11
N MET A 5 -1.47 -10.69 0.48
CA MET A 5 -0.42 -11.54 -0.09
C MET A 5 -0.41 -11.37 -1.60
N SER A 6 -1.60 -11.11 -2.15
CA SER A 6 -1.76 -10.83 -3.58
C SER A 6 -2.89 -9.82 -3.77
N ILE A 7 -2.58 -8.71 -4.43
CA ILE A 7 -3.53 -7.63 -4.64
C ILE A 7 -4.21 -7.78 -6.01
N ASN A 8 -5.43 -7.25 -6.13
CA ASN A 8 -6.13 -7.18 -7.41
C ASN A 8 -6.12 -5.74 -7.91
N PRO A 9 -5.05 -5.33 -8.62
CA PRO A 9 -4.86 -3.95 -9.04
C PRO A 9 -5.32 -3.70 -10.48
N PHE A 10 -5.93 -2.54 -10.71
CA PHE A 10 -6.39 -2.15 -12.03
C PHE A 10 -5.21 -2.04 -13.01
N ASP A 11 -4.14 -1.39 -12.56
CA ASP A 11 -2.97 -1.14 -13.41
C ASP A 11 -1.73 -1.86 -12.88
N ASP A 12 -1.49 -1.75 -11.57
CA ASP A 12 -0.32 -2.37 -10.89
C ASP A 12 0.98 -1.63 -11.21
N ASP A 13 0.93 -0.71 -12.17
CA ASP A 13 2.13 -0.01 -12.61
C ASP A 13 2.56 1.02 -11.58
N ASN A 14 1.69 1.98 -11.31
CA ASN A 14 1.99 3.05 -10.36
C ASN A 14 1.72 2.57 -8.94
N GLY A 15 0.76 1.65 -8.82
CA GLY A 15 0.42 1.07 -7.53
C GLY A 15 -0.06 2.10 -6.52
N SER A 16 0.69 2.23 -5.43
CA SER A 16 0.34 3.14 -4.34
C SER A 16 1.59 3.40 -3.49
N PHE A 17 1.44 4.21 -2.45
CA PHE A 17 2.52 4.42 -1.47
C PHE A 17 2.78 3.11 -0.71
N PHE A 18 3.49 3.15 0.41
CA PHE A 18 3.95 1.91 1.04
C PHE A 18 3.49 1.85 2.48
N VAL A 19 3.00 0.67 2.85
CA VAL A 19 2.32 0.48 4.14
C VAL A 19 2.66 -0.89 4.73
N LEU A 20 3.02 -0.89 6.01
CA LEU A 20 3.37 -2.10 6.74
C LEU A 20 2.32 -2.37 7.82
N VAL A 21 1.71 -3.55 7.78
CA VAL A 21 0.79 -3.97 8.82
C VAL A 21 1.41 -5.09 9.64
N ASN A 22 0.71 -5.55 10.67
CA ASN A 22 1.22 -6.63 11.52
C ASN A 22 0.07 -7.53 11.97
N ASP A 23 0.37 -8.81 12.19
CA ASP A 23 -0.63 -9.80 12.62
C ASP A 23 -1.38 -9.33 13.88
N GLU A 24 -0.71 -8.53 14.69
CA GLU A 24 -1.28 -8.00 15.94
C GLU A 24 -2.10 -6.73 15.67
N GLU A 25 -2.52 -6.55 14.42
CA GLU A 25 -3.36 -5.42 13.99
C GLU A 25 -2.59 -4.09 13.99
N GLN A 26 -1.28 -4.17 14.15
CA GLN A 26 -0.43 -2.98 14.09
C GLN A 26 -0.29 -2.53 12.64
N HIS A 27 -0.06 -1.23 12.44
CA HIS A 27 0.08 -0.67 11.10
C HIS A 27 0.88 0.64 11.15
N SER A 28 1.82 0.76 10.22
CA SER A 28 2.70 1.92 10.13
C SER A 28 3.51 1.81 8.84
N LEU A 29 4.58 2.58 8.72
CA LEU A 29 5.48 2.51 7.57
C LEU A 29 6.69 1.63 7.91
N TRP A 30 7.44 1.23 6.90
CA TRP A 30 8.60 0.38 7.08
C TRP A 30 9.83 0.98 6.41
N PRO A 31 11.02 0.81 7.02
CA PRO A 31 12.28 1.31 6.46
C PRO A 31 12.61 0.62 5.13
N ALA A 32 12.41 1.34 4.03
CA ALA A 32 12.62 0.79 2.68
C ALA A 32 14.06 0.36 2.46
N PHE A 33 14.96 0.87 3.30
CA PHE A 33 16.39 0.58 3.19
C PHE A 33 16.77 -0.62 4.05
N ALA A 34 15.77 -1.33 4.56
CA ALA A 34 16.00 -2.50 5.41
C ALA A 34 15.03 -3.62 5.08
N ASP A 35 15.16 -4.73 5.80
CA ASP A 35 14.25 -5.87 5.64
C ASP A 35 13.14 -5.80 6.68
N VAL A 36 11.93 -6.14 6.28
CA VAL A 36 10.79 -6.17 7.19
C VAL A 36 10.95 -7.29 8.21
N PRO A 37 10.91 -6.96 9.52
CA PRO A 37 11.01 -7.97 10.58
C PRO A 37 9.82 -8.95 10.56
N ALA A 38 10.08 -10.19 10.92
CA ALA A 38 9.05 -11.24 10.93
C ALA A 38 7.87 -10.84 11.82
N GLY A 39 6.67 -11.25 11.42
CA GLY A 39 5.47 -10.90 12.15
C GLY A 39 4.71 -9.77 11.48
N TRP A 40 5.40 -8.97 10.69
CA TRP A 40 4.80 -7.88 9.94
C TRP A 40 4.48 -8.32 8.52
N ARG A 41 3.59 -7.59 7.86
CA ARG A 41 3.26 -7.83 6.47
C ARG A 41 3.27 -6.51 5.72
N VAL A 42 4.04 -6.43 4.65
CA VAL A 42 4.06 -5.22 3.83
C VAL A 42 3.02 -5.34 2.72
N VAL A 43 1.99 -4.50 2.79
CA VAL A 43 0.87 -4.59 1.86
C VAL A 43 1.17 -3.81 0.58
N HIS A 44 2.10 -2.88 0.69
CA HIS A 44 2.52 -2.05 -0.43
C HIS A 44 3.95 -1.58 -0.20
N GLY A 45 4.80 -1.78 -1.21
CA GLY A 45 6.20 -1.39 -1.14
C GLY A 45 6.42 0.03 -1.61
N GLU A 46 7.67 0.48 -1.60
CA GLU A 46 8.01 1.87 -1.91
C GLU A 46 7.57 2.24 -3.34
N ALA A 47 7.16 3.50 -3.51
CA ALA A 47 6.70 4.01 -4.79
C ALA A 47 6.90 5.52 -4.88
N ASP A 48 6.50 6.10 -6.00
CA ASP A 48 6.71 7.53 -6.26
C ASP A 48 5.67 8.39 -5.53
N ARG A 49 5.91 9.71 -5.49
CA ARG A 49 5.01 10.65 -4.84
C ARG A 49 3.60 10.54 -5.41
N ALA A 50 3.50 10.24 -6.70
CA ALA A 50 2.21 10.01 -7.35
C ALA A 50 1.46 8.91 -6.61
N ALA A 51 2.16 7.80 -6.37
CA ALA A 51 1.62 6.65 -5.66
C ALA A 51 1.30 7.00 -4.19
N CYS A 52 2.09 7.93 -3.66
CA CYS A 52 1.85 8.48 -2.34
C CYS A 52 0.49 9.20 -2.32
N LEU A 53 0.29 10.07 -3.30
CA LEU A 53 -0.95 10.83 -3.43
C LEU A 53 -2.13 9.89 -3.59
N GLU A 54 -1.95 8.83 -4.37
CA GLU A 54 -3.00 7.83 -4.56
C GLU A 54 -3.40 7.23 -3.21
N TYR A 55 -2.40 6.72 -2.46
CA TYR A 55 -2.68 6.12 -1.14
C TYR A 55 -3.42 7.10 -0.22
N ILE A 56 -2.86 8.30 0.00
CA ILE A 56 -3.46 9.25 0.94
C ILE A 56 -4.85 9.68 0.50
N GLU A 57 -5.02 9.94 -0.79
CA GLU A 57 -6.30 10.38 -1.33
C GLU A 57 -7.35 9.28 -1.15
N GLU A 58 -6.95 8.05 -1.46
CA GLU A 58 -7.81 6.89 -1.28
C GLU A 58 -7.96 6.54 0.20
N HIS A 59 -7.08 7.14 1.03
CA HIS A 59 -7.07 6.95 2.48
C HIS A 59 -7.23 5.47 2.85
N TRP A 60 -6.60 4.61 2.05
CA TRP A 60 -6.65 3.16 2.21
C TRP A 60 -8.05 2.63 1.87
N PRO A 61 -8.21 2.04 0.67
CA PRO A 61 -9.49 1.47 0.24
C PRO A 61 -9.88 0.21 1.04
N ASP A 62 -9.06 -0.83 0.94
CA ASP A 62 -9.30 -2.09 1.62
C ASP A 62 -8.03 -2.92 1.67
N ILE A 63 -7.96 -3.86 2.60
CA ILE A 63 -6.77 -4.68 2.82
C ILE A 63 -6.65 -5.79 1.77
N ARG A 64 -7.69 -5.93 0.95
CA ARG A 64 -7.73 -6.95 -0.09
C ARG A 64 -7.44 -8.34 0.48
N PRO A 65 -8.44 -8.95 1.16
CA PRO A 65 -8.26 -10.24 1.83
C PRO A 65 -7.83 -11.35 0.86
N LYS A 66 -6.55 -11.69 0.91
CA LYS A 66 -6.01 -12.77 0.10
C LYS A 66 -4.80 -13.37 0.79
N SER A 67 -5.05 -14.35 1.66
CA SER A 67 -4.01 -15.01 2.43
C SER A 67 -3.44 -16.20 1.63
N LEU A 68 -2.14 -16.18 1.40
CA LEU A 68 -1.45 -17.23 0.65
C LEU A 68 -0.15 -17.59 1.33
N ARG A 69 0.43 -18.73 0.97
CA ARG A 69 1.71 -19.16 1.53
C ARG A 69 2.76 -18.06 1.39
N ASP A 70 3.05 -17.68 0.16
CA ASP A 70 4.00 -16.59 -0.09
C ASP A 70 3.80 -16.02 -1.49
N LYS A 71 3.96 -14.71 -1.60
CA LYS A 71 3.85 -14.00 -2.86
C LYS A 71 4.63 -12.68 -2.74
N LEU A 72 5.43 -12.59 -1.69
CA LEU A 72 6.03 -11.33 -1.29
C LEU A 72 7.52 -11.31 -1.67
N ALA A 73 7.76 -11.43 -2.97
CA ALA A 73 9.11 -11.34 -3.50
C ALA A 73 9.47 -9.89 -3.78
N THR A 74 10.75 -9.55 -3.60
CA THR A 74 11.23 -8.20 -3.84
C THR A 74 11.41 -7.95 -5.33
N GLY A 75 10.30 -7.68 -6.03
CA GLY A 75 10.35 -7.46 -7.47
C GLY A 75 9.62 -6.22 -7.89
N ARG A 76 9.15 -5.43 -6.92
CA ARG A 76 8.44 -4.18 -7.22
C ARG A 76 9.42 -3.12 -7.72
N GLY A 77 9.57 -3.05 -9.04
CA GLY A 77 10.48 -2.11 -9.66
C GLY A 77 10.87 -2.56 -11.05
N PHE A 78 10.19 -2.01 -12.06
CA PHE A 78 10.40 -2.44 -13.44
C PHE A 78 11.46 -1.57 -14.12
N ASP A 79 11.16 -0.29 -14.29
CA ASP A 79 12.05 0.61 -15.04
C ASP A 79 12.48 1.79 -14.18
N GLN A 80 13.63 1.66 -13.56
CA GLN A 80 14.26 2.73 -12.77
C GLN A 80 15.56 2.19 -12.15
N GLY A 1 -11.26 -12.55 -24.43
CA GLY A 1 -10.60 -11.75 -23.37
C GLY A 1 -9.13 -11.50 -23.67
N PRO A 2 -8.61 -10.31 -23.31
CA PRO A 2 -7.21 -9.96 -23.55
C PRO A 2 -6.28 -10.50 -22.45
N GLY A 3 -6.11 -11.82 -22.41
CA GLY A 3 -5.26 -12.44 -21.40
C GLY A 3 -3.79 -12.42 -21.78
N SER A 4 -3.32 -11.26 -22.23
CA SER A 4 -1.94 -11.09 -22.68
C SER A 4 -1.15 -10.24 -21.67
N MET A 5 0.04 -9.79 -22.08
CA MET A 5 0.90 -8.95 -21.26
C MET A 5 0.13 -7.79 -20.63
N SER A 6 -0.75 -7.16 -21.41
CA SER A 6 -1.54 -6.04 -20.92
C SER A 6 -3.03 -6.31 -21.10
N ILE A 7 -3.75 -6.44 -19.98
CA ILE A 7 -5.19 -6.72 -20.00
C ILE A 7 -5.96 -5.54 -20.57
N ASN A 8 -5.96 -4.43 -19.84
CA ASN A 8 -6.66 -3.21 -20.26
C ASN A 8 -5.70 -2.03 -20.26
N PRO A 9 -5.74 -1.18 -21.31
CA PRO A 9 -4.87 -0.02 -21.43
C PRO A 9 -5.33 1.15 -20.57
N PHE A 10 -4.87 1.17 -19.32
CA PHE A 10 -5.15 2.28 -18.39
C PHE A 10 -3.85 2.79 -17.78
N ASP A 11 -3.96 3.77 -16.89
CA ASP A 11 -2.78 4.32 -16.21
C ASP A 11 -2.50 3.55 -14.92
N ASP A 12 -1.51 3.99 -14.16
CA ASP A 12 -1.20 3.39 -12.86
C ASP A 12 -2.22 3.88 -11.83
N ASP A 13 -3.49 3.56 -12.07
CA ASP A 13 -4.60 4.09 -11.28
C ASP A 13 -4.42 3.81 -9.79
N ASN A 14 -4.09 2.57 -9.45
CA ASN A 14 -3.90 2.17 -8.05
C ASN A 14 -2.43 2.22 -7.65
N GLY A 15 -1.61 2.89 -8.48
CA GLY A 15 -0.19 3.01 -8.21
C GLY A 15 0.08 3.82 -6.95
N SER A 16 -0.02 3.17 -5.80
CA SER A 16 0.03 3.84 -4.51
C SER A 16 1.40 3.71 -3.84
N PHE A 17 1.58 4.48 -2.77
CA PHE A 17 2.79 4.49 -1.94
C PHE A 17 2.97 3.15 -1.22
N PHE A 18 3.77 3.13 -0.15
CA PHE A 18 4.12 1.87 0.51
C PHE A 18 3.76 1.91 1.98
N VAL A 19 3.28 0.76 2.47
CA VAL A 19 2.73 0.66 3.81
C VAL A 19 2.74 -0.80 4.30
N LEU A 20 3.03 -0.97 5.59
CA LEU A 20 3.25 -2.28 6.18
C LEU A 20 2.25 -2.56 7.30
N VAL A 21 1.85 -3.82 7.42
CA VAL A 21 1.01 -4.27 8.53
C VAL A 21 1.58 -5.56 9.13
N ASN A 22 1.50 -5.67 10.44
CA ASN A 22 2.07 -6.81 11.17
C ASN A 22 0.94 -7.67 11.72
N ASP A 23 1.22 -8.94 11.96
CA ASP A 23 0.20 -9.89 12.42
C ASP A 23 -0.35 -9.47 13.78
N GLU A 24 0.45 -8.75 14.55
CA GLU A 24 0.04 -8.26 15.87
C GLU A 24 -0.70 -6.92 15.73
N GLU A 25 -1.25 -6.67 14.54
CA GLU A 25 -2.10 -5.51 14.25
C GLU A 25 -1.30 -4.20 14.18
N GLN A 26 0.02 -4.31 14.23
CA GLN A 26 0.89 -3.14 14.12
C GLN A 26 0.87 -2.63 12.68
N HIS A 27 0.40 -1.42 12.45
CA HIS A 27 0.23 -0.91 11.09
C HIS A 27 0.84 0.48 10.94
N SER A 28 1.69 0.64 9.94
CA SER A 28 2.36 1.92 9.69
C SER A 28 3.15 1.86 8.39
N LEU A 29 3.51 3.02 7.87
CA LEU A 29 4.46 3.10 6.76
C LEU A 29 5.85 2.76 7.30
N TRP A 30 6.54 1.87 6.62
CA TRP A 30 7.83 1.35 7.10
C TRP A 30 8.99 2.12 6.48
N PRO A 31 10.05 2.39 7.26
CA PRO A 31 11.25 3.07 6.76
C PRO A 31 11.97 2.22 5.70
N ALA A 32 11.83 2.63 4.44
CA ALA A 32 12.39 1.89 3.31
C ALA A 32 13.91 1.73 3.44
N PHE A 33 14.54 2.68 4.13
CA PHE A 33 15.99 2.69 4.29
C PHE A 33 16.40 2.09 5.64
N ALA A 34 15.52 1.26 6.20
CA ALA A 34 15.79 0.59 7.47
C ALA A 34 15.47 -0.90 7.37
N ASP A 35 15.92 -1.66 8.36
CA ASP A 35 15.64 -3.08 8.43
C ASP A 35 14.22 -3.33 8.93
N VAL A 36 13.54 -4.30 8.31
CA VAL A 36 12.18 -4.63 8.68
C VAL A 36 12.15 -6.02 9.34
N PRO A 37 11.96 -6.09 10.68
CA PRO A 37 12.02 -7.35 11.44
C PRO A 37 10.90 -8.32 11.06
N ALA A 38 11.28 -9.49 10.51
CA ALA A 38 10.34 -10.49 9.98
C ALA A 38 9.17 -10.77 10.93
N GLY A 39 8.04 -11.17 10.34
CA GLY A 39 6.82 -11.40 11.11
C GLY A 39 5.72 -10.41 10.74
N TRP A 40 5.88 -9.78 9.58
CA TRP A 40 4.94 -8.79 9.07
C TRP A 40 4.39 -9.20 7.71
N ARG A 41 3.63 -8.29 7.10
CA ARG A 41 3.12 -8.46 5.76
C ARG A 41 2.86 -7.08 5.15
N VAL A 42 3.43 -6.83 3.98
CA VAL A 42 3.36 -5.53 3.34
C VAL A 42 2.13 -5.44 2.44
N VAL A 43 1.44 -4.30 2.45
CA VAL A 43 0.24 -4.13 1.64
C VAL A 43 0.55 -3.32 0.37
N HIS A 44 1.63 -2.54 0.44
CA HIS A 44 2.11 -1.76 -0.70
C HIS A 44 3.62 -1.58 -0.60
N GLY A 45 4.32 -1.83 -1.71
CA GLY A 45 5.78 -1.79 -1.72
C GLY A 45 6.33 -0.44 -2.12
N GLU A 46 7.67 -0.30 -2.08
CA GLU A 46 8.36 0.97 -2.30
C GLU A 46 7.80 1.70 -3.54
N ALA A 47 7.49 2.98 -3.38
CA ALA A 47 6.82 3.76 -4.42
C ALA A 47 7.26 5.23 -4.40
N ASP A 48 6.74 6.01 -5.35
CA ASP A 48 7.19 7.38 -5.57
C ASP A 48 6.26 8.39 -4.89
N ARG A 49 6.62 9.67 -5.00
CA ARG A 49 5.86 10.76 -4.38
C ARG A 49 4.43 10.81 -4.94
N ALA A 50 4.31 10.69 -6.25
CA ALA A 50 3.00 10.60 -6.90
C ALA A 50 2.18 9.49 -6.27
N ALA A 51 2.84 8.37 -6.02
CA ALA A 51 2.22 7.20 -5.42
C ALA A 51 1.80 7.49 -3.98
N CYS A 52 2.57 8.35 -3.31
CA CYS A 52 2.21 8.82 -1.97
C CYS A 52 0.87 9.56 -2.03
N LEU A 53 0.78 10.51 -2.97
CA LEU A 53 -0.43 11.30 -3.16
C LEU A 53 -1.62 10.38 -3.46
N GLU A 54 -1.38 9.36 -4.28
CA GLU A 54 -2.43 8.46 -4.70
C GLU A 54 -2.82 7.45 -3.61
N TYR A 55 -1.87 7.09 -2.72
CA TYR A 55 -2.19 6.17 -1.62
C TYR A 55 -3.19 6.81 -0.65
N ILE A 56 -2.88 8.01 -0.18
CA ILE A 56 -3.75 8.71 0.76
C ILE A 56 -5.13 8.94 0.14
N GLU A 57 -5.15 9.19 -1.16
CA GLU A 57 -6.39 9.48 -1.87
C GLU A 57 -7.27 8.23 -2.00
N GLU A 58 -6.65 7.09 -2.30
CA GLU A 58 -7.37 5.82 -2.31
C GLU A 58 -7.99 5.53 -0.94
N HIS A 59 -7.32 6.04 0.10
CA HIS A 59 -7.81 5.94 1.48
C HIS A 59 -8.13 4.48 1.86
N TRP A 60 -7.07 3.67 1.95
CA TRP A 60 -7.19 2.25 2.27
C TRP A 60 -8.20 1.56 1.36
N PRO A 61 -7.81 1.24 0.11
CA PRO A 61 -8.68 0.54 -0.83
C PRO A 61 -8.58 -0.98 -0.70
N ASP A 62 -7.75 -1.43 0.26
CA ASP A 62 -7.50 -2.88 0.51
C ASP A 62 -6.67 -3.52 -0.61
N ILE A 63 -6.73 -2.96 -1.81
CA ILE A 63 -5.99 -3.49 -2.97
C ILE A 63 -4.51 -3.69 -2.62
N ARG A 64 -4.14 -4.95 -2.47
CA ARG A 64 -2.80 -5.36 -2.09
C ARG A 64 -2.20 -6.25 -3.17
N PRO A 65 -1.51 -5.64 -4.17
CA PRO A 65 -0.88 -6.40 -5.26
C PRO A 65 0.32 -7.21 -4.76
N LYS A 66 1.33 -6.50 -4.24
CA LYS A 66 2.55 -7.12 -3.69
C LYS A 66 3.30 -7.92 -4.78
N SER A 67 2.88 -7.75 -6.02
CA SER A 67 3.50 -8.44 -7.15
C SER A 67 4.54 -7.53 -7.81
N LEU A 68 5.51 -8.16 -8.47
CA LEU A 68 6.55 -7.43 -9.18
C LEU A 68 6.99 -8.21 -10.41
N ARG A 69 6.17 -9.19 -10.80
CA ARG A 69 6.47 -10.06 -11.92
C ARG A 69 5.93 -9.50 -13.23
N ASP A 70 6.12 -10.27 -14.29
CA ASP A 70 5.78 -9.86 -15.64
C ASP A 70 5.20 -11.04 -16.41
N LYS A 71 5.04 -10.88 -17.72
CA LYS A 71 4.59 -11.97 -18.59
C LYS A 71 5.41 -11.94 -19.89
N LEU A 72 6.55 -11.26 -19.82
CA LEU A 72 7.45 -11.09 -20.96
C LEU A 72 8.50 -12.20 -20.93
N ALA A 73 8.73 -12.75 -19.73
CA ALA A 73 9.65 -13.87 -19.56
C ALA A 73 9.04 -15.14 -20.17
N THR A 74 9.52 -15.51 -21.35
CA THR A 74 8.96 -16.64 -22.09
C THR A 74 9.82 -17.90 -21.91
N GLY A 75 11.11 -17.72 -21.63
CA GLY A 75 12.02 -18.84 -21.44
C GLY A 75 12.16 -19.68 -22.69
N ARG A 76 12.11 -21.01 -22.54
CA ARG A 76 12.21 -21.94 -23.65
C ARG A 76 11.30 -23.15 -23.42
N GLY A 77 10.36 -23.36 -24.34
CA GLY A 77 9.43 -24.47 -24.22
C GLY A 77 9.76 -25.62 -25.15
N PHE A 78 10.45 -26.62 -24.63
CA PHE A 78 10.78 -27.82 -25.38
C PHE A 78 11.31 -28.91 -24.46
N ASP A 79 10.93 -30.14 -24.76
CA ASP A 79 11.36 -31.33 -24.04
C ASP A 79 10.51 -32.51 -24.49
N GLN A 80 11.17 -33.62 -24.81
CA GLN A 80 10.48 -34.86 -25.12
C GLN A 80 11.10 -36.01 -24.34
N GLY A 1 -17.00 0.31 -18.19
CA GLY A 1 -16.00 -0.57 -18.84
C GLY A 1 -14.67 -0.52 -18.14
N PRO A 2 -14.39 -1.50 -17.25
CA PRO A 2 -13.13 -1.53 -16.48
C PRO A 2 -11.91 -1.67 -17.39
N GLY A 3 -12.06 -2.43 -18.47
CA GLY A 3 -10.95 -2.70 -19.37
C GLY A 3 -9.90 -3.56 -18.68
N SER A 4 -10.14 -4.85 -18.60
CA SER A 4 -9.29 -5.74 -17.83
C SER A 4 -8.43 -6.63 -18.73
N MET A 5 -7.12 -6.61 -18.52
CA MET A 5 -6.23 -7.63 -19.07
C MET A 5 -6.53 -8.94 -18.35
N SER A 6 -6.31 -8.89 -17.03
CA SER A 6 -6.64 -9.97 -16.12
C SER A 6 -6.61 -9.41 -14.69
N ILE A 7 -7.56 -9.82 -13.86
CA ILE A 7 -7.58 -9.39 -12.47
C ILE A 7 -6.57 -10.22 -11.67
N ASN A 8 -5.29 -9.91 -11.88
CA ASN A 8 -4.20 -10.56 -11.17
C ASN A 8 -3.67 -9.65 -10.07
N PRO A 9 -4.12 -9.87 -8.81
CA PRO A 9 -3.79 -8.99 -7.70
C PRO A 9 -2.32 -9.07 -7.26
N PHE A 10 -1.54 -8.10 -7.72
CA PHE A 10 -0.18 -7.89 -7.20
C PHE A 10 0.12 -6.40 -7.19
N ASP A 11 1.12 -6.00 -6.41
CA ASP A 11 1.41 -4.59 -6.21
C ASP A 11 2.34 -4.05 -7.29
N ASP A 12 1.84 -3.07 -8.05
CA ASP A 12 2.66 -2.34 -9.01
C ASP A 12 3.39 -1.21 -8.28
N ASP A 13 4.06 -0.35 -9.03
CA ASP A 13 4.84 0.73 -8.46
C ASP A 13 3.97 1.90 -8.01
N ASN A 14 3.13 2.39 -8.92
CA ASN A 14 2.43 3.67 -8.74
C ASN A 14 1.01 3.49 -8.20
N GLY A 15 0.59 2.24 -8.04
CA GLY A 15 -0.76 1.95 -7.57
C GLY A 15 -1.05 2.54 -6.20
N SER A 16 0.00 2.77 -5.41
CA SER A 16 -0.12 3.36 -4.09
C SER A 16 1.26 3.53 -3.46
N PHE A 17 1.32 4.28 -2.36
CA PHE A 17 2.53 4.43 -1.55
C PHE A 17 2.88 3.09 -0.89
N PHE A 18 3.71 3.10 0.16
CA PHE A 18 4.20 1.85 0.73
C PHE A 18 3.89 1.80 2.20
N VAL A 19 3.38 0.65 2.63
CA VAL A 19 2.85 0.50 3.98
C VAL A 19 2.97 -0.94 4.46
N LEU A 20 3.55 -1.07 5.67
CA LEU A 20 3.82 -2.35 6.29
C LEU A 20 2.87 -2.58 7.45
N VAL A 21 2.35 -3.79 7.56
CA VAL A 21 1.44 -4.16 8.65
C VAL A 21 1.96 -5.38 9.38
N ASN A 22 2.09 -5.26 10.69
CA ASN A 22 2.52 -6.37 11.54
C ASN A 22 1.31 -7.21 11.95
N ASP A 23 1.56 -8.46 12.33
CA ASP A 23 0.51 -9.40 12.74
C ASP A 23 -0.43 -8.78 13.78
N GLU A 24 0.12 -7.93 14.64
CA GLU A 24 -0.66 -7.30 15.71
C GLU A 24 -1.34 -6.01 15.22
N GLU A 25 -1.69 -5.99 13.92
CA GLU A 25 -2.44 -4.88 13.31
C GLU A 25 -1.64 -3.58 13.28
N GLN A 26 -0.36 -3.64 13.66
CA GLN A 26 0.51 -2.47 13.59
C GLN A 26 0.66 -2.02 12.15
N HIS A 27 0.22 -0.80 11.85
CA HIS A 27 0.22 -0.29 10.48
C HIS A 27 1.04 0.99 10.40
N SER A 28 2.17 0.91 9.72
CA SER A 28 3.07 2.05 9.59
C SER A 28 3.89 1.94 8.30
N LEU A 29 4.36 3.08 7.79
CA LEU A 29 5.29 3.08 6.67
C LEU A 29 6.60 2.42 7.09
N TRP A 30 7.34 1.87 6.14
CA TRP A 30 8.56 1.13 6.43
C TRP A 30 9.73 1.68 5.62
N PRO A 31 10.97 1.61 6.16
CA PRO A 31 12.16 2.04 5.44
C PRO A 31 12.32 1.28 4.12
N ALA A 32 11.97 1.95 3.03
CA ALA A 32 11.97 1.33 1.69
C ALA A 32 13.35 0.78 1.33
N PHE A 33 14.38 1.23 2.04
CA PHE A 33 15.76 0.84 1.77
C PHE A 33 16.25 -0.22 2.76
N ALA A 34 15.31 -0.96 3.33
CA ALA A 34 15.63 -2.01 4.30
C ALA A 34 14.89 -3.30 4.00
N ASP A 35 15.22 -4.36 4.72
CA ASP A 35 14.59 -5.67 4.55
C ASP A 35 13.46 -5.84 5.57
N VAL A 36 12.35 -6.43 5.13
CA VAL A 36 11.22 -6.68 6.02
C VAL A 36 11.36 -8.04 6.70
N PRO A 37 11.45 -8.07 8.05
CA PRO A 37 11.55 -9.32 8.82
C PRO A 37 10.23 -10.10 8.83
N ALA A 38 10.31 -11.40 9.12
CA ALA A 38 9.13 -12.26 9.22
C ALA A 38 8.19 -11.74 10.31
N GLY A 39 6.89 -11.88 10.07
CA GLY A 39 5.89 -11.38 11.01
C GLY A 39 5.26 -10.09 10.53
N TRP A 40 5.95 -9.43 9.60
CA TRP A 40 5.47 -8.18 9.02
C TRP A 40 5.02 -8.42 7.58
N ARG A 41 3.74 -8.17 7.31
CA ARG A 41 3.18 -8.31 5.98
C ARG A 41 3.02 -6.94 5.32
N VAL A 42 3.58 -6.77 4.15
CA VAL A 42 3.50 -5.50 3.44
C VAL A 42 2.27 -5.48 2.52
N VAL A 43 1.51 -4.38 2.55
CA VAL A 43 0.30 -4.28 1.72
C VAL A 43 0.58 -3.45 0.47
N HIS A 44 1.79 -2.90 0.40
CA HIS A 44 2.33 -2.31 -0.82
C HIS A 44 3.77 -1.87 -0.58
N GLY A 45 4.66 -2.26 -1.49
CA GLY A 45 6.08 -1.94 -1.39
C GLY A 45 6.39 -0.52 -1.82
N GLU A 46 7.69 -0.20 -1.92
CA GLU A 46 8.15 1.17 -2.18
C GLU A 46 7.45 1.81 -3.39
N ALA A 47 7.34 3.14 -3.37
CA ALA A 47 6.58 3.86 -4.39
C ALA A 47 6.94 5.35 -4.44
N ASP A 48 6.30 6.07 -5.36
CA ASP A 48 6.64 7.47 -5.68
C ASP A 48 5.73 8.48 -4.96
N ARG A 49 5.99 9.77 -5.20
CA ARG A 49 5.17 10.86 -4.66
C ARG A 49 3.72 10.69 -5.09
N ALA A 50 3.52 10.51 -6.39
CA ALA A 50 2.19 10.30 -6.95
C ALA A 50 1.49 9.16 -6.23
N ALA A 51 2.27 8.17 -5.83
CA ALA A 51 1.78 7.00 -5.13
C ALA A 51 1.44 7.33 -3.67
N CYS A 52 2.20 8.27 -3.10
CA CYS A 52 1.88 8.80 -1.76
C CYS A 52 0.48 9.40 -1.80
N LEU A 53 0.24 10.23 -2.81
CA LEU A 53 -1.05 10.86 -3.01
C LEU A 53 -2.11 9.82 -3.37
N GLU A 54 -1.70 8.81 -4.13
CA GLU A 54 -2.60 7.73 -4.53
C GLU A 54 -3.10 6.96 -3.29
N TYR A 55 -2.19 6.70 -2.35
CA TYR A 55 -2.52 5.96 -1.14
C TYR A 55 -3.52 6.71 -0.28
N ILE A 56 -3.24 7.98 0.00
CA ILE A 56 -4.15 8.79 0.83
C ILE A 56 -5.50 8.97 0.12
N GLU A 57 -5.46 9.12 -1.19
CA GLU A 57 -6.68 9.28 -1.98
C GLU A 57 -7.44 7.96 -2.08
N GLU A 58 -6.70 6.86 -2.00
CA GLU A 58 -7.30 5.52 -1.99
C GLU A 58 -8.20 5.36 -0.77
N HIS A 59 -7.74 5.88 0.36
CA HIS A 59 -8.55 6.01 1.56
C HIS A 59 -9.00 4.64 2.10
N TRP A 60 -8.29 3.58 1.68
CA TRP A 60 -8.58 2.21 2.11
C TRP A 60 -10.02 1.79 1.75
N PRO A 61 -10.22 1.27 0.52
CA PRO A 61 -11.52 0.77 0.08
C PRO A 61 -11.69 -0.72 0.39
N ASP A 62 -12.85 -1.27 0.06
CA ASP A 62 -13.11 -2.70 0.23
C ASP A 62 -12.29 -3.49 -0.78
N ILE A 63 -12.38 -3.07 -2.04
CA ILE A 63 -11.64 -3.70 -3.12
C ILE A 63 -10.64 -2.71 -3.73
N ARG A 64 -9.38 -3.11 -3.81
CA ARG A 64 -8.36 -2.29 -4.47
C ARG A 64 -7.81 -3.06 -5.68
N PRO A 65 -8.40 -2.83 -6.86
CA PRO A 65 -8.10 -3.60 -8.08
C PRO A 65 -6.67 -3.38 -8.61
N LYS A 66 -5.70 -3.98 -7.91
CA LYS A 66 -4.31 -3.95 -8.36
C LYS A 66 -4.15 -4.83 -9.60
N SER A 67 -4.31 -4.23 -10.78
CA SER A 67 -4.26 -4.96 -12.03
C SER A 67 -3.95 -4.02 -13.20
N LEU A 68 -3.79 -4.58 -14.40
CA LEU A 68 -3.44 -3.81 -15.59
C LEU A 68 -4.67 -3.57 -16.46
N ARG A 69 -4.95 -2.30 -16.74
CA ARG A 69 -6.12 -1.91 -17.53
C ARG A 69 -5.78 -1.90 -19.03
N ASP A 70 -6.76 -2.32 -19.85
CA ASP A 70 -6.70 -2.31 -21.32
C ASP A 70 -5.29 -2.63 -21.85
N LYS A 71 -4.63 -3.56 -21.17
CA LYS A 71 -3.25 -3.91 -21.48
C LYS A 71 -3.09 -4.35 -22.95
N LEU A 72 -4.15 -4.93 -23.52
CA LEU A 72 -4.09 -5.48 -24.87
C LEU A 72 -4.41 -4.40 -25.92
N ALA A 73 -4.74 -3.20 -25.44
CA ALA A 73 -5.10 -2.09 -26.32
C ALA A 73 -3.87 -1.26 -26.69
N THR A 74 -2.69 -1.80 -26.37
CA THR A 74 -1.44 -1.13 -26.68
C THR A 74 -1.19 -1.13 -28.19
N GLY A 75 -1.89 -0.25 -28.90
CA GLY A 75 -1.74 -0.13 -30.33
C GLY A 75 -0.65 0.85 -30.69
N ARG A 76 0.59 0.36 -30.75
CA ARG A 76 1.72 1.20 -31.12
C ARG A 76 1.76 1.35 -32.64
N GLY A 77 0.90 2.20 -33.17
CA GLY A 77 0.75 2.35 -34.60
C GLY A 77 1.83 3.22 -35.23
N PHE A 78 3.08 2.95 -34.86
CA PHE A 78 4.22 3.65 -35.46
C PHE A 78 4.50 3.06 -36.83
N ASP A 79 4.50 1.73 -36.89
CA ASP A 79 4.79 0.98 -38.12
C ASP A 79 6.17 1.37 -38.66
N GLN A 80 7.18 0.58 -38.29
CA GLN A 80 8.56 0.90 -38.61
C GLN A 80 8.93 0.35 -39.99
N GLY A 1 -13.90 -19.32 -0.87
CA GLY A 1 -13.57 -19.17 0.56
C GLY A 1 -12.69 -17.96 0.82
N PRO A 2 -12.61 -17.50 2.08
CA PRO A 2 -11.79 -16.35 2.46
C PRO A 2 -10.30 -16.69 2.47
N GLY A 3 -9.57 -16.19 1.48
CA GLY A 3 -8.15 -16.48 1.34
C GLY A 3 -7.89 -17.48 0.24
N SER A 4 -7.25 -17.01 -0.83
CA SER A 4 -6.98 -17.84 -2.00
C SER A 4 -5.48 -18.18 -2.06
N MET A 5 -5.15 -19.23 -2.82
CA MET A 5 -3.76 -19.63 -3.02
C MET A 5 -2.97 -18.52 -3.70
N SER A 6 -3.37 -18.17 -4.91
CA SER A 6 -2.75 -17.08 -5.65
C SER A 6 -3.73 -15.93 -5.81
N ILE A 7 -3.41 -14.78 -5.24
CA ILE A 7 -4.23 -13.59 -5.40
C ILE A 7 -4.08 -13.06 -6.82
N ASN A 8 -4.92 -13.58 -7.71
CA ASN A 8 -4.91 -13.16 -9.12
C ASN A 8 -5.37 -11.70 -9.28
N PRO A 9 -6.49 -11.29 -8.64
CA PRO A 9 -6.93 -9.88 -8.67
C PRO A 9 -6.06 -9.01 -7.75
N PHE A 10 -5.09 -8.33 -8.33
CA PHE A 10 -4.20 -7.46 -7.57
C PHE A 10 -4.90 -6.14 -7.24
N ASP A 11 -5.91 -5.81 -8.05
CA ASP A 11 -6.75 -4.61 -7.84
C ASP A 11 -5.95 -3.32 -8.07
N ASP A 12 -5.02 -3.01 -7.17
CA ASP A 12 -4.20 -1.81 -7.29
C ASP A 12 -3.21 -1.94 -8.45
N ASP A 13 -3.69 -1.64 -9.65
CA ASP A 13 -2.83 -1.54 -10.83
C ASP A 13 -2.12 -0.19 -10.83
N ASN A 14 -2.73 0.73 -10.11
CA ASN A 14 -2.34 2.13 -10.09
C ASN A 14 -0.98 2.34 -9.42
N GLY A 15 -0.63 1.46 -8.48
CA GLY A 15 0.66 1.55 -7.82
C GLY A 15 0.70 2.67 -6.80
N SER A 16 -0.01 2.48 -5.69
CA SER A 16 -0.05 3.46 -4.61
C SER A 16 1.23 3.39 -3.75
N PHE A 17 1.26 4.15 -2.65
CA PHE A 17 2.41 4.17 -1.74
C PHE A 17 2.57 2.84 -1.01
N PHE A 18 3.29 2.81 0.12
CA PHE A 18 3.64 1.55 0.77
C PHE A 18 3.20 1.55 2.21
N VAL A 19 2.76 0.38 2.67
CA VAL A 19 2.22 0.22 4.01
C VAL A 19 2.55 -1.16 4.57
N LEU A 20 3.04 -1.19 5.80
CA LEU A 20 3.38 -2.43 6.50
C LEU A 20 2.37 -2.70 7.61
N VAL A 21 1.90 -3.94 7.68
CA VAL A 21 0.95 -4.33 8.73
C VAL A 21 1.54 -5.46 9.57
N ASN A 22 1.56 -5.24 10.87
CA ASN A 22 2.04 -6.24 11.83
C ASN A 22 0.85 -7.05 12.33
N ASP A 23 1.12 -8.29 12.76
CA ASP A 23 0.07 -9.17 13.29
C ASP A 23 -0.66 -8.51 14.46
N GLU A 24 0.01 -7.59 15.12
CA GLU A 24 -0.53 -6.89 16.28
C GLU A 24 -1.46 -5.73 15.85
N GLU A 25 -1.86 -5.75 14.58
CA GLU A 25 -2.72 -4.70 14.01
C GLU A 25 -2.00 -3.36 13.91
N GLN A 26 -0.71 -3.37 14.23
CA GLN A 26 0.14 -2.20 14.09
C GLN A 26 0.28 -1.84 12.61
N HIS A 27 -0.16 -0.65 12.25
CA HIS A 27 -0.09 -0.18 10.87
C HIS A 27 0.93 0.93 10.75
N SER A 28 2.02 0.67 10.05
CA SER A 28 3.13 1.60 9.98
C SER A 28 3.85 1.45 8.63
N LEU A 29 5.07 1.95 8.56
CA LEU A 29 5.88 1.86 7.35
C LEU A 29 7.24 1.27 7.68
N TRP A 30 8.04 0.99 6.66
CA TRP A 30 9.37 0.42 6.85
C TRP A 30 10.35 1.14 5.92
N PRO A 31 11.66 1.11 6.24
CA PRO A 31 12.69 1.60 5.33
C PRO A 31 12.62 0.86 4.00
N ALA A 32 12.01 1.50 3.01
CA ALA A 32 11.72 0.87 1.73
C ALA A 32 12.97 0.40 0.99
N PHE A 33 14.13 0.85 1.45
CA PHE A 33 15.40 0.49 0.82
C PHE A 33 16.13 -0.56 1.66
N ALA A 34 15.49 -1.01 2.74
CA ALA A 34 16.11 -1.91 3.70
C ALA A 34 15.31 -3.20 3.84
N ASP A 35 15.74 -4.05 4.76
CA ASP A 35 15.10 -5.34 5.02
C ASP A 35 13.89 -5.15 5.93
N VAL A 36 12.81 -5.84 5.61
CA VAL A 36 11.60 -5.85 6.43
C VAL A 36 11.75 -6.85 7.57
N PRO A 37 11.42 -6.45 8.81
CA PRO A 37 11.41 -7.38 9.96
C PRO A 37 10.55 -8.61 9.67
N ALA A 38 11.10 -9.79 9.97
CA ALA A 38 10.46 -11.05 9.61
C ALA A 38 9.14 -11.27 10.37
N GLY A 39 8.24 -12.03 9.76
CA GLY A 39 7.01 -12.42 10.40
C GLY A 39 5.81 -11.57 10.01
N TRP A 40 6.05 -10.27 9.80
CA TRP A 40 4.97 -9.33 9.53
C TRP A 40 4.55 -9.38 8.06
N ARG A 41 3.52 -8.63 7.70
CA ARG A 41 2.99 -8.66 6.34
C ARG A 41 3.03 -7.27 5.71
N VAL A 42 3.63 -7.17 4.54
CA VAL A 42 3.57 -5.95 3.75
C VAL A 42 2.26 -5.94 2.97
N VAL A 43 1.48 -4.87 3.09
CA VAL A 43 0.17 -4.83 2.45
C VAL A 43 0.25 -4.11 1.11
N HIS A 44 1.27 -3.27 0.96
CA HIS A 44 1.54 -2.62 -0.33
C HIS A 44 2.99 -2.16 -0.40
N GLY A 45 3.63 -2.46 -1.54
CA GLY A 45 5.04 -2.15 -1.74
C GLY A 45 5.30 -0.68 -1.99
N GLU A 46 6.59 -0.32 -2.12
CA GLU A 46 7.02 1.07 -2.15
C GLU A 46 6.79 1.75 -3.51
N ALA A 47 6.67 3.08 -3.49
CA ALA A 47 6.42 3.86 -4.70
C ALA A 47 6.72 5.35 -4.46
N ASP A 48 6.49 6.17 -5.50
CA ASP A 48 6.86 7.58 -5.49
C ASP A 48 5.85 8.46 -4.74
N ARG A 49 6.22 9.72 -4.52
CA ARG A 49 5.36 10.73 -3.89
C ARG A 49 3.95 10.71 -4.47
N ALA A 50 3.87 10.65 -5.80
CA ALA A 50 2.57 10.58 -6.47
C ALA A 50 1.74 9.44 -5.91
N ALA A 51 2.39 8.29 -5.76
CA ALA A 51 1.77 7.09 -5.22
C ALA A 51 1.39 7.28 -3.75
N CYS A 52 2.18 8.08 -3.05
CA CYS A 52 1.86 8.49 -1.69
C CYS A 52 0.51 9.19 -1.68
N LEU A 53 0.33 10.13 -2.60
CA LEU A 53 -0.94 10.84 -2.75
C LEU A 53 -2.05 9.86 -3.12
N GLU A 54 -1.73 8.90 -3.98
CA GLU A 54 -2.68 7.86 -4.38
C GLU A 54 -3.17 7.07 -3.18
N TYR A 55 -2.27 6.78 -2.23
CA TYR A 55 -2.63 6.07 -1.00
C TYR A 55 -3.70 6.85 -0.23
N ILE A 56 -3.47 8.15 -0.06
CA ILE A 56 -4.40 9.01 0.69
C ILE A 56 -5.73 9.07 -0.03
N GLU A 57 -5.63 9.34 -1.33
CA GLU A 57 -6.78 9.58 -2.18
C GLU A 57 -7.60 8.30 -2.37
N GLU A 58 -6.93 7.15 -2.26
CA GLU A 58 -7.60 5.85 -2.31
C GLU A 58 -8.52 5.69 -1.11
N HIS A 59 -8.05 6.15 0.04
CA HIS A 59 -8.84 6.14 1.28
C HIS A 59 -9.08 4.69 1.76
N TRP A 60 -8.20 3.79 1.32
CA TRP A 60 -8.24 2.37 1.73
C TRP A 60 -9.48 1.64 1.20
N PRO A 61 -9.29 0.73 0.23
CA PRO A 61 -10.35 -0.15 -0.27
C PRO A 61 -10.39 -1.48 0.50
N ASP A 62 -11.03 -2.48 -0.09
CA ASP A 62 -11.21 -3.79 0.55
C ASP A 62 -9.96 -4.67 0.39
N ILE A 63 -9.08 -4.28 -0.54
CA ILE A 63 -7.90 -5.07 -0.93
C ILE A 63 -7.19 -5.74 0.26
N ARG A 64 -6.91 -7.03 0.11
CA ARG A 64 -6.12 -7.78 1.07
C ARG A 64 -4.65 -7.80 0.64
N PRO A 65 -3.72 -7.90 1.60
CA PRO A 65 -2.28 -7.88 1.30
C PRO A 65 -1.86 -9.02 0.36
N LYS A 66 -0.97 -8.69 -0.58
CA LYS A 66 -0.49 -9.67 -1.55
C LYS A 66 0.20 -10.83 -0.83
N SER A 67 -0.42 -12.00 -0.91
CA SER A 67 0.12 -13.20 -0.26
C SER A 67 0.25 -14.32 -1.27
N LEU A 68 1.16 -15.24 -1.00
CA LEU A 68 1.39 -16.41 -1.84
C LEU A 68 1.91 -17.55 -0.97
N ARG A 69 1.69 -18.80 -1.42
CA ARG A 69 2.13 -20.01 -0.70
C ARG A 69 1.34 -20.23 0.60
N ASP A 70 0.70 -19.19 1.12
CA ASP A 70 0.06 -19.26 2.43
C ASP A 70 -1.33 -19.87 2.35
N LYS A 71 -1.39 -21.11 1.86
CA LYS A 71 -2.62 -21.89 1.81
C LYS A 71 -2.27 -23.31 1.37
N LEU A 72 -1.14 -23.81 1.87
CA LEU A 72 -0.59 -25.09 1.45
C LEU A 72 -1.24 -26.22 2.27
N ALA A 73 -2.56 -26.20 2.28
CA ALA A 73 -3.34 -27.24 2.94
C ALA A 73 -3.68 -28.37 1.97
N THR A 74 -2.94 -29.46 2.06
CA THR A 74 -3.17 -30.64 1.23
C THR A 74 -3.39 -31.86 2.14
N GLY A 75 -4.65 -32.27 2.29
CA GLY A 75 -4.97 -33.40 3.16
C GLY A 75 -6.14 -34.21 2.65
N ARG A 76 -5.95 -35.52 2.56
CA ARG A 76 -7.00 -36.44 2.13
C ARG A 76 -6.60 -37.88 2.45
N GLY A 77 -7.13 -38.40 3.56
CA GLY A 77 -6.84 -39.77 3.96
C GLY A 77 -7.99 -40.36 4.74
N PHE A 78 -9.01 -40.82 4.03
CA PHE A 78 -10.20 -41.39 4.66
C PHE A 78 -10.06 -42.91 4.76
N ASP A 79 -10.42 -43.60 3.68
CA ASP A 79 -10.25 -45.07 3.61
C ASP A 79 -8.96 -45.39 2.87
N GLN A 80 -8.60 -44.50 1.96
CA GLN A 80 -7.39 -44.60 1.17
C GLN A 80 -7.28 -43.37 0.27
N GLY A 1 11.29 28.62 -4.33
CA GLY A 1 11.28 27.60 -3.25
C GLY A 1 9.87 27.22 -2.83
N PRO A 2 9.43 27.65 -1.63
CA PRO A 2 8.10 27.29 -1.12
C PRO A 2 6.96 28.05 -1.83
N GLY A 3 6.61 27.57 -3.02
CA GLY A 3 5.45 28.11 -3.72
C GLY A 3 4.15 27.59 -3.13
N SER A 4 3.95 27.88 -1.85
CA SER A 4 2.81 27.38 -1.10
C SER A 4 1.81 28.49 -0.78
N MET A 5 0.72 28.09 -0.13
CA MET A 5 -0.29 29.01 0.38
C MET A 5 0.17 29.51 1.76
N SER A 6 1.06 28.72 2.37
CA SER A 6 1.57 28.99 3.71
C SER A 6 3.08 28.78 3.73
N ILE A 7 3.63 28.76 4.94
CA ILE A 7 5.06 28.51 5.15
C ILE A 7 5.44 27.10 4.69
N ASN A 8 4.52 26.16 4.87
CA ASN A 8 4.71 24.76 4.50
C ASN A 8 5.11 24.64 3.02
N PRO A 9 6.36 24.25 2.71
CA PRO A 9 6.80 24.09 1.32
C PRO A 9 5.96 23.04 0.60
N PHE A 10 5.63 21.98 1.32
CA PHE A 10 4.70 20.95 0.87
C PHE A 10 4.43 20.00 2.04
N ASP A 11 3.29 19.32 2.00
CA ASP A 11 2.89 18.42 3.07
C ASP A 11 3.15 16.97 2.67
N ASP A 12 2.38 16.04 3.24
CA ASP A 12 2.61 14.61 3.01
C ASP A 12 2.14 14.15 1.63
N ASP A 13 1.96 15.09 0.70
CA ASP A 13 1.54 14.75 -0.66
C ASP A 13 2.66 13.99 -1.38
N ASN A 14 3.89 14.26 -0.95
CA ASN A 14 5.07 13.55 -1.46
C ASN A 14 5.46 12.40 -0.55
N GLY A 15 4.59 12.06 0.40
CA GLY A 15 4.83 10.94 1.29
C GLY A 15 4.35 9.64 0.68
N SER A 16 5.29 8.86 0.11
CA SER A 16 4.95 7.65 -0.62
C SER A 16 4.10 6.69 0.21
N PHE A 17 3.05 6.13 -0.39
CA PHE A 17 2.28 5.10 0.28
C PHE A 17 3.13 3.85 0.40
N PHE A 18 3.64 3.63 1.60
CA PHE A 18 4.27 2.39 1.97
C PHE A 18 3.88 2.12 3.39
N VAL A 19 3.42 0.90 3.65
CA VAL A 19 2.76 0.60 4.91
C VAL A 19 2.85 -0.91 5.21
N LEU A 20 3.17 -1.22 6.45
CA LEU A 20 3.38 -2.58 6.90
C LEU A 20 2.35 -2.95 7.96
N VAL A 21 1.71 -4.11 7.79
CA VAL A 21 0.78 -4.63 8.76
C VAL A 21 1.44 -5.77 9.53
N ASN A 22 1.45 -5.67 10.85
CA ASN A 22 2.02 -6.68 11.71
C ASN A 22 1.05 -7.85 11.87
N ASP A 23 1.53 -8.93 12.46
CA ASP A 23 0.74 -10.17 12.60
C ASP A 23 -0.63 -9.90 13.20
N GLU A 24 -0.66 -9.05 14.21
CA GLU A 24 -1.88 -8.77 14.96
C GLU A 24 -2.67 -7.60 14.34
N GLU A 25 -2.52 -7.42 13.02
CA GLU A 25 -3.22 -6.37 12.26
C GLU A 25 -2.78 -4.97 12.69
N GLN A 26 -1.65 -4.91 13.39
CA GLN A 26 -1.08 -3.64 13.84
C GLN A 26 -0.56 -2.84 12.63
N HIS A 27 -0.94 -1.56 12.54
CA HIS A 27 -0.51 -0.72 11.44
C HIS A 27 0.80 0.00 11.77
N SER A 28 1.82 -0.28 10.98
CA SER A 28 3.15 0.31 11.19
C SER A 28 3.83 0.57 9.84
N LEU A 29 5.08 1.01 9.86
CA LEU A 29 5.88 1.17 8.66
C LEU A 29 7.32 0.78 8.95
N TRP A 30 7.93 0.00 8.05
CA TRP A 30 9.28 -0.50 8.24
C TRP A 30 10.30 0.53 7.77
N PRO A 31 11.51 0.53 8.35
CA PRO A 31 12.61 1.35 7.84
C PRO A 31 12.99 0.91 6.42
N ALA A 32 12.59 1.70 5.42
CA ALA A 32 12.79 1.35 4.02
C ALA A 32 14.26 1.12 3.68
N PHE A 33 15.15 1.56 4.58
CA PHE A 33 16.59 1.41 4.39
C PHE A 33 17.10 0.11 5.01
N ALA A 34 16.18 -0.71 5.50
CA ALA A 34 16.53 -1.95 6.18
C ALA A 34 15.65 -3.12 5.72
N ASP A 35 15.90 -4.29 6.28
CA ASP A 35 15.16 -5.50 5.95
C ASP A 35 13.90 -5.60 6.81
N VAL A 36 12.80 -6.02 6.21
CA VAL A 36 11.55 -6.22 6.92
C VAL A 36 11.67 -7.33 7.97
N PRO A 37 11.26 -7.06 9.23
CA PRO A 37 11.24 -8.07 10.30
C PRO A 37 10.33 -9.25 9.95
N ALA A 38 10.76 -10.45 10.30
CA ALA A 38 10.05 -11.67 9.94
C ALA A 38 8.71 -11.77 10.69
N GLY A 39 7.73 -12.38 10.03
CA GLY A 39 6.44 -12.61 10.64
C GLY A 39 5.40 -11.58 10.25
N TRP A 40 5.86 -10.38 9.91
CA TRP A 40 4.96 -9.30 9.52
C TRP A 40 4.56 -9.44 8.06
N ARG A 41 3.78 -8.49 7.56
CA ARG A 41 3.45 -8.44 6.14
C ARG A 41 3.34 -6.99 5.69
N VAL A 42 4.06 -6.63 4.64
CA VAL A 42 3.95 -5.31 4.05
C VAL A 42 2.74 -5.27 3.14
N VAL A 43 1.82 -4.33 3.37
CA VAL A 43 0.58 -4.28 2.61
C VAL A 43 0.77 -3.41 1.36
N HIS A 44 1.80 -2.58 1.39
CA HIS A 44 2.23 -1.82 0.21
C HIS A 44 3.70 -1.43 0.38
N GLY A 45 4.54 -1.84 -0.57
CA GLY A 45 5.97 -1.63 -0.45
C GLY A 45 6.40 -0.23 -0.85
N GLU A 46 7.70 0.03 -0.77
CA GLU A 46 8.28 1.31 -1.17
C GLU A 46 7.83 1.66 -2.59
N ALA A 47 7.50 2.93 -2.83
CA ALA A 47 6.82 3.29 -4.07
C ALA A 47 7.13 4.71 -4.55
N ASP A 48 6.48 5.08 -5.66
CA ASP A 48 6.68 6.36 -6.35
C ASP A 48 5.71 7.44 -5.83
N ARG A 49 5.86 8.68 -6.32
CA ARG A 49 4.98 9.77 -5.93
C ARG A 49 3.52 9.44 -6.26
N ALA A 50 3.30 8.61 -7.27
CA ALA A 50 1.95 8.13 -7.56
C ALA A 50 1.35 7.51 -6.30
N ALA A 51 2.19 6.74 -5.59
CA ALA A 51 1.80 6.16 -4.32
C ALA A 51 1.80 7.20 -3.21
N CYS A 52 2.68 8.19 -3.32
CA CYS A 52 2.63 9.33 -2.39
C CYS A 52 1.23 9.96 -2.40
N LEU A 53 0.79 10.33 -3.58
CA LEU A 53 -0.54 10.91 -3.79
C LEU A 53 -1.63 9.89 -3.44
N GLU A 54 -1.28 8.61 -3.50
CA GLU A 54 -2.21 7.53 -3.16
C GLU A 54 -2.47 7.48 -1.65
N TYR A 55 -1.40 7.50 -0.84
CA TYR A 55 -1.51 7.37 0.63
C TYR A 55 -2.50 8.38 1.22
N ILE A 56 -2.46 9.62 0.72
CA ILE A 56 -3.39 10.64 1.17
C ILE A 56 -4.81 10.34 0.70
N GLU A 57 -4.94 9.84 -0.53
CA GLU A 57 -6.23 9.59 -1.15
C GLU A 57 -6.92 8.39 -0.50
N GLU A 58 -6.12 7.41 -0.09
CA GLU A 58 -6.63 6.19 0.53
C GLU A 58 -7.26 6.46 1.89
N HIS A 59 -7.00 7.66 2.42
CA HIS A 59 -7.48 8.06 3.75
C HIS A 59 -6.64 7.38 4.83
N TRP A 60 -5.41 7.84 4.95
CA TRP A 60 -4.49 7.33 5.95
C TRP A 60 -3.55 8.45 6.49
N PRO A 61 -3.93 9.76 6.40
CA PRO A 61 -3.01 10.85 6.71
C PRO A 61 -3.03 11.23 8.20
N ASP A 62 -1.84 11.46 8.75
CA ASP A 62 -1.71 11.87 10.15
C ASP A 62 -2.07 13.34 10.29
N ILE A 63 -1.54 14.15 9.38
CA ILE A 63 -1.82 15.59 9.34
C ILE A 63 -2.52 15.95 8.04
N ARG A 64 -3.60 16.73 8.14
CA ARG A 64 -4.34 17.18 6.96
C ARG A 64 -3.51 18.23 6.20
N PRO A 65 -3.22 17.97 4.91
CA PRO A 65 -2.46 18.91 4.06
C PRO A 65 -3.14 20.27 3.95
N LYS A 66 -2.35 21.32 4.06
CA LYS A 66 -2.86 22.69 3.99
C LYS A 66 -2.14 23.47 2.89
N SER A 67 -1.22 22.81 2.20
CA SER A 67 -0.48 23.41 1.10
C SER A 67 -0.95 22.83 -0.23
N LEU A 68 -1.92 23.50 -0.85
CA LEU A 68 -2.44 23.08 -2.15
C LEU A 68 -1.73 23.83 -3.26
N ARG A 69 -1.81 25.16 -3.24
CA ARG A 69 -1.13 26.00 -4.24
C ARG A 69 -0.70 27.34 -3.63
N ASP A 70 -0.24 28.24 -4.50
CA ASP A 70 0.49 29.44 -4.09
C ASP A 70 -0.42 30.48 -3.45
N LYS A 71 0.15 31.19 -2.47
CA LYS A 71 -0.48 32.35 -1.85
C LYS A 71 -0.63 33.50 -2.86
N LEU A 72 -1.74 33.48 -3.60
CA LEU A 72 -2.10 34.57 -4.52
C LEU A 72 -1.06 34.67 -5.65
N ALA A 73 -0.57 33.51 -6.08
CA ALA A 73 0.46 33.44 -7.11
C ALA A 73 0.36 32.12 -7.87
N THR A 74 1.35 31.86 -8.71
CA THR A 74 1.48 30.60 -9.40
C THR A 74 2.96 30.25 -9.57
N GLY A 75 3.39 29.17 -8.90
CA GLY A 75 4.77 28.73 -8.99
C GLY A 75 5.08 28.02 -10.30
N ARG A 76 4.82 28.71 -11.40
CA ARG A 76 5.05 28.15 -12.73
C ARG A 76 6.54 28.30 -13.08
N GLY A 77 7.25 27.19 -13.09
CA GLY A 77 8.66 27.20 -13.41
C GLY A 77 9.40 26.02 -12.80
N PHE A 78 9.80 26.17 -11.54
CA PHE A 78 10.56 25.15 -10.83
C PHE A 78 10.10 25.06 -9.38
N ASP A 79 10.01 23.82 -8.88
CA ASP A 79 9.52 23.54 -7.52
C ASP A 79 10.63 23.65 -6.48
N GLN A 80 11.86 23.71 -6.95
CA GLN A 80 13.02 23.71 -6.07
C GLN A 80 13.39 25.14 -5.64
N GLY A 1 -4.79 -23.90 0.79
CA GLY A 1 -5.41 -23.16 -0.32
C GLY A 1 -4.52 -23.11 -1.55
N PRO A 2 -4.90 -22.33 -2.58
CA PRO A 2 -4.11 -22.21 -3.81
C PRO A 2 -2.77 -21.53 -3.58
N GLY A 3 -1.68 -22.18 -4.03
CA GLY A 3 -0.35 -21.63 -3.87
C GLY A 3 0.08 -20.85 -5.10
N SER A 4 -0.81 -19.97 -5.57
CA SER A 4 -0.54 -19.17 -6.75
C SER A 4 0.14 -17.86 -6.38
N MET A 5 0.54 -17.09 -7.41
CA MET A 5 1.14 -15.78 -7.21
C MET A 5 0.27 -14.93 -6.28
N SER A 6 -0.93 -14.63 -6.75
CA SER A 6 -1.86 -13.80 -6.00
C SER A 6 -3.30 -14.16 -6.36
N ILE A 7 -4.17 -14.19 -5.37
CA ILE A 7 -5.60 -14.45 -5.59
C ILE A 7 -6.30 -13.13 -5.90
N ASN A 8 -6.31 -12.76 -7.18
CA ASN A 8 -6.86 -11.47 -7.61
C ASN A 8 -7.37 -11.56 -9.05
N PRO A 9 -8.50 -10.90 -9.35
CA PRO A 9 -9.01 -10.80 -10.73
C PRO A 9 -8.12 -9.88 -11.58
N PHE A 10 -7.67 -8.78 -10.98
CA PHE A 10 -6.76 -7.84 -11.62
C PHE A 10 -5.60 -7.55 -10.69
N ASP A 11 -4.44 -7.26 -11.26
CA ASP A 11 -3.24 -7.01 -10.45
C ASP A 11 -3.27 -5.62 -9.84
N ASP A 12 -2.30 -5.35 -8.98
CA ASP A 12 -2.31 -4.14 -8.16
C ASP A 12 -1.56 -3.01 -8.87
N ASP A 13 -1.49 -3.06 -10.20
CA ASP A 13 -0.84 -2.04 -11.01
C ASP A 13 -1.51 -0.68 -10.82
N ASN A 14 -2.70 -0.69 -10.24
CA ASN A 14 -3.47 0.52 -9.97
C ASN A 14 -3.25 0.98 -8.53
N GLY A 15 -2.22 0.44 -7.90
CA GLY A 15 -1.95 0.68 -6.48
C GLY A 15 -1.73 2.14 -6.12
N SER A 16 -2.82 2.86 -5.85
CA SER A 16 -2.74 4.17 -5.21
C SER A 16 -2.54 3.95 -3.71
N PHE A 17 -1.33 3.50 -3.37
CA PHE A 17 -1.13 2.76 -2.12
C PHE A 17 0.35 2.71 -1.69
N PHE A 18 0.60 2.87 -0.40
CA PHE A 18 1.73 2.23 0.24
C PHE A 18 1.35 2.01 1.71
N VAL A 19 1.57 0.79 2.22
CA VAL A 19 1.09 0.45 3.58
C VAL A 19 1.87 -0.72 4.19
N LEU A 20 2.52 -0.45 5.32
CA LEU A 20 3.15 -1.49 6.10
C LEU A 20 2.21 -1.95 7.21
N VAL A 21 2.01 -3.25 7.32
CA VAL A 21 1.16 -3.82 8.35
C VAL A 21 1.96 -4.80 9.21
N ASN A 22 1.93 -4.57 10.51
CA ASN A 22 2.55 -5.47 11.47
C ASN A 22 1.58 -6.59 11.82
N ASP A 23 2.10 -7.74 12.21
CA ASP A 23 1.24 -8.83 12.68
C ASP A 23 0.54 -8.40 13.98
N GLU A 24 0.98 -7.26 14.51
CA GLU A 24 0.33 -6.61 15.64
C GLU A 24 -0.91 -5.83 15.18
N GLU A 25 -1.26 -6.00 13.91
CA GLU A 25 -2.44 -5.38 13.31
C GLU A 25 -2.25 -3.87 13.09
N GLN A 26 -1.03 -3.39 13.33
CA GLN A 26 -0.68 -2.00 13.04
C GLN A 26 -0.62 -1.81 11.53
N HIS A 27 -1.44 -0.92 10.99
CA HIS A 27 -1.55 -0.74 9.54
C HIS A 27 -1.39 0.73 9.17
N SER A 28 -0.22 1.10 8.65
CA SER A 28 0.03 2.49 8.30
C SER A 28 1.29 2.60 7.41
N LEU A 29 1.76 3.83 7.21
CA LEU A 29 2.92 4.11 6.37
C LEU A 29 4.22 3.63 7.03
N TRP A 30 5.33 3.70 6.30
CA TRP A 30 6.60 3.22 6.79
C TRP A 30 7.76 3.95 6.12
N PRO A 31 8.94 3.99 6.77
CA PRO A 31 10.14 4.59 6.18
C PRO A 31 10.69 3.71 5.04
N ALA A 32 10.28 4.01 3.81
CA ALA A 32 10.69 3.25 2.64
C ALA A 32 12.18 3.38 2.35
N PHE A 33 12.88 4.18 3.16
CA PHE A 33 14.31 4.41 3.00
C PHE A 33 15.13 3.26 3.61
N ALA A 34 14.45 2.25 4.14
CA ALA A 34 15.10 1.10 4.75
C ALA A 34 14.43 -0.20 4.35
N ASP A 35 15.01 -1.31 4.75
CA ASP A 35 14.45 -2.65 4.48
C ASP A 35 13.48 -3.03 5.59
N VAL A 36 12.37 -3.65 5.19
CA VAL A 36 11.31 -4.02 6.12
C VAL A 36 11.82 -4.96 7.22
N PRO A 37 11.72 -4.55 8.50
CA PRO A 37 12.14 -5.37 9.64
C PRO A 37 11.43 -6.74 9.64
N ALA A 38 12.18 -7.79 9.96
CA ALA A 38 11.66 -9.15 9.95
C ALA A 38 10.45 -9.30 10.86
N GLY A 39 9.36 -9.83 10.31
CA GLY A 39 8.15 -10.04 11.08
C GLY A 39 7.00 -9.18 10.59
N TRP A 40 7.33 -8.07 9.93
CA TRP A 40 6.30 -7.17 9.40
C TRP A 40 5.95 -7.53 7.96
N ARG A 41 4.72 -7.21 7.55
CA ARG A 41 4.25 -7.51 6.19
C ARG A 41 3.78 -6.23 5.52
N VAL A 42 4.31 -5.93 4.33
CA VAL A 42 3.84 -4.78 3.56
C VAL A 42 2.62 -5.21 2.74
N VAL A 43 1.47 -4.61 3.02
CA VAL A 43 0.23 -5.08 2.39
C VAL A 43 0.14 -4.55 0.97
N HIS A 44 0.74 -3.37 0.77
CA HIS A 44 0.89 -2.78 -0.55
C HIS A 44 2.23 -2.06 -0.59
N GLY A 45 3.14 -2.55 -1.44
CA GLY A 45 4.50 -2.08 -1.46
C GLY A 45 4.63 -0.61 -1.80
N GLU A 46 5.80 -0.05 -1.50
CA GLU A 46 6.08 1.34 -1.82
C GLU A 46 6.00 1.56 -3.33
N ALA A 47 5.39 2.65 -3.71
CA ALA A 47 5.12 2.94 -5.11
C ALA A 47 5.67 4.31 -5.49
N ASP A 48 5.44 4.71 -6.74
CA ASP A 48 5.81 6.04 -7.19
C ASP A 48 5.21 7.10 -6.28
N ARG A 49 5.90 8.24 -6.18
CA ARG A 49 5.48 9.32 -5.29
C ARG A 49 3.99 9.62 -5.45
N ALA A 50 3.52 9.59 -6.69
CA ALA A 50 2.12 9.86 -6.98
C ALA A 50 1.21 8.80 -6.35
N ALA A 51 1.64 7.54 -6.39
CA ALA A 51 0.83 6.42 -5.92
C ALA A 51 0.79 6.34 -4.39
N CYS A 52 1.91 6.72 -3.76
CA CYS A 52 1.97 6.83 -2.31
C CYS A 52 1.20 8.05 -1.82
N LEU A 53 1.35 9.19 -2.51
CA LEU A 53 0.58 10.38 -2.22
C LEU A 53 -0.90 10.15 -2.50
N GLU A 54 -1.17 9.26 -3.46
CA GLU A 54 -2.53 8.90 -3.79
C GLU A 54 -3.11 7.98 -2.72
N TYR A 55 -2.26 7.13 -2.11
CA TYR A 55 -2.68 6.31 -0.97
C TYR A 55 -3.47 7.12 0.07
N ILE A 56 -2.84 8.15 0.64
CA ILE A 56 -3.46 8.89 1.73
C ILE A 56 -4.83 9.45 1.33
N GLU A 57 -4.94 9.94 0.10
CA GLU A 57 -6.19 10.51 -0.39
C GLU A 57 -7.21 9.40 -0.69
N GLU A 58 -6.70 8.23 -1.08
CA GLU A 58 -7.53 7.07 -1.35
C GLU A 58 -8.26 6.63 -0.08
N HIS A 59 -7.59 6.81 1.06
CA HIS A 59 -8.15 6.55 2.39
C HIS A 59 -8.35 5.06 2.66
N TRP A 60 -7.87 4.22 1.74
CA TRP A 60 -7.89 2.75 1.93
C TRP A 60 -9.33 2.19 1.96
N PRO A 61 -9.78 1.59 0.84
CA PRO A 61 -11.08 0.90 0.78
C PRO A 61 -11.01 -0.49 1.41
N ASP A 62 -11.93 -1.38 1.03
CA ASP A 62 -11.94 -2.75 1.54
C ASP A 62 -11.09 -3.66 0.65
N ILE A 63 -10.02 -3.10 0.10
CA ILE A 63 -9.14 -3.82 -0.82
C ILE A 63 -8.38 -4.94 -0.09
N ARG A 64 -8.48 -6.15 -0.64
CA ARG A 64 -7.83 -7.33 -0.07
C ARG A 64 -6.31 -7.15 0.07
N PRO A 65 -5.68 -7.91 0.99
CA PRO A 65 -4.23 -7.86 1.20
C PRO A 65 -3.45 -8.46 0.03
N LYS A 66 -4.18 -9.15 -0.87
CA LYS A 66 -3.58 -9.73 -2.07
C LYS A 66 -3.01 -8.63 -2.95
N SER A 67 -1.69 -8.49 -2.92
CA SER A 67 -0.98 -7.47 -3.68
C SER A 67 0.45 -7.92 -3.96
N LEU A 68 1.22 -8.14 -2.90
CA LEU A 68 2.62 -8.56 -3.02
C LEU A 68 2.76 -10.06 -2.73
N ARG A 69 4.01 -10.48 -2.48
CA ARG A 69 4.32 -11.88 -2.15
C ARG A 69 4.17 -12.74 -3.41
N ASP A 70 4.78 -12.28 -4.49
CA ASP A 70 4.71 -12.98 -5.77
C ASP A 70 5.71 -14.15 -5.79
N LYS A 71 5.81 -14.80 -6.94
CA LYS A 71 6.61 -16.03 -7.07
C LYS A 71 8.05 -15.68 -7.50
N LEU A 72 8.20 -14.58 -8.21
CA LEU A 72 9.50 -14.18 -8.77
C LEU A 72 10.34 -13.50 -7.68
N ALA A 73 9.77 -12.45 -7.07
CA ALA A 73 10.40 -11.73 -5.97
C ALA A 73 11.80 -11.21 -6.33
N THR A 74 12.08 -11.14 -7.63
CA THR A 74 13.39 -10.71 -8.09
C THR A 74 13.45 -9.19 -8.26
N GLY A 75 13.75 -8.53 -7.15
CA GLY A 75 13.92 -7.08 -7.15
C GLY A 75 14.74 -6.65 -5.95
N ARG A 76 16.01 -6.32 -6.19
CA ARG A 76 16.94 -6.05 -5.11
C ARG A 76 18.14 -5.25 -5.62
N GLY A 77 18.43 -4.14 -4.96
CA GLY A 77 19.58 -3.34 -5.33
C GLY A 77 20.75 -3.59 -4.40
N PHE A 78 21.80 -2.80 -4.55
CA PHE A 78 22.99 -2.94 -3.75
C PHE A 78 23.75 -1.62 -3.70
N ASP A 79 24.63 -1.49 -2.71
CA ASP A 79 25.48 -0.32 -2.55
C ASP A 79 26.63 -0.66 -1.61
N GLN A 80 27.84 -0.64 -2.14
CA GLN A 80 29.03 -0.99 -1.39
C GLN A 80 30.21 -0.18 -1.91
N GLY A 1 -18.47 -14.00 5.67
CA GLY A 1 -17.27 -13.33 5.11
C GLY A 1 -17.44 -12.98 3.65
N PRO A 2 -18.07 -11.83 3.34
CA PRO A 2 -18.32 -11.42 1.95
C PRO A 2 -17.06 -10.87 1.27
N GLY A 3 -16.40 -11.72 0.50
CA GLY A 3 -15.22 -11.31 -0.25
C GLY A 3 -15.15 -12.02 -1.58
N SER A 4 -14.90 -11.27 -2.65
CA SER A 4 -14.89 -11.81 -4.01
C SER A 4 -13.78 -12.85 -4.22
N MET A 5 -13.85 -13.58 -5.34
CA MET A 5 -12.81 -14.53 -5.73
C MET A 5 -11.55 -13.79 -6.17
N SER A 6 -11.69 -13.04 -7.26
CA SER A 6 -10.60 -12.23 -7.79
C SER A 6 -10.35 -11.03 -6.88
N ILE A 7 -9.14 -10.46 -6.99
CA ILE A 7 -8.73 -9.33 -6.15
C ILE A 7 -9.64 -8.12 -6.41
N ASN A 8 -10.69 -8.02 -5.62
CA ASN A 8 -11.64 -6.91 -5.69
C ASN A 8 -11.58 -6.12 -4.38
N PRO A 9 -11.65 -4.77 -4.44
CA PRO A 9 -11.56 -3.89 -3.26
C PRO A 9 -12.32 -4.40 -2.03
N PHE A 10 -11.62 -5.19 -1.22
CA PHE A 10 -12.08 -5.63 0.08
C PHE A 10 -10.87 -5.65 0.99
N ASP A 11 -10.79 -4.67 1.89
CA ASP A 11 -9.53 -4.33 2.57
C ASP A 11 -8.54 -3.88 1.49
N ASP A 12 -8.65 -2.61 1.11
CA ASP A 12 -8.06 -2.06 -0.12
C ASP A 12 -6.64 -2.53 -0.39
N ASP A 13 -6.49 -3.29 -1.48
CA ASP A 13 -5.19 -3.64 -2.04
C ASP A 13 -4.65 -2.45 -2.84
N ASN A 14 -5.58 -1.57 -3.15
CA ASN A 14 -5.32 -0.37 -3.97
C ASN A 14 -4.43 0.66 -3.27
N GLY A 15 -3.82 0.27 -2.14
CA GLY A 15 -2.81 1.11 -1.51
C GLY A 15 -1.65 1.38 -2.45
N SER A 16 -1.69 2.53 -3.13
CA SER A 16 -0.74 2.84 -4.19
C SER A 16 0.69 2.99 -3.64
N PHE A 17 0.86 3.80 -2.59
CA PHE A 17 2.16 3.89 -1.89
C PHE A 17 2.45 2.56 -1.18
N PHE A 18 3.34 2.59 -0.18
CA PHE A 18 3.83 1.34 0.38
C PHE A 18 3.58 1.32 1.87
N VAL A 19 3.12 0.17 2.35
CA VAL A 19 2.59 0.06 3.71
C VAL A 19 2.93 -1.30 4.33
N LEU A 20 3.48 -1.25 5.53
CA LEU A 20 3.81 -2.43 6.31
C LEU A 20 2.82 -2.56 7.46
N VAL A 21 2.28 -3.76 7.66
CA VAL A 21 1.30 -3.99 8.71
C VAL A 21 1.78 -5.06 9.67
N ASN A 22 1.79 -4.73 10.95
CA ASN A 22 2.14 -5.68 12.00
C ASN A 22 0.92 -6.57 12.26
N ASP A 23 1.17 -7.84 12.58
CA ASP A 23 0.09 -8.79 12.85
C ASP A 23 -0.75 -8.33 14.04
N GLU A 24 -0.19 -7.40 14.83
CA GLU A 24 -0.89 -6.78 15.95
C GLU A 24 -1.96 -5.80 15.47
N GLU A 25 -2.15 -5.73 14.14
CA GLU A 25 -3.19 -4.90 13.52
C GLU A 25 -2.85 -3.41 13.61
N GLN A 26 -1.67 -3.06 13.09
CA GLN A 26 -1.24 -1.66 13.03
C GLN A 26 -0.47 -1.43 11.73
N HIS A 27 -0.81 -0.36 11.00
CA HIS A 27 -0.17 -0.05 9.73
C HIS A 27 0.87 1.06 9.91
N SER A 28 2.01 0.91 9.25
CA SER A 28 3.09 1.89 9.30
C SER A 28 3.94 1.77 8.02
N LEU A 29 5.06 2.47 7.98
CA LEU A 29 5.98 2.39 6.84
C LEU A 29 7.30 1.76 7.30
N TRP A 30 8.11 1.27 6.35
CA TRP A 30 9.38 0.63 6.67
C TRP A 30 10.45 1.11 5.70
N PRO A 31 11.74 0.96 6.06
CA PRO A 31 12.85 1.25 5.14
C PRO A 31 12.75 0.36 3.88
N ALA A 32 12.19 0.93 2.81
CA ALA A 32 11.94 0.19 1.57
C ALA A 32 13.20 -0.51 1.04
N PHE A 33 14.36 0.00 1.42
CA PHE A 33 15.63 -0.54 0.97
C PHE A 33 16.17 -1.57 1.97
N ALA A 34 15.26 -2.25 2.66
CA ALA A 34 15.62 -3.29 3.63
C ALA A 34 14.58 -4.41 3.63
N ASP A 35 14.98 -5.58 4.11
CA ASP A 35 14.10 -6.74 4.17
C ASP A 35 13.35 -6.79 5.50
N VAL A 36 12.03 -6.94 5.44
CA VAL A 36 11.20 -6.93 6.64
C VAL A 36 11.01 -8.36 7.19
N PRO A 37 11.22 -8.54 8.52
CA PRO A 37 11.08 -9.85 9.17
C PRO A 37 9.63 -10.35 9.23
N ALA A 38 9.46 -11.55 9.78
CA ALA A 38 8.13 -12.17 9.94
C ALA A 38 7.34 -11.45 11.04
N GLY A 39 6.01 -11.48 10.91
CA GLY A 39 5.15 -10.78 11.84
C GLY A 39 4.71 -9.44 11.29
N TRP A 40 5.61 -8.81 10.56
CA TRP A 40 5.30 -7.57 9.85
C TRP A 40 5.06 -7.89 8.38
N ARG A 41 3.79 -7.94 7.99
CA ARG A 41 3.42 -8.29 6.63
C ARG A 41 3.24 -7.03 5.79
N VAL A 42 3.94 -6.98 4.66
CA VAL A 42 3.83 -5.85 3.74
C VAL A 42 2.63 -6.03 2.83
N VAL A 43 1.78 -5.00 2.75
CA VAL A 43 0.58 -5.06 1.92
C VAL A 43 0.88 -4.56 0.52
N HIS A 44 1.62 -3.46 0.43
CA HIS A 44 2.08 -2.95 -0.86
C HIS A 44 3.51 -2.47 -0.73
N GLY A 45 4.34 -2.88 -1.69
CA GLY A 45 5.77 -2.59 -1.66
C GLY A 45 6.10 -1.19 -2.12
N GLU A 46 7.38 -0.88 -2.19
CA GLU A 46 7.87 0.47 -2.50
C GLU A 46 7.14 1.11 -3.69
N ALA A 47 6.93 2.43 -3.62
CA ALA A 47 6.08 3.12 -4.59
C ALA A 47 6.49 4.59 -4.78
N ASP A 48 5.73 5.30 -5.61
CA ASP A 48 6.08 6.65 -6.05
C ASP A 48 5.37 7.74 -5.25
N ARG A 49 5.80 8.99 -5.49
CA ARG A 49 5.16 10.16 -4.91
C ARG A 49 3.68 10.19 -5.27
N ALA A 50 3.35 9.94 -6.53
CA ALA A 50 1.96 9.86 -6.96
C ALA A 50 1.23 8.78 -6.15
N ALA A 51 1.96 7.73 -5.82
CA ALA A 51 1.41 6.58 -5.09
C ALA A 51 1.12 6.93 -3.63
N CYS A 52 1.93 7.81 -3.05
CA CYS A 52 1.66 8.33 -1.70
C CYS A 52 0.47 9.29 -1.74
N LEU A 53 0.40 10.09 -2.80
CA LEU A 53 -0.72 11.02 -3.00
C LEU A 53 -2.03 10.25 -3.09
N GLU A 54 -1.99 9.08 -3.69
CA GLU A 54 -3.16 8.22 -3.79
C GLU A 54 -3.43 7.51 -2.46
N TYR A 55 -2.35 7.08 -1.78
CA TYR A 55 -2.47 6.42 -0.47
C TYR A 55 -3.22 7.31 0.53
N ILE A 56 -2.85 8.59 0.64
CA ILE A 56 -3.49 9.50 1.57
C ILE A 56 -4.97 9.69 1.23
N GLU A 57 -5.24 9.89 -0.05
CA GLU A 57 -6.62 10.07 -0.53
C GLU A 57 -7.45 8.83 -0.22
N GLU A 58 -6.91 7.66 -0.56
CA GLU A 58 -7.59 6.40 -0.35
C GLU A 58 -7.93 6.21 1.14
N HIS A 59 -7.03 6.71 1.99
CA HIS A 59 -7.19 6.59 3.44
C HIS A 59 -7.18 5.13 3.86
N TRP A 60 -6.01 4.62 4.21
CA TRP A 60 -5.85 3.22 4.54
C TRP A 60 -5.59 3.06 6.05
N PRO A 61 -6.62 2.60 6.80
CA PRO A 61 -6.52 2.43 8.26
C PRO A 61 -5.89 1.09 8.65
N ASP A 62 -6.13 0.66 9.89
CA ASP A 62 -5.60 -0.61 10.37
C ASP A 62 -6.56 -1.72 9.99
N ILE A 63 -6.34 -2.31 8.82
CA ILE A 63 -7.20 -3.37 8.31
C ILE A 63 -6.35 -4.56 7.85
N ARG A 64 -7.02 -5.66 7.57
CA ARG A 64 -6.35 -6.89 7.14
C ARG A 64 -7.34 -7.78 6.38
N PRO A 65 -7.04 -8.11 5.11
CA PRO A 65 -7.94 -8.88 4.24
C PRO A 65 -8.46 -10.17 4.89
N LYS A 66 -9.78 -10.25 5.06
CA LYS A 66 -10.41 -11.45 5.60
C LYS A 66 -10.52 -12.52 4.52
N SER A 67 -10.55 -12.08 3.26
CA SER A 67 -10.69 -12.97 2.13
C SER A 67 -9.34 -13.59 1.78
N LEU A 68 -8.97 -14.65 2.51
CA LEU A 68 -7.71 -15.34 2.28
C LEU A 68 -7.96 -16.83 2.03
N ARG A 69 -9.17 -17.17 1.64
CA ARG A 69 -9.55 -18.56 1.39
C ARG A 69 -10.33 -18.67 0.08
N ASP A 70 -10.50 -19.90 -0.41
CA ASP A 70 -11.22 -20.15 -1.66
C ASP A 70 -12.61 -19.52 -1.63
N LYS A 71 -13.15 -19.25 -2.81
CA LYS A 71 -14.45 -18.59 -2.92
C LYS A 71 -15.29 -19.28 -4.01
N LEU A 72 -15.49 -20.58 -3.83
CA LEU A 72 -16.17 -21.40 -4.82
C LEU A 72 -17.68 -21.37 -4.54
N ALA A 73 -18.20 -20.16 -4.48
CA ALA A 73 -19.63 -19.92 -4.30
C ALA A 73 -20.22 -19.22 -5.51
N THR A 74 -21.38 -19.69 -5.96
CA THR A 74 -22.05 -19.13 -7.12
C THR A 74 -23.30 -18.33 -6.70
N GLY A 75 -23.24 -17.02 -6.83
CA GLY A 75 -24.35 -16.17 -6.47
C GLY A 75 -24.97 -15.49 -7.67
N ARG A 76 -25.70 -16.26 -8.49
CA ARG A 76 -26.33 -15.76 -9.69
C ARG A 76 -27.75 -16.29 -9.77
N GLY A 77 -28.65 -15.51 -10.34
CA GLY A 77 -30.02 -15.91 -10.53
C GLY A 77 -30.59 -15.37 -11.82
N PHE A 78 -31.82 -15.76 -12.12
CA PHE A 78 -32.49 -15.30 -13.33
C PHE A 78 -33.58 -14.27 -12.97
N ASP A 79 -34.31 -13.80 -13.98
CA ASP A 79 -35.42 -12.89 -13.77
C ASP A 79 -36.48 -13.13 -14.84
N GLN A 80 -37.58 -13.74 -14.43
CA GLN A 80 -38.65 -14.12 -15.35
C GLN A 80 -39.48 -12.88 -15.72
N GLY A 1 -7.22 16.59 20.97
CA GLY A 1 -7.60 17.95 21.42
C GLY A 1 -7.85 18.89 20.26
N PRO A 2 -6.87 19.76 19.91
CA PRO A 2 -7.03 20.73 18.83
C PRO A 2 -7.11 20.05 17.46
N GLY A 3 -7.98 20.56 16.59
CA GLY A 3 -8.13 20.02 15.25
C GLY A 3 -8.12 21.12 14.21
N SER A 4 -7.15 22.01 14.33
CA SER A 4 -7.02 23.16 13.44
C SER A 4 -6.54 22.75 12.04
N MET A 5 -6.44 23.74 11.16
CA MET A 5 -5.98 23.52 9.78
C MET A 5 -4.62 22.83 9.75
N SER A 6 -3.69 23.30 10.57
CA SER A 6 -2.37 22.72 10.67
C SER A 6 -1.91 22.66 12.13
N ILE A 7 -1.73 21.45 12.66
CA ILE A 7 -1.28 21.27 14.04
C ILE A 7 0.23 21.08 14.09
N ASN A 8 0.69 19.90 13.67
CA ASN A 8 2.11 19.57 13.70
C ASN A 8 2.74 19.84 12.32
N PRO A 9 3.98 20.39 12.30
CA PRO A 9 4.72 20.62 11.05
C PRO A 9 4.79 19.34 10.20
N PHE A 10 4.26 19.43 8.97
CA PHE A 10 4.15 18.28 8.10
C PHE A 10 5.50 17.59 7.89
N ASP A 11 5.45 16.29 7.67
CA ASP A 11 6.62 15.46 7.47
C ASP A 11 6.28 14.35 6.48
N ASP A 12 7.26 13.51 6.13
CA ASP A 12 7.05 12.44 5.14
C ASP A 12 6.67 13.04 3.79
N ASP A 13 7.21 14.24 3.52
CA ASP A 13 6.92 14.97 2.27
C ASP A 13 7.17 14.11 1.03
N ASN A 14 8.29 13.39 1.04
CA ASN A 14 8.69 12.54 -0.09
C ASN A 14 8.27 11.09 0.16
N GLY A 15 7.38 10.90 1.13
CA GLY A 15 6.91 9.57 1.49
C GLY A 15 5.74 9.15 0.62
N SER A 16 5.94 8.10 -0.16
CA SER A 16 4.89 7.56 -1.01
C SER A 16 4.01 6.58 -0.22
N PHE A 17 2.99 6.01 -0.86
CA PHE A 17 2.21 4.97 -0.19
C PHE A 17 3.07 3.72 -0.01
N PHE A 18 3.53 3.55 1.22
CA PHE A 18 4.15 2.32 1.66
C PHE A 18 3.58 2.03 3.05
N VAL A 19 3.13 0.80 3.27
CA VAL A 19 2.34 0.50 4.44
C VAL A 19 2.60 -0.92 4.94
N LEU A 20 2.70 -1.05 6.27
CA LEU A 20 3.01 -2.31 6.94
C LEU A 20 1.83 -2.74 7.81
N VAL A 21 1.42 -3.99 7.67
CA VAL A 21 0.36 -4.56 8.49
C VAL A 21 0.85 -5.81 9.21
N ASN A 22 0.71 -5.84 10.52
CA ASN A 22 1.10 -6.99 11.32
C ASN A 22 -0.06 -7.99 11.34
N ASP A 23 0.27 -9.27 11.45
CA ASP A 23 -0.75 -10.33 11.54
C ASP A 23 -1.67 -10.06 12.73
N GLU A 24 -1.14 -9.35 13.72
CA GLU A 24 -1.87 -9.01 14.94
C GLU A 24 -2.79 -7.80 14.72
N GLU A 25 -3.04 -7.47 13.44
CA GLU A 25 -3.97 -6.40 13.05
C GLU A 25 -3.40 -5.00 13.31
N GLN A 26 -2.08 -4.90 13.47
CA GLN A 26 -1.42 -3.60 13.60
C GLN A 26 -1.31 -2.95 12.22
N HIS A 27 -1.74 -1.70 12.10
CA HIS A 27 -1.78 -1.01 10.81
C HIS A 27 -0.97 0.29 10.87
N SER A 28 0.19 0.31 10.21
CA SER A 28 1.06 1.49 10.20
C SER A 28 1.94 1.50 8.95
N LEU A 29 3.00 2.30 8.96
CA LEU A 29 3.96 2.32 7.85
C LEU A 29 5.28 1.70 8.31
N TRP A 30 6.11 1.27 7.37
CA TRP A 30 7.35 0.58 7.70
C TRP A 30 8.56 1.43 7.30
N PRO A 31 9.67 1.32 8.05
CA PRO A 31 10.92 1.99 7.71
C PRO A 31 11.51 1.41 6.43
N ALA A 32 11.20 2.05 5.30
CA ALA A 32 11.67 1.59 3.99
C ALA A 32 13.20 1.50 3.93
N PHE A 33 13.85 2.17 4.87
CA PHE A 33 15.31 2.23 4.92
C PHE A 33 15.87 1.02 5.65
N ALA A 34 14.98 0.11 6.08
CA ALA A 34 15.36 -1.06 6.85
C ALA A 34 14.65 -2.31 6.31
N ASP A 35 14.97 -3.46 6.90
CA ASP A 35 14.34 -4.73 6.52
C ASP A 35 13.16 -5.02 7.43
N VAL A 36 12.08 -5.54 6.86
CA VAL A 36 10.87 -5.86 7.62
C VAL A 36 11.13 -7.11 8.50
N PRO A 37 10.90 -6.99 9.82
CA PRO A 37 11.08 -8.11 10.76
C PRO A 37 10.02 -9.20 10.59
N ALA A 38 10.01 -10.15 11.52
CA ALA A 38 9.07 -11.27 11.47
C ALA A 38 7.71 -10.87 12.04
N GLY A 39 6.65 -11.44 11.48
CA GLY A 39 5.30 -11.17 11.95
C GLY A 39 4.63 -10.05 11.18
N TRP A 40 5.43 -9.09 10.73
CA TRP A 40 4.93 -7.95 9.98
C TRP A 40 4.87 -8.31 8.50
N ARG A 41 3.78 -7.94 7.83
CA ARG A 41 3.63 -8.15 6.40
C ARG A 41 3.42 -6.80 5.70
N VAL A 42 4.23 -6.50 4.69
CA VAL A 42 4.10 -5.24 3.97
C VAL A 42 3.07 -5.38 2.85
N VAL A 43 2.16 -4.40 2.75
CA VAL A 43 1.14 -4.41 1.70
C VAL A 43 1.67 -3.70 0.46
N HIS A 44 2.43 -2.63 0.68
CA HIS A 44 3.02 -1.84 -0.40
C HIS A 44 4.35 -1.25 0.06
N GLY A 45 5.37 -1.39 -0.79
CA GLY A 45 6.66 -0.79 -0.51
C GLY A 45 6.75 0.61 -1.09
N GLU A 46 7.93 1.22 -0.99
CA GLU A 46 8.14 2.58 -1.50
C GLU A 46 7.75 2.65 -2.98
N ALA A 47 7.00 3.68 -3.36
CA ALA A 47 6.35 3.74 -4.67
C ALA A 47 6.43 5.14 -5.30
N ASP A 48 5.81 5.26 -6.47
CA ASP A 48 5.80 6.49 -7.27
C ASP A 48 5.23 7.69 -6.50
N ARG A 49 5.46 8.89 -7.05
CA ARG A 49 4.86 10.09 -6.47
C ARG A 49 3.34 9.99 -6.51
N ALA A 50 2.83 9.25 -7.50
CA ALA A 50 1.39 8.97 -7.59
C ALA A 50 0.93 8.29 -6.32
N ALA A 51 1.70 7.27 -5.91
CA ALA A 51 1.44 6.55 -4.67
C ALA A 51 1.62 7.45 -3.46
N CYS A 52 2.52 8.41 -3.57
CA CYS A 52 2.64 9.46 -2.56
C CYS A 52 1.30 10.21 -2.43
N LEU A 53 0.75 10.62 -3.58
CA LEU A 53 -0.51 11.33 -3.63
C LEU A 53 -1.66 10.42 -3.19
N GLU A 54 -1.49 9.12 -3.39
CA GLU A 54 -2.51 8.14 -3.02
C GLU A 54 -2.52 7.88 -1.51
N TYR A 55 -1.35 7.87 -0.87
CA TYR A 55 -1.29 7.66 0.58
C TYR A 55 -2.02 8.78 1.32
N ILE A 56 -1.74 10.03 0.94
CA ILE A 56 -2.38 11.17 1.59
C ILE A 56 -3.91 11.16 1.35
N GLU A 57 -4.31 10.84 0.13
CA GLU A 57 -5.73 10.82 -0.24
C GLU A 57 -6.43 9.61 0.38
N GLU A 58 -5.72 8.49 0.49
CA GLU A 58 -6.29 7.27 1.08
C GLU A 58 -6.61 7.53 2.55
N HIS A 59 -5.89 8.49 3.12
CA HIS A 59 -6.11 8.93 4.50
C HIS A 59 -5.84 7.79 5.48
N TRP A 60 -4.79 7.02 5.21
CA TRP A 60 -4.39 5.94 6.12
C TRP A 60 -4.07 6.54 7.50
N PRO A 61 -4.65 5.97 8.57
CA PRO A 61 -4.50 6.50 9.93
C PRO A 61 -3.04 6.60 10.37
N ASP A 62 -2.43 7.76 10.15
CA ASP A 62 -1.10 8.06 10.66
C ASP A 62 -1.24 8.60 12.09
N ILE A 63 -0.53 7.98 13.03
CA ILE A 63 -0.69 8.31 14.45
C ILE A 63 0.06 9.61 14.82
N ARG A 64 0.66 10.26 13.83
CA ARG A 64 1.27 11.57 14.04
C ARG A 64 0.25 12.67 13.73
N PRO A 65 0.24 13.78 14.51
CA PRO A 65 -0.65 14.93 14.25
C PRO A 65 -0.26 15.71 12.98
N LYS A 66 0.23 14.98 11.97
CA LYS A 66 0.66 15.54 10.71
C LYS A 66 -0.56 15.94 9.87
N SER A 67 -0.87 17.23 9.89
CA SER A 67 -2.01 17.75 9.14
C SER A 67 -1.72 17.72 7.65
N LEU A 68 -2.75 17.45 6.84
CA LEU A 68 -2.61 17.40 5.39
C LEU A 68 -2.22 18.79 4.86
N ARG A 69 -3.21 19.68 4.84
CA ARG A 69 -3.01 21.08 4.45
C ARG A 69 -4.35 21.79 4.46
N ASP A 70 -5.24 21.38 3.57
CA ASP A 70 -6.60 21.90 3.53
C ASP A 70 -7.51 21.03 4.38
N LYS A 71 -7.66 21.42 5.64
CA LYS A 71 -8.51 20.69 6.57
C LYS A 71 -9.98 20.81 6.12
N LEU A 72 -10.38 22.04 5.80
CA LEU A 72 -11.74 22.32 5.35
C LEU A 72 -11.78 22.29 3.82
N ALA A 73 -11.17 21.26 3.25
CA ALA A 73 -11.12 21.09 1.80
C ALA A 73 -12.51 20.80 1.24
N THR A 74 -13.18 21.87 0.81
CA THR A 74 -14.50 21.76 0.20
C THR A 74 -14.39 21.26 -1.24
N GLY A 75 -13.65 22.00 -2.05
CA GLY A 75 -13.50 21.67 -3.47
C GLY A 75 -14.43 22.51 -4.33
N ARG A 76 -14.55 22.14 -5.60
CA ARG A 76 -15.43 22.85 -6.53
C ARG A 76 -16.55 21.94 -7.02
N GLY A 77 -16.94 20.98 -6.20
CA GLY A 77 -17.98 20.05 -6.57
C GLY A 77 -17.59 19.20 -7.76
N PHE A 78 -16.38 18.67 -7.72
CA PHE A 78 -15.86 17.86 -8.83
C PHE A 78 -16.44 16.45 -8.76
N ASP A 79 -16.71 15.88 -9.93
CA ASP A 79 -17.26 14.53 -10.05
C ASP A 79 -16.16 13.56 -10.44
N GLN A 80 -15.61 13.77 -11.62
CA GLN A 80 -14.52 12.95 -12.14
C GLN A 80 -13.58 13.83 -12.98
N GLY A 1 -1.35 -11.04 -4.96
CA GLY A 1 -0.74 -10.28 -6.08
C GLY A 1 -1.39 -10.60 -7.41
N PRO A 2 -0.89 -11.62 -8.14
CA PRO A 2 -1.47 -12.06 -9.41
C PRO A 2 -2.88 -12.63 -9.20
N GLY A 3 -3.87 -11.76 -9.25
CA GLY A 3 -5.25 -12.18 -9.06
C GLY A 3 -6.09 -11.10 -8.42
N SER A 4 -6.76 -10.30 -9.26
CA SER A 4 -7.69 -9.30 -8.77
C SER A 4 -8.91 -10.01 -8.18
N MET A 5 -8.96 -10.06 -6.84
CA MET A 5 -10.00 -10.80 -6.11
C MET A 5 -11.37 -10.15 -6.27
N SER A 6 -11.42 -8.97 -6.87
CA SER A 6 -12.67 -8.27 -7.11
C SER A 6 -12.59 -7.49 -8.43
N ILE A 7 -13.75 -7.29 -9.06
CA ILE A 7 -13.81 -6.59 -10.34
C ILE A 7 -13.94 -5.08 -10.09
N ASN A 8 -12.81 -4.43 -9.84
CA ASN A 8 -12.79 -3.00 -9.52
C ASN A 8 -12.23 -2.20 -10.69
N PRO A 9 -12.91 -1.09 -11.07
CA PRO A 9 -12.44 -0.18 -12.11
C PRO A 9 -11.49 0.87 -11.54
N PHE A 10 -10.19 0.60 -11.63
CA PHE A 10 -9.16 1.43 -11.01
C PHE A 10 -9.43 1.58 -9.51
N ASP A 11 -8.89 0.63 -8.75
CA ASP A 11 -9.08 0.55 -7.30
C ASP A 11 -8.31 -0.66 -6.80
N ASP A 12 -7.08 -0.42 -6.34
CA ASP A 12 -6.16 -1.51 -6.00
C ASP A 12 -6.46 -2.11 -4.62
N ASP A 13 -6.52 -3.43 -4.59
CA ASP A 13 -6.79 -4.20 -3.37
C ASP A 13 -5.87 -3.79 -2.22
N ASN A 14 -4.58 -3.70 -2.51
CA ASN A 14 -3.57 -3.36 -1.50
C ASN A 14 -3.22 -1.86 -1.54
N GLY A 15 -4.02 -1.06 -2.25
CA GLY A 15 -3.79 0.38 -2.30
C GLY A 15 -2.82 0.80 -3.40
N SER A 16 -2.49 2.10 -3.43
CA SER A 16 -1.61 2.67 -4.45
C SER A 16 -0.15 2.72 -3.98
N PHE A 17 0.10 3.39 -2.85
CA PHE A 17 1.41 3.39 -2.19
C PHE A 17 1.78 2.00 -1.64
N PHE A 18 2.70 1.98 -0.68
CA PHE A 18 3.28 0.77 -0.15
C PHE A 18 3.08 0.74 1.35
N VAL A 19 2.67 -0.42 1.87
CA VAL A 19 2.18 -0.49 3.24
C VAL A 19 2.63 -1.77 3.93
N LEU A 20 3.20 -1.61 5.12
CA LEU A 20 3.56 -2.72 6.00
C LEU A 20 2.48 -2.86 7.07
N VAL A 21 1.93 -4.05 7.21
CA VAL A 21 0.95 -4.33 8.25
C VAL A 21 1.57 -5.27 9.30
N ASN A 22 1.52 -4.84 10.55
CA ASN A 22 2.09 -5.59 11.66
C ASN A 22 1.04 -6.47 12.31
N ASP A 23 1.48 -7.62 12.83
CA ASP A 23 0.61 -8.53 13.61
C ASP A 23 0.00 -7.77 14.79
N GLU A 24 0.63 -6.66 15.15
CA GLU A 24 0.20 -5.80 16.26
C GLU A 24 -1.04 -4.99 15.88
N GLU A 25 -1.57 -5.23 14.68
CA GLU A 25 -2.69 -4.46 14.15
C GLU A 25 -2.30 -2.99 13.96
N GLN A 26 -1.25 -2.78 13.18
CA GLN A 26 -0.73 -1.45 12.89
C GLN A 26 -0.38 -1.37 11.41
N HIS A 27 -0.80 -0.30 10.73
CA HIS A 27 -0.54 -0.14 9.31
C HIS A 27 0.32 1.10 9.06
N SER A 28 1.58 0.88 8.68
CA SER A 28 2.53 1.95 8.50
C SER A 28 3.48 1.61 7.36
N LEU A 29 4.56 2.36 7.22
CA LEU A 29 5.58 2.09 6.21
C LEU A 29 6.84 1.53 6.86
N TRP A 30 7.66 0.84 6.08
CA TRP A 30 8.86 0.18 6.59
C TRP A 30 10.12 0.86 6.06
N PRO A 31 11.25 0.78 6.80
CA PRO A 31 12.53 1.30 6.32
C PRO A 31 13.02 0.55 5.09
N ALA A 32 12.86 1.17 3.92
CA ALA A 32 13.12 0.50 2.63
C ALA A 32 14.56 0.03 2.45
N PHE A 33 15.44 0.39 3.39
CA PHE A 33 16.85 -0.01 3.32
C PHE A 33 17.16 -1.09 4.35
N ALA A 34 16.13 -1.63 4.98
CA ALA A 34 16.28 -2.66 6.00
C ALA A 34 15.48 -3.90 5.65
N ASP A 35 15.69 -4.99 6.38
CA ASP A 35 14.92 -6.23 6.18
C ASP A 35 13.70 -6.24 7.07
N VAL A 36 12.58 -6.71 6.55
CA VAL A 36 11.35 -6.81 7.32
C VAL A 36 11.42 -7.99 8.30
N PRO A 37 11.28 -7.71 9.61
CA PRO A 37 11.23 -8.77 10.64
C PRO A 37 10.04 -9.71 10.43
N ALA A 38 10.26 -11.01 10.58
CA ALA A 38 9.21 -12.00 10.37
C ALA A 38 8.04 -11.74 11.33
N GLY A 39 6.83 -11.81 10.80
CA GLY A 39 5.64 -11.48 11.56
C GLY A 39 4.97 -10.25 11.01
N TRP A 40 5.77 -9.31 10.53
CA TRP A 40 5.26 -8.14 9.84
C TRP A 40 5.22 -8.45 8.33
N ARG A 41 4.22 -7.96 7.62
CA ARG A 41 4.05 -8.30 6.22
C ARG A 41 3.60 -7.10 5.38
N VAL A 42 4.25 -6.91 4.24
CA VAL A 42 3.94 -5.80 3.34
C VAL A 42 2.79 -6.18 2.41
N VAL A 43 1.70 -5.41 2.46
CA VAL A 43 0.53 -5.68 1.61
C VAL A 43 0.74 -5.15 0.20
N HIS A 44 1.40 -3.99 0.09
CA HIS A 44 1.73 -3.40 -1.20
C HIS A 44 3.18 -2.92 -1.18
N GLY A 45 3.93 -3.33 -2.22
CA GLY A 45 5.34 -3.01 -2.31
C GLY A 45 5.62 -1.55 -2.63
N GLU A 46 6.88 -1.18 -2.46
CA GLU A 46 7.34 0.22 -2.55
C GLU A 46 6.86 0.92 -3.82
N ALA A 47 6.24 2.09 -3.64
CA ALA A 47 5.65 2.86 -4.74
C ALA A 47 6.05 4.33 -4.65
N ASP A 48 5.56 5.14 -5.57
CA ASP A 48 5.95 6.55 -5.68
C ASP A 48 5.24 7.45 -4.66
N ARG A 49 5.78 8.65 -4.49
CA ARG A 49 5.16 9.69 -3.67
C ARG A 49 3.71 9.89 -4.11
N ALA A 50 3.48 9.83 -5.42
CA ALA A 50 2.14 9.92 -5.98
C ALA A 50 1.25 8.82 -5.41
N ALA A 51 1.77 7.59 -5.42
CA ALA A 51 1.06 6.44 -4.88
C ALA A 51 0.74 6.63 -3.38
N CYS A 52 1.64 7.37 -2.71
CA CYS A 52 1.42 7.79 -1.33
C CYS A 52 0.33 8.86 -1.24
N LEU A 53 0.34 9.79 -2.20
CA LEU A 53 -0.67 10.85 -2.26
C LEU A 53 -2.02 10.24 -2.61
N GLU A 54 -1.99 9.12 -3.30
CA GLU A 54 -3.18 8.37 -3.62
C GLU A 54 -3.66 7.59 -2.39
N TYR A 55 -2.72 7.05 -1.60
CA TYR A 55 -3.07 6.44 -0.30
C TYR A 55 -4.02 7.31 0.52
N ILE A 56 -3.61 8.54 0.81
CA ILE A 56 -4.40 9.45 1.65
C ILE A 56 -5.76 9.73 1.00
N GLU A 57 -5.74 9.84 -0.32
CA GLU A 57 -6.93 10.10 -1.11
C GLU A 57 -7.90 8.92 -1.00
N GLU A 58 -7.36 7.70 -1.09
CA GLU A 58 -8.14 6.48 -0.96
C GLU A 58 -8.52 6.25 0.49
N HIS A 59 -7.69 6.77 1.39
CA HIS A 59 -7.86 6.59 2.82
C HIS A 59 -7.88 5.10 3.18
N TRP A 60 -6.80 4.41 2.81
CA TRP A 60 -6.65 2.99 3.09
C TRP A 60 -6.64 2.75 4.61
N PRO A 61 -7.64 2.03 5.14
CA PRO A 61 -7.78 1.79 6.57
C PRO A 61 -6.93 0.61 7.05
N ASP A 62 -7.35 -0.02 8.14
CA ASP A 62 -6.66 -1.19 8.68
C ASP A 62 -7.33 -2.48 8.23
N ILE A 63 -8.42 -2.35 7.48
CA ILE A 63 -9.20 -3.49 7.01
C ILE A 63 -9.01 -3.68 5.51
N ARG A 64 -8.93 -4.95 5.09
CA ARG A 64 -8.79 -5.31 3.69
C ARG A 64 -9.86 -6.33 3.30
N PRO A 65 -10.37 -6.30 2.04
CA PRO A 65 -11.26 -7.34 1.52
C PRO A 65 -10.73 -8.76 1.82
N LYS A 66 -11.65 -9.65 2.17
CA LYS A 66 -11.30 -11.00 2.60
C LYS A 66 -11.08 -11.93 1.41
N SER A 67 -9.83 -12.34 1.20
CA SER A 67 -9.48 -13.31 0.17
C SER A 67 -10.19 -14.64 0.43
N LEU A 68 -10.55 -15.35 -0.65
CA LEU A 68 -11.26 -16.62 -0.53
C LEU A 68 -11.37 -17.29 -1.90
N ARG A 69 -12.02 -16.61 -2.84
CA ARG A 69 -12.25 -17.15 -4.17
C ARG A 69 -11.12 -16.75 -5.13
N ASP A 70 -10.60 -17.72 -5.87
CA ASP A 70 -9.51 -17.49 -6.80
C ASP A 70 -10.00 -16.74 -8.04
N LYS A 71 -10.10 -15.42 -7.90
CA LYS A 71 -10.49 -14.56 -9.01
C LYS A 71 -9.23 -14.03 -9.70
N LEU A 72 -9.41 -13.37 -10.84
CA LEU A 72 -8.29 -12.90 -11.63
C LEU A 72 -8.82 -11.96 -12.72
N ALA A 73 -9.61 -10.98 -12.28
CA ALA A 73 -10.11 -9.92 -13.16
C ALA A 73 -10.89 -10.49 -14.36
N THR A 74 -11.54 -11.63 -14.15
CA THR A 74 -12.28 -12.31 -15.21
C THR A 74 -13.33 -11.39 -15.86
N GLY A 75 -13.91 -10.51 -15.06
CA GLY A 75 -14.96 -9.63 -15.55
C GLY A 75 -14.43 -8.43 -16.32
N ARG A 76 -13.13 -8.40 -16.58
CA ARG A 76 -12.53 -7.30 -17.35
C ARG A 76 -12.69 -7.57 -18.85
N GLY A 77 -13.61 -6.84 -19.46
CA GLY A 77 -13.81 -6.91 -20.90
C GLY A 77 -13.96 -5.53 -21.49
N PHE A 78 -15.14 -4.95 -21.30
CA PHE A 78 -15.38 -3.55 -21.61
C PHE A 78 -16.26 -2.94 -20.53
N ASP A 79 -15.91 -1.73 -20.15
CA ASP A 79 -16.57 -1.04 -19.03
C ASP A 79 -16.67 0.45 -19.34
N GLN A 80 -17.89 0.87 -19.66
CA GLN A 80 -18.18 2.27 -19.95
C GLN A 80 -18.76 2.96 -18.72
N GLY A 1 -14.18 -15.00 -0.59
CA GLY A 1 -13.15 -14.05 -1.08
C GLY A 1 -12.13 -14.72 -1.99
N PRO A 2 -12.44 -14.84 -3.30
CA PRO A 2 -11.52 -15.43 -4.28
C PRO A 2 -10.46 -14.43 -4.73
N GLY A 3 -9.24 -14.91 -4.92
CA GLY A 3 -8.16 -14.04 -5.37
C GLY A 3 -8.28 -13.70 -6.84
N SER A 4 -9.09 -12.69 -7.14
CA SER A 4 -9.30 -12.26 -8.52
C SER A 4 -8.09 -11.48 -9.04
N MET A 5 -8.12 -11.13 -10.32
CA MET A 5 -7.07 -10.32 -10.92
C MET A 5 -7.21 -8.85 -10.55
N SER A 6 -8.30 -8.24 -11.00
CA SER A 6 -8.54 -6.83 -10.77
C SER A 6 -9.24 -6.61 -9.44
N ILE A 7 -8.76 -5.61 -8.70
CA ILE A 7 -9.44 -5.14 -7.49
C ILE A 7 -10.19 -3.86 -7.83
N ASN A 8 -11.45 -3.77 -7.39
CA ASN A 8 -12.32 -2.65 -7.73
C ASN A 8 -12.71 -2.73 -9.22
N PRO A 9 -13.81 -2.05 -9.62
CA PRO A 9 -14.24 -2.03 -11.04
C PRO A 9 -13.17 -1.43 -11.96
N PHE A 10 -12.24 -0.68 -11.36
CA PHE A 10 -11.17 -0.04 -12.10
C PHE A 10 -9.83 -0.66 -11.72
N ASP A 11 -9.21 -1.39 -12.64
CA ASP A 11 -7.88 -1.94 -12.43
C ASP A 11 -6.86 -0.81 -12.51
N ASP A 12 -6.76 -0.03 -11.44
CA ASP A 12 -5.92 1.16 -11.42
C ASP A 12 -5.17 1.25 -10.09
N ASP A 13 -4.94 0.06 -9.50
CA ASP A 13 -4.25 -0.10 -8.21
C ASP A 13 -2.84 0.50 -8.24
N ASN A 14 -2.34 0.67 -9.45
CA ASN A 14 -0.97 1.11 -9.68
C ASN A 14 -0.73 2.58 -9.26
N GLY A 15 -1.64 3.15 -8.48
CA GLY A 15 -1.45 4.51 -7.98
C GLY A 15 -1.06 4.53 -6.51
N SER A 16 -1.16 3.39 -5.86
CA SER A 16 -0.93 3.30 -4.41
C SER A 16 0.56 3.41 -4.04
N PHE A 17 0.84 4.12 -2.94
CA PHE A 17 2.13 3.97 -2.23
C PHE A 17 2.21 2.59 -1.59
N PHE A 18 3.05 2.45 -0.59
CA PHE A 18 3.43 1.16 -0.06
C PHE A 18 3.10 1.09 1.41
N VAL A 19 2.52 -0.03 1.80
CA VAL A 19 1.92 -0.18 3.11
C VAL A 19 2.31 -1.51 3.73
N LEU A 20 2.74 -1.46 4.97
CA LEU A 20 3.16 -2.66 5.69
C LEU A 20 2.32 -2.86 6.95
N VAL A 21 2.06 -4.11 7.28
CA VAL A 21 1.46 -4.46 8.55
C VAL A 21 2.38 -5.42 9.29
N ASN A 22 2.74 -5.08 10.52
CA ASN A 22 3.64 -5.90 11.33
C ASN A 22 2.84 -7.02 12.00
N ASP A 23 3.54 -8.05 12.48
CA ASP A 23 2.89 -9.18 13.16
C ASP A 23 2.07 -8.70 14.35
N GLU A 24 2.53 -7.61 14.98
CA GLU A 24 1.80 -6.99 16.09
C GLU A 24 0.64 -6.13 15.56
N GLU A 25 0.28 -6.36 14.30
CA GLU A 25 -0.89 -5.76 13.66
C GLU A 25 -0.73 -4.24 13.52
N GLN A 26 0.53 -3.80 13.49
CA GLN A 26 0.85 -2.38 13.31
C GLN A 26 0.73 -2.01 11.84
N HIS A 27 -0.13 -1.04 11.54
CA HIS A 27 -0.30 -0.57 10.17
C HIS A 27 0.50 0.73 9.95
N SER A 28 1.47 0.67 9.06
CA SER A 28 2.34 1.82 8.78
C SER A 28 3.13 1.57 7.49
N LEU A 29 4.18 2.36 7.27
CA LEU A 29 5.05 2.16 6.11
C LEU A 29 6.40 1.60 6.56
N TRP A 30 7.25 1.25 5.61
CA TRP A 30 8.53 0.61 5.91
C TRP A 30 9.67 1.26 5.10
N PRO A 31 10.90 1.27 5.67
CA PRO A 31 12.08 1.80 4.96
C PRO A 31 12.54 0.84 3.86
N ALA A 32 12.33 1.24 2.61
CA ALA A 32 12.64 0.39 1.45
C ALA A 32 14.15 0.27 1.21
N PHE A 33 14.93 1.12 1.87
CA PHE A 33 16.38 1.15 1.70
C PHE A 33 17.08 0.49 2.88
N ALA A 34 16.31 -0.25 3.69
CA ALA A 34 16.85 -0.95 4.85
C ALA A 34 16.21 -2.32 4.98
N ASP A 35 16.62 -3.07 6.01
CA ASP A 35 16.07 -4.41 6.25
C ASP A 35 14.71 -4.30 6.93
N VAL A 36 13.69 -4.83 6.26
CA VAL A 36 12.36 -4.93 6.82
C VAL A 36 12.17 -6.34 7.41
N PRO A 37 12.10 -6.46 8.75
CA PRO A 37 12.19 -7.75 9.45
C PRO A 37 11.03 -8.71 9.14
N ALA A 38 11.34 -9.75 8.38
CA ALA A 38 10.35 -10.75 7.93
C ALA A 38 9.41 -11.18 9.06
N GLY A 39 8.21 -11.60 8.69
CA GLY A 39 7.17 -11.92 9.66
C GLY A 39 5.99 -10.97 9.57
N TRP A 40 6.17 -9.93 8.77
CA TRP A 40 5.11 -8.94 8.50
C TRP A 40 4.25 -9.38 7.33
N ARG A 41 3.29 -8.53 6.97
CA ARG A 41 2.50 -8.72 5.77
C ARG A 41 2.52 -7.41 4.97
N VAL A 42 2.92 -7.48 3.70
CA VAL A 42 3.01 -6.29 2.87
C VAL A 42 1.71 -6.03 2.12
N VAL A 43 1.06 -4.91 2.41
CA VAL A 43 -0.18 -4.54 1.75
C VAL A 43 0.10 -4.01 0.35
N HIS A 44 1.21 -3.30 0.22
CA HIS A 44 1.64 -2.73 -1.07
C HIS A 44 3.14 -2.50 -1.05
N GLY A 45 3.82 -2.94 -2.11
CA GLY A 45 5.25 -2.77 -2.25
C GLY A 45 5.64 -1.33 -2.52
N GLU A 46 6.93 -1.02 -2.40
CA GLU A 46 7.42 0.36 -2.43
C GLU A 46 7.00 1.15 -3.67
N ALA A 47 6.79 2.45 -3.48
CA ALA A 47 6.37 3.37 -4.52
C ALA A 47 6.94 4.75 -4.23
N ASP A 48 6.63 5.73 -5.08
CA ASP A 48 7.17 7.09 -4.93
C ASP A 48 6.23 7.97 -4.10
N ARG A 49 6.70 9.18 -3.77
CA ARG A 49 5.90 10.12 -2.99
C ARG A 49 4.59 10.39 -3.71
N ALA A 50 4.62 10.38 -5.04
CA ALA A 50 3.41 10.53 -5.83
C ALA A 50 2.36 9.52 -5.35
N ALA A 51 2.77 8.26 -5.30
CA ALA A 51 1.91 7.17 -4.84
C ALA A 51 1.52 7.34 -3.37
N CYS A 52 2.44 7.94 -2.61
CA CYS A 52 2.22 8.27 -1.20
C CYS A 52 1.14 9.34 -1.08
N LEU A 53 1.12 10.26 -2.03
CA LEU A 53 0.08 11.27 -2.09
C LEU A 53 -1.22 10.64 -2.54
N GLU A 54 -1.14 9.79 -3.56
CA GLU A 54 -2.33 9.13 -4.12
C GLU A 54 -2.99 8.22 -3.08
N TYR A 55 -2.22 7.75 -2.10
CA TYR A 55 -2.80 6.99 -0.97
C TYR A 55 -4.06 7.68 -0.40
N ILE A 56 -4.14 9.01 -0.55
CA ILE A 56 -5.31 9.76 -0.09
C ILE A 56 -6.56 9.27 -0.83
N GLU A 57 -6.44 9.17 -2.14
CA GLU A 57 -7.51 8.73 -3.03
C GLU A 57 -7.72 7.22 -2.89
N GLU A 58 -6.61 6.52 -2.69
CA GLU A 58 -6.59 5.07 -2.70
C GLU A 58 -7.19 4.50 -1.41
N HIS A 59 -6.95 5.18 -0.29
CA HIS A 59 -7.43 4.76 1.03
C HIS A 59 -6.74 3.47 1.51
N TRP A 60 -7.29 2.31 1.13
CA TRP A 60 -6.80 1.01 1.60
C TRP A 60 -7.24 -0.10 0.66
N PRO A 61 -6.42 -0.44 -0.36
CA PRO A 61 -6.68 -1.56 -1.27
C PRO A 61 -6.30 -2.90 -0.64
N ASP A 62 -6.36 -3.96 -1.45
CA ASP A 62 -6.04 -5.31 -0.98
C ASP A 62 -4.54 -5.51 -0.75
N ILE A 63 -4.21 -6.61 -0.11
CA ILE A 63 -2.84 -6.86 0.39
C ILE A 63 -2.07 -7.82 -0.52
N ARG A 64 -0.89 -7.38 -0.99
CA ARG A 64 0.07 -8.24 -1.68
C ARG A 64 1.30 -7.40 -2.11
N PRO A 65 2.44 -8.05 -2.46
CA PRO A 65 3.69 -7.36 -2.84
C PRO A 65 3.55 -6.50 -4.11
N LYS A 66 4.69 -6.00 -4.60
CA LYS A 66 4.72 -5.07 -5.73
C LYS A 66 4.15 -5.71 -7.01
N SER A 67 2.84 -5.68 -7.14
CA SER A 67 2.15 -6.18 -8.32
C SER A 67 1.08 -5.18 -8.73
N LEU A 68 1.49 -3.91 -8.77
CA LEU A 68 0.60 -2.79 -9.03
C LEU A 68 -0.01 -2.84 -10.43
N ARG A 69 0.68 -3.49 -11.37
CA ARG A 69 0.20 -3.59 -12.75
C ARG A 69 -0.05 -5.05 -13.12
N ASP A 70 -1.33 -5.37 -13.33
CA ASP A 70 -1.76 -6.71 -13.75
C ASP A 70 -1.40 -7.80 -12.75
N LYS A 71 -2.41 -8.51 -12.26
CA LYS A 71 -2.19 -9.67 -11.40
C LYS A 71 -1.71 -10.85 -12.23
N LEU A 72 -0.53 -10.70 -12.82
CA LEU A 72 0.00 -11.68 -13.75
C LEU A 72 1.50 -11.42 -13.98
N ALA A 73 1.82 -10.17 -14.28
CA ALA A 73 3.19 -9.78 -14.62
C ALA A 73 3.61 -8.55 -13.81
N THR A 74 4.69 -7.91 -14.24
CA THR A 74 5.16 -6.69 -13.60
C THR A 74 5.72 -5.72 -14.66
N GLY A 75 6.65 -6.24 -15.47
CA GLY A 75 7.26 -5.45 -16.53
C GLY A 75 8.75 -5.70 -16.61
N ARG A 76 9.49 -4.72 -17.11
CA ARG A 76 10.94 -4.80 -17.21
C ARG A 76 11.54 -3.41 -17.12
N GLY A 77 12.80 -3.34 -16.71
CA GLY A 77 13.48 -2.07 -16.59
C GLY A 77 14.97 -2.23 -16.38
N PHE A 78 15.74 -1.99 -17.44
CA PHE A 78 17.20 -2.08 -17.38
C PHE A 78 17.78 -1.34 -18.58
N ASP A 79 19.12 -1.32 -18.68
CA ASP A 79 19.83 -0.64 -19.78
C ASP A 79 19.75 0.88 -19.60
N GLN A 80 19.40 1.28 -18.38
CA GLN A 80 19.28 2.68 -18.01
C GLN A 80 20.66 3.30 -17.82
N GLY A 1 2.60 -24.38 0.65
CA GLY A 1 2.76 -25.34 -0.47
C GLY A 1 3.67 -24.80 -1.56
N PRO A 2 3.45 -25.19 -2.83
CA PRO A 2 4.24 -24.68 -3.96
C PRO A 2 4.02 -23.19 -4.14
N GLY A 3 4.89 -22.38 -3.53
CA GLY A 3 4.78 -20.94 -3.63
C GLY A 3 4.98 -20.45 -5.06
N SER A 4 3.90 -19.94 -5.65
CA SER A 4 3.97 -19.39 -6.99
C SER A 4 4.85 -18.15 -7.02
N MET A 5 5.79 -18.09 -7.97
CA MET A 5 6.69 -16.95 -8.11
C MET A 5 5.88 -15.67 -8.25
N SER A 6 4.93 -15.69 -9.18
CA SER A 6 4.01 -14.59 -9.38
C SER A 6 2.84 -15.02 -10.25
N ILE A 7 1.68 -14.40 -10.02
CA ILE A 7 0.48 -14.63 -10.80
C ILE A 7 -0.27 -13.31 -10.95
N ASN A 8 -0.95 -13.14 -12.09
CA ASN A 8 -1.73 -11.93 -12.39
C ASN A 8 -0.79 -10.75 -12.75
N PRO A 9 -1.08 -10.03 -13.85
CA PRO A 9 -0.28 -8.89 -14.29
C PRO A 9 -0.32 -7.72 -13.29
N PHE A 10 0.66 -6.83 -13.40
CA PHE A 10 0.73 -5.66 -12.54
C PHE A 10 -0.40 -4.69 -12.90
N ASP A 11 -1.51 -4.79 -12.16
CA ASP A 11 -2.75 -4.08 -12.50
C ASP A 11 -3.05 -2.98 -11.50
N ASP A 12 -2.26 -1.91 -11.55
CA ASP A 12 -2.43 -0.74 -10.67
C ASP A 12 -2.46 -1.14 -9.20
N ASP A 13 -1.78 -2.23 -8.87
CA ASP A 13 -1.70 -2.71 -7.48
C ASP A 13 -1.11 -1.63 -6.58
N ASN A 14 -0.04 -1.00 -7.06
CA ASN A 14 0.63 0.09 -6.35
C ASN A 14 0.14 1.46 -6.86
N GLY A 15 -0.97 1.47 -7.59
CA GLY A 15 -1.46 2.70 -8.19
C GLY A 15 -1.65 3.83 -7.20
N SER A 16 -2.28 3.52 -6.08
CA SER A 16 -2.53 4.47 -5.00
C SER A 16 -2.31 3.76 -3.68
N PHE A 17 -1.09 3.25 -3.53
CA PHE A 17 -0.85 2.13 -2.60
C PHE A 17 0.62 1.94 -2.21
N PHE A 18 0.99 2.24 -0.98
CA PHE A 18 2.11 1.53 -0.34
C PHE A 18 1.88 1.52 1.17
N VAL A 19 1.99 0.36 1.82
CA VAL A 19 1.56 0.20 3.22
C VAL A 19 2.24 -0.98 3.91
N LEU A 20 2.68 -0.75 5.16
CA LEU A 20 3.25 -1.79 5.99
C LEU A 20 2.21 -2.26 7.01
N VAL A 21 1.90 -3.55 7.01
CA VAL A 21 1.02 -4.13 8.01
C VAL A 21 1.87 -4.78 9.11
N ASN A 22 1.60 -4.39 10.34
CA ASN A 22 2.38 -4.85 11.48
C ASN A 22 1.67 -6.02 12.17
N ASP A 23 2.44 -7.02 12.58
CA ASP A 23 1.90 -8.20 13.25
C ASP A 23 1.26 -7.82 14.58
N GLU A 24 1.57 -6.62 15.06
CA GLU A 24 1.02 -6.10 16.31
C GLU A 24 -0.34 -5.43 16.08
N GLU A 25 -1.05 -5.87 15.03
CA GLU A 25 -2.39 -5.39 14.70
C GLU A 25 -2.37 -3.94 14.20
N GLN A 26 -1.18 -3.40 14.02
CA GLN A 26 -1.03 -2.03 13.53
C GLN A 26 -0.94 -2.02 12.01
N HIS A 27 -1.34 -0.90 11.42
CA HIS A 27 -1.24 -0.69 9.98
C HIS A 27 -0.64 0.68 9.73
N SER A 28 0.59 0.71 9.25
CA SER A 28 1.35 1.95 9.17
C SER A 28 1.93 2.17 7.77
N LEU A 29 2.58 3.32 7.62
CA LEU A 29 3.23 3.72 6.38
C LEU A 29 4.73 3.72 6.61
N TRP A 30 5.42 2.72 6.05
CA TRP A 30 6.84 2.53 6.29
C TRP A 30 7.68 3.50 5.49
N PRO A 31 8.86 3.90 6.01
CA PRO A 31 9.78 4.77 5.28
C PRO A 31 10.37 4.05 4.06
N ALA A 32 9.87 4.40 2.87
CA ALA A 32 10.31 3.77 1.62
C ALA A 32 11.78 4.06 1.35
N PHE A 33 12.41 4.84 2.23
CA PHE A 33 13.82 5.19 2.11
C PHE A 33 14.70 4.17 2.83
N ALA A 34 14.07 3.16 3.44
CA ALA A 34 14.79 2.17 4.24
C ALA A 34 14.35 0.75 3.90
N ASP A 35 14.99 -0.23 4.56
CA ASP A 35 14.68 -1.64 4.37
C ASP A 35 13.72 -2.14 5.45
N VAL A 36 12.76 -2.98 5.05
CA VAL A 36 11.77 -3.54 5.96
C VAL A 36 12.24 -4.87 6.56
N PRO A 37 12.29 -4.97 7.90
CA PRO A 37 12.62 -6.23 8.58
C PRO A 37 11.53 -7.28 8.40
N ALA A 38 11.90 -8.55 8.49
CA ALA A 38 10.94 -9.64 8.34
C ALA A 38 10.09 -9.79 9.60
N GLY A 39 8.87 -10.29 9.43
CA GLY A 39 7.93 -10.37 10.52
C GLY A 39 6.81 -9.37 10.36
N TRP A 40 7.16 -8.20 9.82
CA TRP A 40 6.18 -7.18 9.46
C TRP A 40 5.85 -7.36 7.99
N ARG A 41 4.56 -7.43 7.65
CA ARG A 41 4.17 -7.79 6.29
C ARG A 41 3.82 -6.53 5.51
N VAL A 42 4.45 -6.34 4.37
CA VAL A 42 4.17 -5.18 3.53
C VAL A 42 3.07 -5.55 2.54
N VAL A 43 1.94 -4.86 2.61
CA VAL A 43 0.78 -5.23 1.78
C VAL A 43 0.92 -4.58 0.41
N HIS A 44 1.69 -3.51 0.36
CA HIS A 44 2.06 -2.86 -0.88
C HIS A 44 3.44 -2.24 -0.72
N GLY A 45 4.38 -2.75 -1.50
CA GLY A 45 5.76 -2.33 -1.39
C GLY A 45 5.96 -0.91 -1.86
N GLU A 46 7.23 -0.52 -1.96
CA GLU A 46 7.59 0.82 -2.37
C GLU A 46 6.93 1.20 -3.69
N ALA A 47 6.36 2.40 -3.73
CA ALA A 47 5.65 2.89 -4.90
C ALA A 47 6.00 4.36 -5.14
N ASP A 48 5.48 4.91 -6.23
CA ASP A 48 5.74 6.30 -6.61
C ASP A 48 5.17 7.27 -5.59
N ARG A 49 5.68 8.49 -5.59
CA ARG A 49 5.17 9.54 -4.72
C ARG A 49 3.69 9.75 -5.01
N ALA A 50 3.33 9.67 -6.28
CA ALA A 50 1.93 9.76 -6.69
C ALA A 50 1.12 8.61 -6.10
N ALA A 51 1.74 7.44 -6.02
CA ALA A 51 1.09 6.22 -5.53
C ALA A 51 0.79 6.30 -4.03
N CYS A 52 1.73 6.89 -3.29
CA CYS A 52 1.55 7.16 -1.87
C CYS A 52 0.57 8.30 -1.64
N LEU A 53 0.76 9.41 -2.37
CA LEU A 53 -0.09 10.59 -2.24
C LEU A 53 -1.53 10.24 -2.58
N GLU A 54 -1.72 9.34 -3.53
CA GLU A 54 -3.06 8.86 -3.86
C GLU A 54 -3.54 7.86 -2.81
N TYR A 55 -2.64 6.99 -2.30
CA TYR A 55 -2.99 6.15 -1.15
C TYR A 55 -3.66 6.96 -0.03
N ILE A 56 -2.97 7.98 0.48
CA ILE A 56 -3.50 8.80 1.58
C ILE A 56 -4.79 9.51 1.15
N GLU A 57 -4.83 9.96 -0.09
CA GLU A 57 -6.00 10.63 -0.64
C GLU A 57 -7.22 9.69 -0.62
N GLU A 58 -6.98 8.44 -1.01
CA GLU A 58 -8.03 7.42 -1.03
C GLU A 58 -8.23 6.81 0.36
N HIS A 59 -7.27 7.04 1.25
CA HIS A 59 -7.37 6.62 2.65
C HIS A 59 -7.47 5.09 2.76
N TRP A 60 -6.77 4.39 1.85
CA TRP A 60 -6.80 2.92 1.84
C TRP A 60 -8.22 2.42 1.50
N PRO A 61 -8.55 2.35 0.21
CA PRO A 61 -9.89 1.95 -0.25
C PRO A 61 -10.04 0.44 -0.43
N ASP A 62 -8.98 -0.24 -0.86
CA ASP A 62 -9.07 -1.64 -1.27
C ASP A 62 -7.80 -2.40 -0.91
N ILE A 63 -7.84 -3.72 -1.07
CA ILE A 63 -6.73 -4.59 -0.63
C ILE A 63 -6.18 -5.42 -1.79
N ARG A 64 -4.85 -5.50 -1.85
CA ARG A 64 -4.14 -6.30 -2.85
C ARG A 64 -2.83 -6.80 -2.27
N PRO A 65 -2.30 -7.94 -2.75
CA PRO A 65 -1.06 -8.54 -2.24
C PRO A 65 0.20 -7.76 -2.63
N LYS A 66 1.33 -8.16 -2.04
CA LYS A 66 2.63 -7.58 -2.36
C LYS A 66 3.11 -8.08 -3.72
N SER A 67 3.65 -7.17 -4.53
CA SER A 67 4.22 -7.54 -5.82
C SER A 67 5.45 -8.44 -5.64
N LEU A 68 5.16 -9.74 -5.43
CA LEU A 68 6.14 -10.85 -5.35
C LEU A 68 7.53 -10.49 -4.77
N ARG A 69 8.46 -11.44 -4.97
CA ARG A 69 9.88 -11.29 -4.66
C ARG A 69 10.60 -12.55 -5.14
N ASP A 70 11.92 -12.48 -5.30
CA ASP A 70 12.72 -13.62 -5.76
C ASP A 70 12.56 -14.82 -4.83
N LYS A 71 11.96 -15.90 -5.36
CA LYS A 71 11.79 -17.15 -4.62
C LYS A 71 12.41 -18.31 -5.40
N LEU A 72 13.41 -18.00 -6.22
CA LEU A 72 14.05 -19.00 -7.09
C LEU A 72 15.15 -19.73 -6.32
N ALA A 73 14.82 -20.18 -5.13
CA ALA A 73 15.76 -20.89 -4.26
C ALA A 73 15.70 -22.40 -4.51
N THR A 74 15.26 -22.79 -5.70
CA THR A 74 15.14 -24.19 -6.09
C THR A 74 16.52 -24.85 -6.18
N GLY A 75 16.70 -25.97 -5.50
CA GLY A 75 17.97 -26.68 -5.53
C GLY A 75 17.84 -28.09 -4.98
N ARG A 76 18.18 -29.08 -5.80
CA ARG A 76 18.14 -30.48 -5.39
C ARG A 76 19.41 -31.18 -5.87
N GLY A 77 20.08 -31.87 -4.95
CA GLY A 77 21.28 -32.61 -5.27
C GLY A 77 21.42 -33.85 -4.42
N PHE A 78 22.64 -34.37 -4.31
CA PHE A 78 22.92 -35.55 -3.49
C PHE A 78 24.41 -35.90 -3.57
N ASP A 79 24.77 -36.64 -4.62
CA ASP A 79 26.17 -36.97 -4.88
C ASP A 79 26.83 -35.80 -5.62
N GLN A 80 26.10 -35.24 -6.58
CA GLN A 80 26.50 -33.99 -7.20
C GLN A 80 25.84 -32.83 -6.46
N GLY A 1 -4.70 16.99 13.45
CA GLY A 1 -4.54 17.40 12.03
C GLY A 1 -5.56 18.46 11.63
N PRO A 2 -5.11 19.71 11.37
CA PRO A 2 -6.00 20.80 10.96
C PRO A 2 -6.36 20.73 9.47
N GLY A 3 -7.52 21.27 9.12
CA GLY A 3 -7.98 21.24 7.74
C GLY A 3 -7.33 22.32 6.90
N SER A 4 -6.04 22.16 6.63
CA SER A 4 -5.29 23.09 5.79
C SER A 4 -5.77 22.98 4.34
N MET A 5 -6.58 23.94 3.90
CA MET A 5 -7.10 23.97 2.54
C MET A 5 -5.96 23.97 1.52
N SER A 6 -5.09 24.96 1.64
CA SER A 6 -3.91 25.05 0.78
C SER A 6 -2.82 24.14 1.32
N ILE A 7 -2.52 23.08 0.57
CA ILE A 7 -1.54 22.10 1.00
C ILE A 7 -0.11 22.64 0.83
N ASN A 8 0.47 23.05 1.95
CA ASN A 8 1.90 23.39 2.00
C ASN A 8 2.64 22.22 2.63
N PRO A 9 3.13 21.28 1.80
CA PRO A 9 3.71 20.03 2.28
C PRO A 9 5.19 20.15 2.62
N PHE A 10 5.63 19.32 3.56
CA PHE A 10 7.05 19.23 3.92
C PHE A 10 7.48 17.77 3.94
N ASP A 11 7.09 17.05 4.99
CA ASP A 11 7.36 15.62 5.08
C ASP A 11 6.41 14.85 4.16
N ASP A 12 5.26 15.48 3.87
CA ASP A 12 4.24 14.91 2.98
C ASP A 12 4.84 14.56 1.62
N ASP A 13 5.86 15.31 1.22
CA ASP A 13 6.51 15.15 -0.08
C ASP A 13 7.06 13.73 -0.24
N ASN A 14 7.54 13.15 0.86
CA ASN A 14 8.11 11.81 0.86
C ASN A 14 7.06 10.79 1.31
N GLY A 15 5.81 11.22 1.36
CA GLY A 15 4.73 10.38 1.88
C GLY A 15 4.14 9.47 0.82
N SER A 16 4.96 8.59 0.26
CA SER A 16 4.50 7.58 -0.69
C SER A 16 3.63 6.55 0.02
N PHE A 17 2.67 5.95 -0.68
CA PHE A 17 1.90 4.87 -0.08
C PHE A 17 2.80 3.64 0.13
N PHE A 18 3.20 3.45 1.37
CA PHE A 18 3.86 2.25 1.81
C PHE A 18 3.40 1.96 3.23
N VAL A 19 3.00 0.73 3.49
CA VAL A 19 2.34 0.41 4.75
C VAL A 19 2.78 -0.97 5.27
N LEU A 20 3.30 -0.96 6.50
CA LEU A 20 3.74 -2.17 7.17
C LEU A 20 2.60 -2.72 8.03
N VAL A 21 2.29 -3.99 7.85
CA VAL A 21 1.20 -4.63 8.58
C VAL A 21 1.70 -5.82 9.39
N ASN A 22 1.34 -5.84 10.66
CA ASN A 22 1.62 -6.98 11.53
C ASN A 22 0.41 -7.92 11.51
N ASP A 23 0.66 -9.21 11.73
CA ASP A 23 -0.40 -10.23 11.67
C ASP A 23 -1.57 -9.88 12.59
N GLU A 24 -1.30 -9.01 13.56
CA GLU A 24 -2.32 -8.53 14.50
C GLU A 24 -3.14 -7.37 13.90
N GLU A 25 -3.14 -7.26 12.58
CA GLU A 25 -3.91 -6.24 11.85
C GLU A 25 -3.40 -4.82 12.15
N GLN A 26 -2.22 -4.74 12.77
CA GLN A 26 -1.59 -3.46 13.05
C GLN A 26 -0.98 -2.90 11.76
N HIS A 27 -1.47 -1.75 11.32
CA HIS A 27 -1.06 -1.17 10.04
C HIS A 27 -0.49 0.24 10.23
N SER A 28 0.82 0.34 10.06
CA SER A 28 1.54 1.60 10.20
C SER A 28 2.48 1.79 9.02
N LEU A 29 3.39 2.76 9.09
CA LEU A 29 4.42 2.94 8.06
C LEU A 29 5.76 2.47 8.60
N TRP A 30 6.71 2.22 7.71
CA TRP A 30 7.99 1.63 8.09
C TRP A 30 9.17 2.40 7.48
N PRO A 31 10.30 2.50 8.22
CA PRO A 31 11.50 3.15 7.72
C PRO A 31 12.17 2.33 6.60
N ALA A 32 12.00 2.77 5.37
CA ALA A 32 12.52 2.05 4.20
C ALA A 32 14.05 1.92 4.25
N PHE A 33 14.70 2.80 5.01
CA PHE A 33 16.16 2.79 5.11
C PHE A 33 16.64 1.80 6.19
N ALA A 34 15.70 1.06 6.77
CA ALA A 34 16.02 0.10 7.83
C ALA A 34 15.54 -1.30 7.43
N ASP A 35 16.08 -2.31 8.12
CA ASP A 35 15.71 -3.70 7.87
C ASP A 35 14.43 -4.06 8.62
N VAL A 36 13.50 -4.70 7.92
CA VAL A 36 12.23 -5.12 8.51
C VAL A 36 12.41 -6.47 9.22
N PRO A 37 12.23 -6.50 10.56
CA PRO A 37 12.37 -7.75 11.33
C PRO A 37 11.36 -8.81 10.90
N ALA A 38 11.76 -10.08 10.98
CA ALA A 38 10.90 -11.20 10.61
C ALA A 38 9.62 -11.18 11.44
N GLY A 39 8.50 -11.45 10.78
CA GLY A 39 7.20 -11.43 11.43
C GLY A 39 6.34 -10.30 10.92
N TRP A 40 6.97 -9.18 10.60
CA TRP A 40 6.27 -8.04 10.02
C TRP A 40 6.08 -8.25 8.52
N ARG A 41 4.92 -7.86 8.00
CA ARG A 41 4.61 -8.06 6.59
C ARG A 41 4.18 -6.75 5.96
N VAL A 42 4.82 -6.37 4.86
CA VAL A 42 4.47 -5.13 4.17
C VAL A 42 3.33 -5.41 3.19
N VAL A 43 2.29 -4.58 3.23
CA VAL A 43 1.15 -4.74 2.33
C VAL A 43 1.43 -4.04 1.00
N HIS A 44 2.20 -2.96 1.07
CA HIS A 44 2.61 -2.20 -0.11
C HIS A 44 3.90 -1.48 0.19
N GLY A 45 4.94 -1.73 -0.61
CA GLY A 45 6.23 -1.11 -0.40
C GLY A 45 6.29 0.31 -0.91
N GLU A 46 7.49 0.91 -0.89
CA GLU A 46 7.68 2.27 -1.37
C GLU A 46 7.33 2.37 -2.85
N ALA A 47 6.96 3.56 -3.29
CA ALA A 47 6.50 3.75 -4.66
C ALA A 47 6.58 5.22 -5.08
N ASP A 48 6.14 5.48 -6.30
CA ASP A 48 6.21 6.79 -6.92
C ASP A 48 5.27 7.80 -6.26
N ARG A 49 5.32 9.03 -6.74
CA ARG A 49 4.45 10.10 -6.24
C ARG A 49 2.99 9.73 -6.46
N ALA A 50 2.73 8.92 -7.49
CA ALA A 50 1.39 8.36 -7.72
C ALA A 50 0.88 7.71 -6.44
N ALA A 51 1.76 6.93 -5.81
CA ALA A 51 1.43 6.25 -4.56
C ALA A 51 1.46 7.23 -3.40
N CYS A 52 2.32 8.24 -3.51
CA CYS A 52 2.29 9.36 -2.56
C CYS A 52 0.89 9.97 -2.50
N LEU A 53 0.27 10.11 -3.68
CA LEU A 53 -1.08 10.66 -3.79
C LEU A 53 -2.09 9.69 -3.18
N GLU A 54 -1.79 8.40 -3.24
CA GLU A 54 -2.69 7.37 -2.70
C GLU A 54 -2.73 7.42 -1.17
N TYR A 55 -1.55 7.40 -0.55
CA TYR A 55 -1.46 7.39 0.92
C TYR A 55 -2.16 8.61 1.53
N ILE A 56 -1.97 9.79 0.93
CA ILE A 56 -2.58 11.00 1.48
C ILE A 56 -4.11 11.01 1.25
N GLU A 57 -4.53 10.65 0.04
CA GLU A 57 -5.94 10.66 -0.31
C GLU A 57 -6.71 9.65 0.53
N GLU A 58 -6.23 8.40 0.53
CA GLU A 58 -6.87 7.33 1.27
C GLU A 58 -6.68 7.52 2.78
N HIS A 59 -5.52 8.10 3.14
CA HIS A 59 -5.14 8.36 4.53
C HIS A 59 -5.49 7.19 5.45
N TRP A 60 -4.89 6.03 5.15
CA TRP A 60 -5.14 4.80 5.90
C TRP A 60 -4.23 4.70 7.14
N PRO A 61 -2.88 4.84 6.99
CA PRO A 61 -1.96 4.78 8.13
C PRO A 61 -2.14 5.97 9.08
N ASP A 62 -2.09 7.18 8.51
CA ASP A 62 -2.27 8.40 9.30
C ASP A 62 -3.65 9.00 9.00
N ILE A 63 -4.37 9.36 10.05
CA ILE A 63 -5.73 9.81 9.94
C ILE A 63 -5.80 11.29 9.58
N ARG A 64 -5.81 11.57 8.27
CA ARG A 64 -6.12 12.93 7.78
C ARG A 64 -7.65 13.11 7.81
N PRO A 65 -8.16 13.84 8.81
CA PRO A 65 -9.60 13.89 9.11
C PRO A 65 -10.41 14.65 8.06
N LYS A 66 -11.63 14.15 7.81
CA LYS A 66 -12.59 14.81 6.92
C LYS A 66 -12.04 15.02 5.51
N SER A 67 -10.95 14.32 5.19
CA SER A 67 -10.32 14.44 3.89
C SER A 67 -11.04 13.58 2.86
N LEU A 68 -12.27 13.99 2.54
CA LEU A 68 -13.03 13.36 1.46
C LEU A 68 -12.95 14.25 0.24
N ARG A 69 -13.67 15.38 0.27
CA ARG A 69 -13.54 16.39 -0.78
C ARG A 69 -12.47 17.39 -0.36
N ASP A 70 -11.21 16.94 -0.38
CA ASP A 70 -10.09 17.74 0.08
C ASP A 70 -9.98 19.01 -0.74
N LYS A 71 -10.35 20.14 -0.14
CA LYS A 71 -10.39 21.42 -0.83
C LYS A 71 -11.26 21.32 -2.08
N LEU A 72 -12.46 20.79 -1.90
CA LEU A 72 -13.51 20.78 -2.93
C LEU A 72 -13.15 19.78 -4.06
N ALA A 73 -12.01 19.11 -3.93
CA ALA A 73 -11.57 18.15 -4.94
C ALA A 73 -12.29 16.81 -4.74
N THR A 74 -12.49 16.08 -5.83
CA THR A 74 -13.15 14.78 -5.78
C THR A 74 -12.19 13.72 -5.23
N GLY A 75 -12.58 13.08 -4.13
CA GLY A 75 -11.74 12.04 -3.54
C GLY A 75 -12.45 11.31 -2.40
N ARG A 76 -11.83 10.24 -1.95
CA ARG A 76 -12.33 9.46 -0.82
C ARG A 76 -11.15 8.84 -0.07
N GLY A 77 -11.37 8.55 1.20
CA GLY A 77 -10.36 7.91 2.01
C GLY A 77 -10.93 7.39 3.31
N PHE A 78 -10.99 6.07 3.45
CA PHE A 78 -11.57 5.44 4.63
C PHE A 78 -11.25 3.94 4.63
N ASP A 79 -11.40 3.29 5.78
CA ASP A 79 -11.11 1.87 5.93
C ASP A 79 -11.97 1.27 7.04
N GLN A 80 -12.90 0.41 6.65
CA GLN A 80 -13.75 -0.31 7.60
C GLN A 80 -13.77 -1.79 7.21
N GLY A 1 -11.19 -10.32 -14.97
CA GLY A 1 -11.66 -9.01 -15.47
C GLY A 1 -10.50 -8.04 -15.65
N PRO A 2 -10.27 -7.14 -14.68
CA PRO A 2 -9.18 -6.16 -14.76
C PRO A 2 -7.80 -6.80 -14.84
N GLY A 3 -7.33 -6.99 -16.07
CA GLY A 3 -6.00 -7.52 -16.31
C GLY A 3 -5.42 -7.01 -17.60
N SER A 4 -5.86 -5.82 -18.00
CA SER A 4 -5.48 -5.22 -19.27
C SER A 4 -4.08 -4.62 -19.22
N MET A 5 -3.71 -3.90 -20.28
CA MET A 5 -2.41 -3.24 -20.39
C MET A 5 -2.19 -2.25 -19.24
N SER A 6 -3.28 -1.65 -18.80
CA SER A 6 -3.27 -0.60 -17.77
C SER A 6 -2.76 0.70 -18.34
N ILE A 7 -2.86 0.71 -19.61
CA ILE A 7 -2.49 1.83 -20.46
C ILE A 7 -3.76 2.39 -21.09
N ASN A 8 -4.43 3.23 -20.32
CA ASN A 8 -5.72 3.82 -20.71
C ASN A 8 -6.08 4.94 -19.74
N PRO A 9 -6.06 4.68 -18.40
CA PRO A 9 -6.24 5.74 -17.40
C PRO A 9 -4.91 6.40 -17.05
N PHE A 10 -4.95 7.71 -16.82
CA PHE A 10 -3.75 8.44 -16.40
C PHE A 10 -3.45 8.12 -14.94
N ASP A 11 -4.49 7.76 -14.20
CA ASP A 11 -4.36 7.39 -12.79
C ASP A 11 -3.88 5.94 -12.70
N ASP A 12 -2.57 5.76 -12.52
CA ASP A 12 -1.96 4.43 -12.52
C ASP A 12 -2.46 3.58 -11.36
N ASP A 13 -3.08 2.44 -11.69
CA ASP A 13 -3.59 1.50 -10.69
C ASP A 13 -2.47 0.94 -9.83
N ASN A 14 -1.25 0.99 -10.35
CA ASN A 14 -0.09 0.48 -9.63
C ASN A 14 0.47 1.56 -8.69
N GLY A 15 -0.01 2.78 -8.85
CA GLY A 15 0.47 3.90 -8.06
C GLY A 15 -0.05 3.87 -6.64
N SER A 16 0.86 3.63 -5.68
CA SER A 16 0.51 3.64 -4.27
C SER A 16 1.77 3.76 -3.41
N PHE A 17 1.68 4.53 -2.32
CA PHE A 17 2.74 4.61 -1.31
C PHE A 17 2.85 3.25 -0.60
N PHE A 18 3.45 3.19 0.59
CA PHE A 18 3.73 1.91 1.22
C PHE A 18 3.14 1.83 2.62
N VAL A 19 2.56 0.67 2.92
CA VAL A 19 1.81 0.44 4.16
C VAL A 19 2.08 -0.97 4.68
N LEU A 20 2.34 -1.07 5.98
CA LEU A 20 2.72 -2.34 6.61
C LEU A 20 1.73 -2.70 7.72
N VAL A 21 1.45 -4.00 7.85
CA VAL A 21 0.61 -4.50 8.95
C VAL A 21 1.31 -5.66 9.67
N ASN A 22 1.06 -5.78 10.97
CA ASN A 22 1.68 -6.82 11.79
C ASN A 22 0.62 -7.68 12.46
N ASP A 23 1.01 -8.87 12.90
CA ASP A 23 0.12 -9.81 13.58
C ASP A 23 -0.50 -9.19 14.83
N GLU A 24 0.20 -8.21 15.39
CA GLU A 24 -0.22 -7.54 16.63
C GLU A 24 -1.22 -6.42 16.34
N GLU A 25 -1.92 -6.51 15.20
CA GLU A 25 -2.93 -5.53 14.81
C GLU A 25 -2.30 -4.16 14.54
N GLN A 26 -0.98 -4.13 14.41
CA GLN A 26 -0.26 -2.88 14.20
C GLN A 26 -0.20 -2.54 12.71
N HIS A 27 -0.69 -1.37 12.36
CA HIS A 27 -0.63 -0.88 10.98
C HIS A 27 0.14 0.44 10.94
N SER A 28 1.15 0.49 10.09
CA SER A 28 2.06 1.64 10.04
C SER A 28 2.88 1.61 8.74
N LEU A 29 4.05 2.23 8.76
CA LEU A 29 4.96 2.22 7.62
C LEU A 29 6.37 1.86 8.09
N TRP A 30 7.25 1.50 7.17
CA TRP A 30 8.61 1.08 7.53
C TRP A 30 9.66 1.89 6.80
N PRO A 31 10.83 2.13 7.43
CA PRO A 31 11.96 2.78 6.77
C PRO A 31 12.59 1.87 5.71
N ALA A 32 12.23 2.11 4.46
CA ALA A 32 12.72 1.30 3.33
C ALA A 32 14.24 1.44 3.17
N PHE A 33 14.82 2.35 3.94
CA PHE A 33 16.25 2.61 3.90
C PHE A 33 17.01 1.58 4.74
N ALA A 34 16.26 0.68 5.39
CA ALA A 34 16.86 -0.35 6.24
C ALA A 34 16.12 -1.68 6.06
N ASP A 35 16.60 -2.72 6.76
CA ASP A 35 15.95 -4.03 6.72
C ASP A 35 14.75 -4.04 7.66
N VAL A 36 13.66 -4.65 7.21
CA VAL A 36 12.42 -4.67 7.97
C VAL A 36 12.36 -5.89 8.88
N PRO A 37 12.13 -5.70 10.19
CA PRO A 37 12.12 -6.79 11.18
C PRO A 37 10.97 -7.77 10.96
N ALA A 38 11.31 -8.99 10.53
CA ALA A 38 10.33 -10.01 10.13
C ALA A 38 9.15 -10.13 11.09
N GLY A 39 8.00 -10.52 10.54
CA GLY A 39 6.76 -10.62 11.30
C GLY A 39 5.72 -9.63 10.83
N TRP A 40 5.86 -9.19 9.58
CA TRP A 40 4.96 -8.20 8.99
C TRP A 40 4.44 -8.66 7.64
N ARG A 41 3.34 -8.07 7.21
CA ARG A 41 2.79 -8.27 5.87
C ARG A 41 2.69 -6.91 5.19
N VAL A 42 3.26 -6.80 3.98
CA VAL A 42 3.28 -5.54 3.25
C VAL A 42 2.03 -5.43 2.35
N VAL A 43 1.22 -4.39 2.60
CA VAL A 43 -0.02 -4.19 1.85
C VAL A 43 0.21 -3.29 0.64
N HIS A 44 1.07 -2.30 0.83
CA HIS A 44 1.43 -1.37 -0.23
C HIS A 44 2.95 -1.22 -0.25
N GLY A 45 3.54 -1.24 -1.45
CA GLY A 45 4.98 -1.18 -1.59
C GLY A 45 5.51 0.23 -1.84
N GLU A 46 6.79 0.43 -1.58
CA GLU A 46 7.43 1.74 -1.74
C GLU A 46 7.38 2.20 -3.21
N ALA A 47 6.97 3.45 -3.43
CA ALA A 47 6.78 3.98 -4.77
C ALA A 47 6.99 5.49 -4.82
N ASP A 48 6.78 6.06 -6.01
CA ASP A 48 7.03 7.47 -6.29
C ASP A 48 6.15 8.42 -5.47
N ARG A 49 6.44 9.73 -5.57
CA ARG A 49 5.67 10.74 -4.86
C ARG A 49 4.20 10.70 -5.28
N ALA A 50 3.94 10.54 -6.57
CA ALA A 50 2.58 10.42 -7.08
C ALA A 50 1.86 9.34 -6.30
N ALA A 51 2.54 8.20 -6.16
CA ALA A 51 2.01 7.05 -5.44
C ALA A 51 1.78 7.39 -3.95
N CYS A 52 2.66 8.23 -3.42
CA CYS A 52 2.47 8.78 -2.07
C CYS A 52 1.17 9.58 -2.01
N LEU A 53 0.95 10.42 -3.03
CA LEU A 53 -0.24 11.26 -3.11
C LEU A 53 -1.47 10.41 -3.42
N GLU A 54 -1.25 9.25 -4.05
CA GLU A 54 -2.34 8.34 -4.37
C GLU A 54 -2.79 7.57 -3.12
N TYR A 55 -1.83 7.21 -2.26
CA TYR A 55 -2.15 6.50 -1.01
C TYR A 55 -3.19 7.26 -0.18
N ILE A 56 -2.96 8.54 0.06
CA ILE A 56 -3.90 9.34 0.83
C ILE A 56 -5.28 9.31 0.18
N GLU A 57 -5.29 9.27 -1.15
CA GLU A 57 -6.53 9.21 -1.91
C GLU A 57 -7.16 7.81 -1.82
N GLU A 58 -6.34 6.79 -1.57
CA GLU A 58 -6.84 5.44 -1.32
C GLU A 58 -7.64 5.43 -0.02
N HIS A 59 -7.00 5.88 1.06
CA HIS A 59 -7.58 5.82 2.40
C HIS A 59 -7.89 4.36 2.74
N TRP A 60 -7.00 3.46 2.31
CA TRP A 60 -7.16 2.01 2.47
C TRP A 60 -8.28 1.52 1.56
N PRO A 61 -7.93 1.07 0.33
CA PRO A 61 -8.89 0.62 -0.67
C PRO A 61 -9.07 -0.90 -0.70
N ASP A 62 -9.55 -1.40 -1.83
CA ASP A 62 -9.73 -2.83 -2.06
C ASP A 62 -8.54 -3.41 -2.83
N ILE A 63 -8.00 -2.61 -3.75
CA ILE A 63 -6.95 -3.05 -4.66
C ILE A 63 -5.56 -2.67 -4.13
N ARG A 64 -4.61 -3.58 -4.26
CA ARG A 64 -3.21 -3.31 -3.94
C ARG A 64 -2.33 -3.60 -5.16
N PRO A 65 -1.35 -2.73 -5.46
CA PRO A 65 -0.50 -2.88 -6.63
C PRO A 65 0.40 -4.12 -6.56
N LYS A 66 0.04 -5.14 -7.33
CA LYS A 66 0.90 -6.29 -7.52
C LYS A 66 2.01 -5.92 -8.50
N SER A 67 2.99 -5.17 -7.98
CA SER A 67 4.02 -4.56 -8.80
C SER A 67 4.97 -5.59 -9.41
N LEU A 68 5.56 -5.21 -10.54
CA LEU A 68 6.53 -6.03 -11.25
C LEU A 68 7.15 -5.18 -12.35
N ARG A 69 6.34 -4.86 -13.36
CA ARG A 69 6.75 -4.00 -14.46
C ARG A 69 5.58 -3.85 -15.44
N ASP A 70 5.54 -2.74 -16.18
CA ASP A 70 4.50 -2.57 -17.19
C ASP A 70 4.72 -3.55 -18.33
N LYS A 71 3.68 -3.79 -19.12
CA LYS A 71 3.67 -4.85 -20.12
C LYS A 71 4.20 -4.33 -21.47
N LEU A 72 4.31 -3.01 -21.59
CA LEU A 72 4.82 -2.39 -22.81
C LEU A 72 6.07 -1.56 -22.50
N ALA A 73 6.56 -1.70 -21.27
CA ALA A 73 7.74 -0.97 -20.82
C ALA A 73 9.01 -1.54 -21.47
N THR A 74 9.33 -1.06 -22.67
CA THR A 74 10.51 -1.50 -23.39
C THR A 74 11.71 -0.64 -22.98
N GLY A 75 12.57 -1.20 -22.12
CA GLY A 75 13.72 -0.46 -21.62
C GLY A 75 14.85 -0.38 -22.63
N ARG A 76 14.54 0.10 -23.82
CA ARG A 76 15.52 0.25 -24.89
C ARG A 76 14.90 1.07 -26.03
N GLY A 77 15.48 2.24 -26.28
CA GLY A 77 14.94 3.13 -27.28
C GLY A 77 15.96 3.51 -28.33
N PHE A 78 15.49 3.56 -29.58
CA PHE A 78 16.30 4.00 -30.71
C PHE A 78 16.44 5.53 -30.68
N ASP A 79 15.53 6.14 -29.93
CA ASP A 79 15.49 7.58 -29.74
C ASP A 79 16.72 8.04 -28.98
N GLN A 80 17.81 8.17 -29.71
CA GLN A 80 19.08 8.66 -29.18
C GLN A 80 18.89 9.94 -28.33
N GLY A 1 -10.07 24.84 12.43
CA GLY A 1 -9.45 25.65 11.35
C GLY A 1 -10.39 26.74 10.84
N PRO A 2 -10.57 27.83 11.61
CA PRO A 2 -11.45 28.94 11.22
C PRO A 2 -10.94 29.69 9.99
N GLY A 3 -9.83 30.40 10.16
CA GLY A 3 -9.25 31.20 9.08
C GLY A 3 -7.95 30.61 8.58
N SER A 4 -7.93 29.28 8.44
CA SER A 4 -6.74 28.59 7.94
C SER A 4 -6.51 28.95 6.47
N MET A 5 -5.54 29.82 6.22
CA MET A 5 -5.22 30.29 4.87
C MET A 5 -4.21 29.37 4.20
N SER A 6 -3.64 28.44 4.96
CA SER A 6 -2.57 27.58 4.46
C SER A 6 -2.65 26.19 5.08
N ILE A 7 -2.35 25.16 4.27
CA ILE A 7 -2.27 23.79 4.76
C ILE A 7 -0.80 23.40 4.95
N ASN A 8 -0.32 23.54 6.17
CA ASN A 8 1.08 23.25 6.49
C ASN A 8 1.36 21.74 6.41
N PRO A 9 2.20 21.32 5.45
CA PRO A 9 2.55 19.91 5.29
C PRO A 9 3.71 19.47 6.18
N PHE A 10 3.99 18.17 6.18
CA PHE A 10 5.07 17.59 6.97
C PHE A 10 6.22 17.15 6.07
N ASP A 11 7.22 16.51 6.66
CA ASP A 11 8.41 16.06 5.93
C ASP A 11 8.06 15.09 4.81
N ASP A 12 8.93 15.03 3.80
CA ASP A 12 8.75 14.17 2.63
C ASP A 12 8.70 12.69 3.02
N ASP A 13 9.30 12.36 4.16
CA ASP A 13 9.40 10.97 4.62
C ASP A 13 8.04 10.27 4.61
N ASN A 14 7.07 10.86 5.30
CA ASN A 14 5.75 10.24 5.48
C ASN A 14 4.81 10.59 4.33
N GLY A 15 5.35 11.21 3.29
CA GLY A 15 4.53 11.67 2.19
C GLY A 15 4.01 10.53 1.31
N SER A 16 4.81 9.46 1.18
CA SER A 16 4.50 8.39 0.24
C SER A 16 3.71 7.26 0.90
N PHE A 17 2.87 6.56 0.11
CA PHE A 17 2.17 5.40 0.62
C PHE A 17 3.15 4.26 0.88
N PHE A 18 3.46 4.06 2.14
CA PHE A 18 4.12 2.85 2.60
C PHE A 18 3.51 2.46 3.93
N VAL A 19 3.13 1.21 4.07
CA VAL A 19 2.35 0.76 5.21
C VAL A 19 2.71 -0.68 5.57
N LEU A 20 2.99 -0.91 6.84
CA LEU A 20 3.40 -2.21 7.35
C LEU A 20 2.25 -2.85 8.13
N VAL A 21 2.06 -4.15 7.94
CA VAL A 21 1.08 -4.90 8.70
C VAL A 21 1.78 -5.98 9.52
N ASN A 22 1.52 -6.00 10.81
CA ASN A 22 2.14 -6.97 11.71
C ASN A 22 1.20 -8.16 11.91
N ASP A 23 1.74 -9.27 12.40
CA ASP A 23 0.96 -10.48 12.68
C ASP A 23 -0.05 -10.19 13.80
N GLU A 24 0.12 -9.05 14.45
CA GLU A 24 -0.76 -8.58 15.52
C GLU A 24 -2.00 -7.87 14.93
N GLU A 25 -2.15 -7.97 13.60
CA GLU A 25 -3.19 -7.26 12.87
C GLU A 25 -2.96 -5.74 12.91
N GLN A 26 -1.79 -5.36 13.42
CA GLN A 26 -1.43 -3.95 13.53
C GLN A 26 -1.10 -3.38 12.16
N HIS A 27 -1.88 -2.38 11.74
CA HIS A 27 -1.68 -1.73 10.45
C HIS A 27 -1.15 -0.32 10.66
N SER A 28 0.17 -0.17 10.52
CA SER A 28 0.83 1.11 10.78
C SER A 28 1.79 1.44 9.64
N LEU A 29 2.56 2.51 9.80
CA LEU A 29 3.57 2.91 8.82
C LEU A 29 4.96 2.60 9.38
N TRP A 30 5.90 2.27 8.49
CA TRP A 30 7.25 1.91 8.90
C TRP A 30 8.27 2.91 8.36
N PRO A 31 9.15 3.44 9.23
CA PRO A 31 10.19 4.39 8.82
C PRO A 31 11.15 3.77 7.82
N ALA A 32 11.06 4.20 6.56
CA ALA A 32 11.90 3.67 5.48
C ALA A 32 13.39 3.90 5.75
N PHE A 33 13.68 4.83 6.65
CA PHE A 33 15.06 5.16 7.01
C PHE A 33 15.53 4.35 8.22
N ALA A 34 14.72 3.38 8.62
CA ALA A 34 15.04 2.54 9.77
C ALA A 34 15.01 1.06 9.39
N ASP A 35 15.36 0.21 10.34
CA ASP A 35 15.35 -1.25 10.12
C ASP A 35 14.04 -1.87 10.62
N VAL A 36 13.40 -2.65 9.77
CA VAL A 36 12.13 -3.29 10.10
C VAL A 36 12.37 -4.68 10.69
N PRO A 37 12.11 -4.87 12.00
CA PRO A 37 12.37 -6.15 12.70
C PRO A 37 11.48 -7.29 12.20
N ALA A 38 12.10 -8.30 11.61
CA ALA A 38 11.39 -9.40 10.93
C ALA A 38 10.23 -9.97 11.75
N GLY A 39 9.23 -10.49 11.04
CA GLY A 39 8.01 -10.98 11.67
C GLY A 39 6.80 -10.15 11.28
N TRP A 40 6.88 -9.54 10.10
CA TRP A 40 5.83 -8.65 9.59
C TRP A 40 5.53 -8.96 8.13
N ARG A 41 4.59 -8.19 7.56
CA ARG A 41 4.34 -8.19 6.13
C ARG A 41 3.97 -6.76 5.70
N VAL A 42 4.68 -6.24 4.72
CA VAL A 42 4.42 -4.89 4.24
C VAL A 42 3.41 -4.91 3.10
N VAL A 43 2.42 -4.01 3.15
CA VAL A 43 1.39 -3.98 2.11
C VAL A 43 1.82 -3.06 0.97
N HIS A 44 2.67 -2.10 1.31
CA HIS A 44 3.26 -1.18 0.34
C HIS A 44 4.59 -0.67 0.90
N GLY A 45 5.67 -0.91 0.15
CA GLY A 45 6.99 -0.46 0.56
C GLY A 45 7.23 1.01 0.21
N GLU A 46 8.43 1.50 0.45
CA GLU A 46 8.80 2.87 0.11
C GLU A 46 8.61 3.12 -1.38
N ALA A 47 7.63 3.96 -1.72
CA ALA A 47 7.12 4.07 -3.08
C ALA A 47 7.28 5.48 -3.65
N ASP A 48 6.78 5.65 -4.88
CA ASP A 48 6.97 6.86 -5.67
C ASP A 48 5.90 7.92 -5.38
N ARG A 49 6.04 9.06 -6.08
CA ARG A 49 5.10 10.18 -5.98
C ARG A 49 3.65 9.71 -6.11
N ALA A 50 3.41 8.78 -7.03
CA ALA A 50 2.07 8.23 -7.23
C ALA A 50 1.51 7.72 -5.91
N ALA A 51 2.34 6.97 -5.19
CA ALA A 51 1.95 6.42 -3.89
C ALA A 51 1.84 7.52 -2.85
N CYS A 52 2.65 8.56 -3.01
CA CYS A 52 2.50 9.76 -2.17
C CYS A 52 1.08 10.32 -2.31
N LEU A 53 0.58 10.34 -3.55
CA LEU A 53 -0.76 10.85 -3.83
C LEU A 53 -1.83 9.89 -3.32
N GLU A 54 -1.47 8.60 -3.21
CA GLU A 54 -2.41 7.58 -2.76
C GLU A 54 -2.63 7.65 -1.25
N TYR A 55 -1.55 7.64 -0.48
CA TYR A 55 -1.66 7.60 0.99
C TYR A 55 -2.39 8.83 1.54
N ILE A 56 -2.19 9.98 0.91
CA ILE A 56 -2.87 11.20 1.33
C ILE A 56 -4.36 11.15 0.99
N GLU A 57 -4.69 10.64 -0.20
CA GLU A 57 -6.07 10.57 -0.66
C GLU A 57 -6.84 9.47 0.07
N GLU A 58 -6.32 8.25 -0.02
CA GLU A 58 -6.95 7.08 0.60
C GLU A 58 -7.01 7.24 2.12
N HIS A 59 -6.02 7.94 2.68
CA HIS A 59 -5.91 8.15 4.12
C HIS A 59 -5.57 6.84 4.82
N TRP A 60 -5.28 6.94 6.11
CA TRP A 60 -4.94 5.78 6.94
C TRP A 60 -4.89 6.19 8.41
N PRO A 61 -4.19 7.31 8.75
CA PRO A 61 -4.23 7.87 10.10
C PRO A 61 -5.48 8.75 10.30
N ASP A 62 -5.38 9.72 11.20
CA ASP A 62 -6.50 10.62 11.50
C ASP A 62 -6.69 11.64 10.38
N ILE A 63 -7.60 12.59 10.61
CA ILE A 63 -7.90 13.64 9.64
C ILE A 63 -7.64 15.03 10.23
N ARG A 64 -7.46 16.01 9.36
CA ARG A 64 -7.20 17.39 9.77
C ARG A 64 -8.01 18.34 8.87
N PRO A 65 -8.56 19.44 9.44
CA PRO A 65 -9.35 20.41 8.67
C PRO A 65 -8.61 20.91 7.42
N LYS A 66 -8.82 20.21 6.31
CA LYS A 66 -8.21 20.56 5.04
C LYS A 66 -8.90 21.79 4.45
N SER A 67 -8.30 22.95 4.69
CA SER A 67 -8.86 24.22 4.23
C SER A 67 -7.97 24.81 3.15
N LEU A 68 -8.52 25.00 1.96
CA LEU A 68 -7.77 25.55 0.83
C LEU A 68 -7.55 27.05 1.04
N ARG A 69 -6.63 27.61 0.25
CA ARG A 69 -6.32 29.03 0.33
C ARG A 69 -7.51 29.87 -0.13
N ASP A 70 -7.52 31.14 0.29
CA ASP A 70 -8.64 32.04 0.02
C ASP A 70 -9.92 31.44 0.62
N LYS A 71 -9.83 31.05 1.89
CA LYS A 71 -10.95 30.47 2.59
C LYS A 71 -11.91 31.58 3.06
N LEU A 72 -11.66 32.81 2.59
CA LEU A 72 -12.56 33.93 2.85
C LEU A 72 -13.92 33.60 2.26
N ALA A 73 -13.89 33.08 1.04
CA ALA A 73 -15.07 32.53 0.41
C ALA A 73 -15.22 31.07 0.79
N THR A 74 -15.80 30.84 1.96
CA THR A 74 -15.98 29.49 2.49
C THR A 74 -16.87 28.66 1.57
N GLY A 75 -17.83 29.33 0.94
CA GLY A 75 -18.72 28.66 0.00
C GLY A 75 -18.12 28.62 -1.39
N ARG A 76 -17.07 27.81 -1.55
CA ARG A 76 -16.38 27.69 -2.83
C ARG A 76 -17.23 26.88 -3.82
N GLY A 77 -18.29 26.30 -3.28
CA GLY A 77 -19.25 25.57 -4.07
C GLY A 77 -20.66 25.96 -3.69
N PHE A 78 -21.55 26.03 -4.68
CA PHE A 78 -22.94 26.40 -4.43
C PHE A 78 -23.75 25.18 -4.00
N ASP A 79 -24.72 25.42 -3.12
CA ASP A 79 -25.60 24.36 -2.62
C ASP A 79 -26.56 23.91 -3.72
N GLN A 80 -27.41 24.83 -4.14
CA GLN A 80 -28.40 24.57 -5.19
C GLN A 80 -28.21 25.57 -6.34
N GLY A 1 -10.99 -29.96 0.51
CA GLY A 1 -10.14 -28.76 0.29
C GLY A 1 -9.07 -28.61 1.36
N PRO A 2 -7.89 -29.24 1.18
CA PRO A 2 -6.79 -29.16 2.14
C PRO A 2 -6.02 -27.84 2.04
N GLY A 3 -6.27 -27.11 0.95
CA GLY A 3 -5.56 -25.86 0.71
C GLY A 3 -5.03 -25.81 -0.71
N SER A 4 -5.41 -24.76 -1.43
CA SER A 4 -4.97 -24.58 -2.81
C SER A 4 -3.59 -23.94 -2.86
N MET A 5 -3.05 -23.79 -4.06
CA MET A 5 -1.77 -23.09 -4.25
C MET A 5 -1.98 -21.59 -4.10
N SER A 6 -3.09 -21.11 -4.67
CA SER A 6 -3.47 -19.71 -4.61
C SER A 6 -4.88 -19.53 -5.17
N ILE A 7 -5.57 -18.48 -4.72
CA ILE A 7 -6.89 -18.15 -5.27
C ILE A 7 -6.72 -17.60 -6.68
N ASN A 8 -6.05 -16.47 -6.78
CA ASN A 8 -5.68 -15.86 -8.05
C ASN A 8 -4.70 -14.73 -7.80
N PRO A 9 -3.86 -14.37 -8.78
CA PRO A 9 -2.87 -13.30 -8.64
C PRO A 9 -3.54 -11.92 -8.53
N PHE A 10 -3.54 -11.36 -7.32
CA PHE A 10 -4.06 -10.02 -7.10
C PHE A 10 -3.15 -8.99 -7.77
N ASP A 11 -3.71 -8.27 -8.74
CA ASP A 11 -2.95 -7.35 -9.58
C ASP A 11 -3.01 -5.92 -9.04
N ASP A 12 -2.73 -4.94 -9.91
CA ASP A 12 -2.64 -3.52 -9.52
C ASP A 12 -1.41 -3.29 -8.63
N ASP A 13 -0.36 -4.06 -8.91
CA ASP A 13 0.91 -3.94 -8.19
C ASP A 13 1.55 -2.58 -8.42
N ASN A 14 1.19 -1.95 -9.52
CA ASN A 14 1.62 -0.57 -9.84
C ASN A 14 0.55 0.46 -9.43
N GLY A 15 -0.42 0.05 -8.62
CA GLY A 15 -1.55 0.91 -8.28
C GLY A 15 -1.20 2.13 -7.42
N SER A 16 -2.22 2.78 -6.86
CA SER A 16 -2.06 3.98 -6.03
C SER A 16 -2.11 3.59 -4.55
N PHE A 17 -0.97 3.13 -4.04
CA PHE A 17 -0.98 2.37 -2.78
C PHE A 17 0.42 2.27 -2.15
N PHE A 18 0.58 2.61 -0.87
CA PHE A 18 1.66 2.01 -0.07
C PHE A 18 1.25 1.99 1.41
N VAL A 19 1.40 0.83 2.06
CA VAL A 19 1.25 0.73 3.52
C VAL A 19 1.88 -0.56 4.05
N LEU A 20 2.56 -0.44 5.18
CA LEU A 20 3.14 -1.58 5.88
C LEU A 20 2.29 -1.92 7.08
N VAL A 21 2.32 -3.17 7.51
CA VAL A 21 1.58 -3.59 8.69
C VAL A 21 2.43 -4.50 9.57
N ASN A 22 2.43 -4.25 10.86
CA ASN A 22 3.10 -5.13 11.81
C ASN A 22 2.29 -6.41 11.96
N ASP A 23 2.93 -7.52 12.33
CA ASP A 23 2.27 -8.81 12.44
C ASP A 23 1.08 -8.73 13.41
N GLU A 24 1.14 -7.75 14.32
CA GLU A 24 0.04 -7.49 15.26
C GLU A 24 -1.10 -6.72 14.58
N GLU A 25 -1.04 -6.66 13.25
CA GLU A 25 -2.03 -5.93 12.44
C GLU A 25 -2.10 -4.47 12.87
N GLN A 26 -0.94 -3.82 12.81
CA GLN A 26 -0.82 -2.39 13.11
C GLN A 26 -0.41 -1.65 11.83
N HIS A 27 -1.25 -0.72 11.40
CA HIS A 27 -1.00 0.01 10.16
C HIS A 27 0.09 1.05 10.35
N SER A 28 1.05 1.09 9.43
CA SER A 28 2.15 2.05 9.48
C SER A 28 2.69 2.31 8.06
N LEU A 29 3.67 3.20 7.98
CA LEU A 29 4.35 3.53 6.73
C LEU A 29 5.85 3.32 6.92
N TRP A 30 6.57 3.17 5.81
CA TRP A 30 7.98 2.82 5.88
C TRP A 30 8.78 3.49 4.76
N PRO A 31 9.99 3.99 5.08
CA PRO A 31 10.92 4.51 4.09
C PRO A 31 11.67 3.39 3.39
N ALA A 32 11.28 3.10 2.14
CA ALA A 32 11.85 1.99 1.38
C ALA A 32 13.34 2.17 1.08
N PHE A 33 13.90 3.31 1.51
CA PHE A 33 15.31 3.61 1.28
C PHE A 33 16.18 3.11 2.44
N ALA A 34 15.56 2.50 3.44
CA ALA A 34 16.27 2.03 4.63
C ALA A 34 15.96 0.57 4.92
N ASP A 35 16.70 -0.02 5.86
CA ASP A 35 16.49 -1.41 6.27
C ASP A 35 15.18 -1.53 7.04
N VAL A 36 14.32 -2.43 6.60
CA VAL A 36 13.00 -2.61 7.19
C VAL A 36 13.03 -3.77 8.20
N PRO A 37 12.85 -3.47 9.50
CA PRO A 37 13.02 -4.46 10.58
C PRO A 37 12.07 -5.65 10.46
N ALA A 38 12.61 -6.80 10.08
CA ALA A 38 11.84 -8.01 9.78
C ALA A 38 10.78 -8.31 10.86
N GLY A 39 9.70 -8.96 10.44
CA GLY A 39 8.58 -9.25 11.32
C GLY A 39 7.32 -8.52 10.91
N TRP A 40 7.39 -7.85 9.77
CA TRP A 40 6.25 -7.10 9.22
C TRP A 40 5.66 -7.82 8.01
N ARG A 41 4.58 -7.27 7.49
CA ARG A 41 4.00 -7.69 6.24
C ARG A 41 3.51 -6.45 5.51
N VAL A 42 3.64 -6.42 4.20
CA VAL A 42 3.19 -5.26 3.42
C VAL A 42 1.74 -5.47 2.97
N VAL A 43 0.88 -4.47 3.17
CA VAL A 43 -0.53 -4.60 2.80
C VAL A 43 -0.79 -3.91 1.47
N HIS A 44 0.09 -2.98 1.13
CA HIS A 44 0.07 -2.32 -0.16
C HIS A 44 1.51 -1.98 -0.54
N GLY A 45 1.98 -2.55 -1.66
CA GLY A 45 3.37 -2.44 -2.05
C GLY A 45 3.85 -1.01 -2.21
N GLU A 46 5.17 -0.84 -2.27
CA GLU A 46 5.77 0.50 -2.41
C GLU A 46 5.84 0.89 -3.88
N ALA A 47 5.78 2.19 -4.13
CA ALA A 47 5.73 2.72 -5.49
C ALA A 47 6.10 4.21 -5.50
N ASP A 48 6.05 4.81 -6.68
CA ASP A 48 6.41 6.22 -6.86
C ASP A 48 5.62 7.13 -5.93
N ARG A 49 6.15 8.35 -5.74
CA ARG A 49 5.51 9.32 -4.86
C ARG A 49 4.08 9.59 -5.29
N ALA A 50 3.81 9.46 -6.59
CA ALA A 50 2.45 9.58 -7.09
C ALA A 50 1.57 8.47 -6.49
N ALA A 51 2.07 7.25 -6.52
CA ALA A 51 1.32 6.09 -6.05
C ALA A 51 1.10 6.13 -4.53
N CYS A 52 2.07 6.74 -3.82
CA CYS A 52 1.94 6.98 -2.38
C CYS A 52 0.95 8.13 -2.09
N LEU A 53 1.14 9.27 -2.77
CA LEU A 53 0.25 10.43 -2.59
C LEU A 53 -1.19 10.05 -2.94
N GLU A 54 -1.33 9.18 -3.92
CA GLU A 54 -2.63 8.68 -4.30
C GLU A 54 -3.11 7.63 -3.30
N TYR A 55 -2.19 6.82 -2.75
CA TYR A 55 -2.54 5.91 -1.64
C TYR A 55 -3.35 6.63 -0.55
N ILE A 56 -2.83 7.76 -0.07
CA ILE A 56 -3.44 8.45 1.07
C ILE A 56 -4.76 9.11 0.69
N GLU A 57 -4.84 9.64 -0.52
CA GLU A 57 -6.05 10.29 -1.00
C GLU A 57 -7.14 9.27 -1.31
N GLU A 58 -6.77 8.25 -2.07
CA GLU A 58 -7.64 7.12 -2.38
C GLU A 58 -8.00 6.40 -1.07
N HIS A 59 -7.08 6.51 -0.11
CA HIS A 59 -7.28 6.07 1.26
C HIS A 59 -7.44 4.55 1.35
N TRP A 60 -6.32 3.84 1.32
CA TRP A 60 -6.29 2.39 1.49
C TRP A 60 -7.29 1.70 0.55
N PRO A 61 -6.93 1.53 -0.73
CA PRO A 61 -7.77 0.83 -1.70
C PRO A 61 -7.85 -0.67 -1.40
N ASP A 62 -8.68 -1.40 -2.15
CA ASP A 62 -8.85 -2.83 -1.94
C ASP A 62 -7.70 -3.59 -2.59
N ILE A 63 -7.14 -3.02 -3.65
CA ILE A 63 -6.03 -3.63 -4.36
C ILE A 63 -4.88 -3.96 -3.41
N ARG A 64 -4.71 -5.24 -3.11
CA ARG A 64 -3.79 -5.67 -2.07
C ARG A 64 -2.92 -6.83 -2.55
N PRO A 65 -1.59 -6.75 -2.30
CA PRO A 65 -0.67 -7.86 -2.59
C PRO A 65 -0.84 -9.02 -1.61
N LYS A 66 -1.83 -8.91 -0.71
CA LYS A 66 -2.16 -9.97 0.22
C LYS A 66 -2.64 -11.19 -0.55
N SER A 67 -1.71 -12.09 -0.84
CA SER A 67 -1.99 -13.28 -1.63
C SER A 67 -1.09 -14.42 -1.19
N LEU A 68 -1.26 -15.58 -1.80
CA LEU A 68 -0.44 -16.74 -1.50
C LEU A 68 0.38 -17.13 -2.72
N ARG A 69 1.70 -17.09 -2.58
CA ARG A 69 2.62 -17.50 -3.64
C ARG A 69 2.68 -19.03 -3.71
N ASP A 70 3.60 -19.54 -4.52
CA ASP A 70 3.78 -20.97 -4.67
C ASP A 70 4.05 -21.64 -3.32
N LYS A 71 2.98 -22.07 -2.66
CA LYS A 71 3.09 -22.79 -1.40
C LYS A 71 3.68 -24.18 -1.64
N LEU A 72 4.97 -24.22 -1.92
CA LEU A 72 5.66 -25.46 -2.25
C LEU A 72 7.03 -25.48 -1.58
N ALA A 73 7.12 -24.84 -0.42
CA ALA A 73 8.34 -24.81 0.37
C ALA A 73 8.84 -26.23 0.61
N THR A 74 10.15 -26.43 0.47
CA THR A 74 10.74 -27.76 0.56
C THR A 74 10.58 -28.35 1.96
N GLY A 75 9.38 -28.88 2.23
CA GLY A 75 9.12 -29.58 3.47
C GLY A 75 8.81 -31.04 3.19
N ARG A 76 9.77 -31.91 3.45
CA ARG A 76 9.68 -33.30 3.05
C ARG A 76 10.01 -34.21 4.23
N GLY A 77 9.31 -35.32 4.30
CA GLY A 77 9.56 -36.32 5.32
C GLY A 77 9.58 -37.71 4.73
N PHE A 78 9.59 -38.73 5.58
CA PHE A 78 9.58 -40.11 5.12
C PHE A 78 8.50 -40.91 5.84
N ASP A 79 8.00 -41.93 5.17
CA ASP A 79 6.96 -42.80 5.69
C ASP A 79 6.93 -44.10 4.91
N GLN A 80 7.56 -45.13 5.46
CA GLN A 80 7.71 -46.42 4.77
C GLN A 80 6.78 -47.46 5.38
N GLY A 1 -19.20 -14.25 -3.53
CA GLY A 1 -18.80 -12.83 -3.42
C GLY A 1 -18.92 -12.11 -4.74
N PRO A 2 -18.41 -10.86 -4.84
CA PRO A 2 -18.49 -10.06 -6.06
C PRO A 2 -17.50 -10.54 -7.13
N GLY A 3 -17.92 -10.43 -8.39
CA GLY A 3 -17.05 -10.75 -9.50
C GLY A 3 -16.53 -9.50 -10.18
N SER A 4 -15.31 -9.55 -10.68
CA SER A 4 -14.70 -8.40 -11.33
C SER A 4 -15.37 -8.10 -12.68
N MET A 5 -16.22 -7.08 -12.68
CA MET A 5 -16.95 -6.66 -13.87
C MET A 5 -16.25 -5.48 -14.54
N SER A 6 -15.40 -4.79 -13.78
CA SER A 6 -14.66 -3.66 -14.31
C SER A 6 -13.65 -4.12 -15.35
N ILE A 7 -13.38 -3.25 -16.32
CA ILE A 7 -12.50 -3.59 -17.44
C ILE A 7 -11.03 -3.45 -17.04
N ASN A 8 -10.55 -4.42 -16.24
CA ASN A 8 -9.14 -4.52 -15.87
C ASN A 8 -8.62 -3.21 -15.26
N PRO A 9 -8.60 -3.10 -13.92
CA PRO A 9 -8.11 -1.90 -13.23
C PRO A 9 -6.58 -1.75 -13.28
N PHE A 10 -6.02 -1.76 -14.49
CA PHE A 10 -4.57 -1.74 -14.69
C PHE A 10 -4.03 -0.30 -14.66
N ASP A 11 -4.93 0.66 -14.61
CA ASP A 11 -4.55 2.08 -14.57
C ASP A 11 -4.53 2.60 -13.13
N ASP A 12 -5.36 2.00 -12.29
CA ASP A 12 -5.57 2.49 -10.92
C ASP A 12 -4.60 1.83 -9.94
N ASP A 13 -4.29 0.56 -10.17
CA ASP A 13 -3.50 -0.25 -9.25
C ASP A 13 -2.09 0.31 -9.04
N ASN A 14 -1.63 1.02 -10.06
CA ASN A 14 -0.28 1.61 -10.03
C ASN A 14 -0.20 2.82 -9.09
N GLY A 15 -1.36 3.32 -8.66
CA GLY A 15 -1.41 4.48 -7.79
C GLY A 15 -1.44 4.10 -6.32
N SER A 16 -0.42 3.37 -5.87
CA SER A 16 -0.37 2.89 -4.49
C SER A 16 1.06 2.97 -3.95
N PHE A 17 1.27 3.76 -2.88
CA PHE A 17 2.56 3.79 -2.18
C PHE A 17 2.85 2.45 -1.48
N PHE A 18 3.76 2.47 -0.49
CA PHE A 18 4.21 1.25 0.16
C PHE A 18 4.02 1.34 1.66
N VAL A 19 3.55 0.24 2.25
CA VAL A 19 3.27 0.18 3.69
C VAL A 19 3.34 -1.25 4.22
N LEU A 20 3.86 -1.35 5.44
CA LEU A 20 3.98 -2.60 6.16
C LEU A 20 2.92 -2.64 7.26
N VAL A 21 2.41 -3.81 7.59
CA VAL A 21 1.41 -3.95 8.63
C VAL A 21 1.68 -5.19 9.49
N ASN A 22 1.39 -5.07 10.78
CA ASN A 22 1.50 -6.18 11.72
C ASN A 22 0.10 -6.70 12.04
N ASP A 23 0.01 -7.97 12.41
CA ASP A 23 -1.31 -8.62 12.64
C ASP A 23 -2.10 -7.86 13.70
N GLU A 24 -1.39 -7.12 14.55
CA GLU A 24 -2.01 -6.32 15.61
C GLU A 24 -2.62 -5.02 15.05
N GLU A 25 -2.78 -4.96 13.72
CA GLU A 25 -3.38 -3.81 13.04
C GLU A 25 -2.48 -2.58 13.15
N GLN A 26 -1.21 -2.78 13.52
CA GLN A 26 -0.24 -1.70 13.58
C GLN A 26 0.37 -1.50 12.19
N HIS A 27 0.20 -0.31 11.64
CA HIS A 27 0.65 -0.01 10.28
C HIS A 27 1.78 1.02 10.29
N SER A 28 2.80 0.77 9.49
CA SER A 28 3.95 1.65 9.37
C SER A 28 4.55 1.51 7.97
N LEU A 29 5.71 2.13 7.74
CA LEU A 29 6.43 1.95 6.48
C LEU A 29 7.69 1.13 6.73
N TRP A 30 7.99 0.22 5.82
CA TRP A 30 9.12 -0.69 5.96
C TRP A 30 10.33 -0.20 5.17
N PRO A 31 11.54 -0.59 5.59
CA PRO A 31 12.77 -0.27 4.85
C PRO A 31 12.74 -0.88 3.44
N ALA A 32 12.32 -0.08 2.47
CA ALA A 32 12.16 -0.54 1.09
C ALA A 32 13.45 -1.09 0.51
N PHE A 33 14.56 -0.65 1.07
CA PHE A 33 15.88 -1.07 0.59
C PHE A 33 16.42 -2.23 1.41
N ALA A 34 15.52 -2.90 2.13
CA ALA A 34 15.90 -4.05 2.98
C ALA A 34 14.81 -5.11 2.95
N ASP A 35 15.09 -6.25 3.58
CA ASP A 35 14.14 -7.35 3.68
C ASP A 35 13.30 -7.23 4.95
N VAL A 36 12.01 -7.53 4.83
CA VAL A 36 11.09 -7.44 5.97
C VAL A 36 11.28 -8.63 6.91
N PRO A 37 11.42 -8.38 8.22
CA PRO A 37 11.54 -9.44 9.23
C PRO A 37 10.24 -10.25 9.38
N ALA A 38 10.34 -11.39 10.06
CA ALA A 38 9.20 -12.28 10.23
C ALA A 38 8.11 -11.66 11.10
N GLY A 39 6.87 -12.07 10.85
CA GLY A 39 5.74 -11.57 11.61
C GLY A 39 5.03 -10.42 10.91
N TRP A 40 5.80 -9.59 10.25
CA TRP A 40 5.28 -8.41 9.56
C TRP A 40 4.85 -8.78 8.14
N ARG A 41 3.79 -8.15 7.66
CA ARG A 41 3.27 -8.39 6.31
C ARG A 41 3.11 -7.07 5.56
N VAL A 42 3.67 -7.00 4.36
CA VAL A 42 3.53 -5.81 3.51
C VAL A 42 2.17 -5.84 2.80
N VAL A 43 1.50 -4.70 2.74
CA VAL A 43 0.20 -4.60 2.10
C VAL A 43 0.30 -3.86 0.76
N HIS A 44 1.26 -2.94 0.67
CA HIS A 44 1.50 -2.19 -0.56
C HIS A 44 3.01 -2.05 -0.81
N GLY A 45 3.42 -2.19 -2.07
CA GLY A 45 4.84 -2.22 -2.41
C GLY A 45 5.40 -0.85 -2.80
N GLU A 46 6.71 -0.80 -3.01
CA GLU A 46 7.43 0.45 -3.24
C GLU A 46 6.88 1.20 -4.46
N ALA A 47 6.74 2.53 -4.34
CA ALA A 47 6.14 3.34 -5.39
C ALA A 47 6.55 4.81 -5.27
N ASP A 48 6.15 5.62 -6.26
CA ASP A 48 6.61 6.99 -6.38
C ASP A 48 5.80 7.97 -5.54
N ARG A 49 6.23 9.24 -5.59
CA ARG A 49 5.58 10.35 -4.89
C ARG A 49 4.08 10.36 -5.15
N ALA A 50 3.70 10.18 -6.41
CA ALA A 50 2.29 10.13 -6.81
C ALA A 50 1.54 9.08 -5.98
N ALA A 51 2.08 7.87 -5.96
CA ALA A 51 1.46 6.74 -5.26
C ALA A 51 1.41 6.99 -3.74
N CYS A 52 2.40 7.73 -3.26
CA CYS A 52 2.48 8.15 -1.86
C CYS A 52 1.43 9.23 -1.57
N LEU A 53 1.08 10.01 -2.58
CA LEU A 53 -0.05 10.93 -2.49
C LEU A 53 -1.34 10.11 -2.51
N GLU A 54 -1.46 9.25 -3.51
CA GLU A 54 -2.62 8.37 -3.69
C GLU A 54 -2.88 7.53 -2.45
N TYR A 55 -1.85 7.30 -1.63
CA TYR A 55 -2.05 6.66 -0.30
C TYR A 55 -3.26 7.26 0.43
N ILE A 56 -3.53 8.54 0.19
CA ILE A 56 -4.68 9.21 0.78
C ILE A 56 -5.98 8.53 0.35
N GLU A 57 -6.08 8.25 -0.92
CA GLU A 57 -7.27 7.63 -1.50
C GLU A 57 -7.33 6.14 -1.14
N GLU A 58 -6.17 5.48 -1.24
CA GLU A 58 -6.04 4.05 -0.96
C GLU A 58 -6.64 3.67 0.39
N HIS A 59 -6.12 4.29 1.44
CA HIS A 59 -6.53 3.98 2.82
C HIS A 59 -6.05 2.58 3.23
N TRP A 60 -6.68 1.53 2.69
CA TRP A 60 -6.35 0.15 3.10
C TRP A 60 -7.05 -0.93 2.24
N PRO A 61 -8.40 -1.00 2.25
CA PRO A 61 -9.12 -2.18 1.75
C PRO A 61 -9.54 -2.11 0.28
N ASP A 62 -10.13 -3.21 -0.20
CA ASP A 62 -10.74 -3.31 -1.54
C ASP A 62 -9.71 -3.28 -2.67
N ILE A 63 -8.43 -3.37 -2.31
CA ILE A 63 -7.37 -3.31 -3.31
C ILE A 63 -7.05 -4.70 -3.90
N ARG A 64 -7.72 -5.03 -5.00
CA ARG A 64 -7.43 -6.26 -5.74
C ARG A 64 -6.89 -5.90 -7.13
N PRO A 65 -5.56 -5.82 -7.28
CA PRO A 65 -4.94 -5.38 -8.54
C PRO A 65 -4.86 -6.50 -9.59
N LYS A 66 -4.78 -7.75 -9.14
CA LYS A 66 -4.57 -8.87 -10.06
C LYS A 66 -5.86 -9.27 -10.76
N SER A 67 -5.91 -8.95 -12.05
CA SER A 67 -7.05 -9.30 -12.90
C SER A 67 -6.53 -9.67 -14.29
N LEU A 68 -6.68 -10.95 -14.65
CA LEU A 68 -6.18 -11.45 -15.93
C LEU A 68 -6.98 -10.88 -17.10
N ARG A 69 -8.30 -10.89 -16.96
CA ARG A 69 -9.19 -10.42 -18.02
C ARG A 69 -10.57 -10.15 -17.40
N ASP A 70 -11.31 -9.23 -18.01
CA ASP A 70 -12.65 -8.89 -17.53
C ASP A 70 -13.66 -9.94 -17.97
N LYS A 71 -14.81 -9.95 -17.33
CA LYS A 71 -15.89 -10.88 -17.66
C LYS A 71 -17.03 -10.14 -18.33
N LEU A 72 -16.74 -8.92 -18.80
CA LEU A 72 -17.75 -8.09 -19.45
C LEU A 72 -17.83 -8.45 -20.93
N ALA A 73 -16.65 -8.59 -21.57
CA ALA A 73 -16.59 -8.98 -22.97
C ALA A 73 -17.03 -10.42 -23.16
N THR A 74 -18.34 -10.65 -23.05
CA THR A 74 -18.92 -11.98 -23.15
C THR A 74 -19.18 -12.36 -24.62
N GLY A 75 -19.66 -11.38 -25.39
CA GLY A 75 -19.95 -11.62 -26.79
C GLY A 75 -20.94 -10.63 -27.36
N ARG A 76 -20.70 -9.35 -27.14
CA ARG A 76 -21.57 -8.31 -27.66
C ARG A 76 -21.14 -7.95 -29.08
N GLY A 77 -21.81 -8.55 -30.05
CA GLY A 77 -21.49 -8.28 -31.44
C GLY A 77 -22.37 -9.10 -32.37
N PHE A 78 -23.62 -8.65 -32.53
CA PHE A 78 -24.58 -9.36 -33.37
C PHE A 78 -25.13 -8.42 -34.44
N ASP A 79 -25.26 -8.94 -35.65
CA ASP A 79 -25.77 -8.16 -36.77
C ASP A 79 -26.52 -9.07 -37.73
N GLN A 80 -27.84 -9.06 -37.63
CA GLN A 80 -28.69 -9.88 -38.49
C GLN A 80 -28.80 -9.22 -39.87
N GLY A 1 -12.50 -4.27 8.71
CA GLY A 1 -11.22 -5.00 8.68
C GLY A 1 -10.88 -5.53 7.30
N PRO A 2 -9.77 -5.07 6.69
CA PRO A 2 -9.35 -5.51 5.35
C PRO A 2 -8.61 -6.85 5.40
N GLY A 3 -7.96 -7.19 4.28
CA GLY A 3 -7.23 -8.46 4.18
C GLY A 3 -7.88 -9.42 3.22
N SER A 4 -8.96 -8.96 2.57
CA SER A 4 -9.68 -9.77 1.60
C SER A 4 -8.96 -9.79 0.25
N MET A 5 -9.31 -10.77 -0.59
CA MET A 5 -8.76 -10.87 -1.94
C MET A 5 -9.40 -9.82 -2.85
N SER A 6 -10.55 -9.34 -2.44
CA SER A 6 -11.29 -8.31 -3.16
C SER A 6 -11.97 -7.37 -2.16
N ILE A 7 -11.64 -6.08 -2.23
CA ILE A 7 -12.22 -5.09 -1.34
C ILE A 7 -13.35 -4.32 -2.03
N ASN A 8 -13.03 -3.20 -2.69
CA ASN A 8 -14.03 -2.39 -3.38
C ASN A 8 -13.36 -1.65 -4.55
N PRO A 9 -14.09 -1.43 -5.66
CA PRO A 9 -13.55 -0.78 -6.87
C PRO A 9 -13.04 0.65 -6.61
N PHE A 10 -11.84 0.74 -6.07
CA PHE A 10 -11.12 2.00 -5.92
C PHE A 10 -9.70 1.81 -6.42
N ASP A 11 -9.46 2.19 -7.67
CA ASP A 11 -8.19 1.86 -8.32
C ASP A 11 -7.66 2.99 -9.21
N ASP A 12 -6.34 3.14 -9.17
CA ASP A 12 -5.59 3.97 -10.09
C ASP A 12 -4.13 3.55 -10.00
N ASP A 13 -3.81 2.46 -10.68
CA ASP A 13 -2.53 1.74 -10.50
C ASP A 13 -1.34 2.58 -10.94
N ASN A 14 -1.61 3.72 -11.53
CA ASN A 14 -0.56 4.63 -11.99
C ASN A 14 0.19 5.24 -10.79
N GLY A 15 -0.46 5.21 -9.64
CA GLY A 15 0.16 5.70 -8.42
C GLY A 15 -0.46 5.07 -7.19
N SER A 16 0.36 4.38 -6.41
CA SER A 16 -0.11 3.74 -5.18
C SER A 16 1.02 3.63 -4.15
N PHE A 17 0.78 4.20 -2.96
CA PHE A 17 1.75 4.17 -1.85
C PHE A 17 2.05 2.77 -1.30
N PHE A 18 2.84 2.78 -0.22
CA PHE A 18 3.31 1.58 0.44
C PHE A 18 2.96 1.62 1.91
N VAL A 19 2.48 0.49 2.45
CA VAL A 19 2.12 0.40 3.86
C VAL A 19 2.37 -1.03 4.37
N LEU A 20 3.05 -1.13 5.50
CA LEU A 20 3.42 -2.40 6.10
C LEU A 20 2.50 -2.74 7.27
N VAL A 21 2.08 -3.99 7.34
CA VAL A 21 1.36 -4.51 8.48
C VAL A 21 2.25 -5.54 9.18
N ASN A 22 2.07 -5.71 10.46
CA ASN A 22 2.83 -6.70 11.22
C ASN A 22 1.86 -7.65 11.90
N ASP A 23 2.22 -8.92 12.00
CA ASP A 23 1.34 -9.92 12.60
C ASP A 23 1.16 -9.67 14.09
N GLU A 24 1.95 -8.72 14.60
CA GLU A 24 1.75 -8.16 15.94
C GLU A 24 0.55 -7.20 15.93
N GLU A 25 -0.12 -7.11 14.78
CA GLU A 25 -1.27 -6.23 14.56
C GLU A 25 -0.86 -4.76 14.44
N GLN A 26 0.43 -4.53 14.21
CA GLN A 26 0.94 -3.18 13.92
C GLN A 26 0.60 -2.82 12.47
N HIS A 27 0.38 -1.54 12.20
CA HIS A 27 -0.01 -1.06 10.88
C HIS A 27 0.48 0.36 10.65
N SER A 28 1.40 0.52 9.70
CA SER A 28 2.01 1.82 9.40
C SER A 28 2.86 1.70 8.14
N LEU A 29 3.42 2.82 7.68
CA LEU A 29 4.33 2.82 6.53
C LEU A 29 5.72 2.40 7.00
N TRP A 30 6.55 1.94 6.06
CA TRP A 30 7.88 1.41 6.40
C TRP A 30 8.97 2.11 5.59
N PRO A 31 10.06 2.54 6.26
CA PRO A 31 11.19 3.17 5.59
C PRO A 31 11.98 2.17 4.75
N ALA A 32 11.83 2.29 3.43
CA ALA A 32 12.53 1.40 2.49
C ALA A 32 14.06 1.55 2.57
N PHE A 33 14.50 2.55 3.33
CA PHE A 33 15.93 2.81 3.51
C PHE A 33 16.51 1.89 4.59
N ALA A 34 15.63 1.21 5.31
CA ALA A 34 16.03 0.32 6.40
C ALA A 34 15.70 -1.13 6.07
N ASP A 35 16.27 -2.05 6.83
CA ASP A 35 15.99 -3.47 6.67
C ASP A 35 14.70 -3.84 7.39
N VAL A 36 13.84 -4.60 6.72
CA VAL A 36 12.53 -4.95 7.28
C VAL A 36 12.60 -6.32 7.98
N PRO A 37 12.63 -6.34 9.33
CA PRO A 37 12.83 -7.58 10.11
C PRO A 37 11.65 -8.56 9.99
N ALA A 38 11.91 -9.71 9.38
CA ALA A 38 10.88 -10.73 9.06
C ALA A 38 9.90 -10.96 10.22
N GLY A 39 8.68 -11.38 9.86
CA GLY A 39 7.62 -11.54 10.83
C GLY A 39 6.49 -10.55 10.60
N TRP A 40 6.52 -9.91 9.44
CA TRP A 40 5.53 -8.90 9.06
C TRP A 40 4.74 -9.37 7.84
N ARG A 41 3.92 -8.47 7.32
CA ARG A 41 3.11 -8.72 6.13
C ARG A 41 2.65 -7.38 5.54
N VAL A 42 2.92 -7.18 4.26
CA VAL A 42 2.70 -5.87 3.62
C VAL A 42 1.29 -5.80 3.02
N VAL A 43 0.70 -4.59 3.01
CA VAL A 43 -0.58 -4.39 2.33
C VAL A 43 -0.33 -3.90 0.90
N HIS A 44 0.73 -3.10 0.74
CA HIS A 44 1.19 -2.67 -0.59
C HIS A 44 2.66 -2.25 -0.51
N GLY A 45 3.45 -2.75 -1.44
CA GLY A 45 4.89 -2.52 -1.43
C GLY A 45 5.30 -1.13 -1.90
N GLU A 46 6.60 -0.97 -2.12
CA GLU A 46 7.25 0.32 -2.38
C GLU A 46 6.50 1.19 -3.39
N ALA A 47 6.70 2.50 -3.30
CA ALA A 47 6.00 3.46 -4.14
C ALA A 47 6.75 4.78 -4.24
N ASP A 48 6.40 5.58 -5.25
CA ASP A 48 6.95 6.92 -5.43
C ASP A 48 6.23 7.92 -4.52
N ARG A 49 6.81 9.11 -4.37
CA ARG A 49 6.23 10.16 -3.54
C ARG A 49 4.79 10.44 -3.97
N ALA A 50 4.57 10.54 -5.28
CA ALA A 50 3.24 10.79 -5.82
C ALA A 50 2.25 9.71 -5.36
N ALA A 51 2.71 8.48 -5.39
CA ALA A 51 1.91 7.30 -5.02
C ALA A 51 1.57 7.31 -3.51
N CYS A 52 2.52 7.82 -2.75
CA CYS A 52 2.37 8.03 -1.32
C CYS A 52 1.31 9.08 -1.06
N LEU A 53 1.28 10.09 -1.91
CA LEU A 53 0.19 11.08 -1.88
C LEU A 53 -1.10 10.44 -2.40
N GLU A 54 -0.97 9.62 -3.45
CA GLU A 54 -2.13 8.99 -4.11
C GLU A 54 -2.89 8.10 -3.14
N TYR A 55 -2.20 7.61 -2.11
CA TYR A 55 -2.88 6.90 -1.00
C TYR A 55 -4.13 7.66 -0.54
N ILE A 56 -4.17 8.97 -0.76
CA ILE A 56 -5.33 9.78 -0.40
C ILE A 56 -6.55 9.37 -1.22
N GLU A 57 -6.35 9.27 -2.53
CA GLU A 57 -7.40 8.98 -3.47
C GLU A 57 -7.80 7.51 -3.41
N GLU A 58 -6.80 6.64 -3.31
CA GLU A 58 -7.05 5.21 -3.30
C GLU A 58 -7.53 4.73 -1.93
N HIS A 59 -6.96 5.32 -0.87
CA HIS A 59 -7.31 5.00 0.53
C HIS A 59 -7.62 3.51 0.72
N TRP A 60 -6.57 2.70 0.74
CA TRP A 60 -6.70 1.24 0.83
C TRP A 60 -7.50 0.73 -0.37
N PRO A 61 -6.84 0.56 -1.53
CA PRO A 61 -7.50 0.18 -2.79
C PRO A 61 -7.77 -1.31 -2.89
N ASP A 62 -8.42 -1.71 -3.99
CA ASP A 62 -8.73 -3.11 -4.28
C ASP A 62 -7.51 -3.80 -4.90
N ILE A 63 -7.50 -5.12 -4.84
CA ILE A 63 -6.44 -5.90 -5.44
C ILE A 63 -6.61 -5.90 -6.96
N ARG A 64 -6.06 -4.86 -7.59
CA ARG A 64 -6.24 -4.58 -9.00
C ARG A 64 -5.76 -5.75 -9.87
N PRO A 65 -6.36 -5.91 -11.09
CA PRO A 65 -6.07 -7.03 -12.00
C PRO A 65 -4.58 -7.40 -12.09
N LYS A 66 -3.73 -6.40 -12.29
CA LYS A 66 -2.30 -6.66 -12.47
C LYS A 66 -1.62 -7.00 -11.15
N SER A 67 -2.19 -6.51 -10.06
CA SER A 67 -1.67 -6.78 -8.72
C SER A 67 -2.42 -7.97 -8.10
N LEU A 68 -3.18 -8.69 -8.94
CA LEU A 68 -3.95 -9.84 -8.49
C LEU A 68 -2.99 -10.93 -8.03
N ARG A 69 -2.67 -10.90 -6.75
CA ARG A 69 -1.82 -11.90 -6.12
C ARG A 69 -2.46 -12.34 -4.81
N ASP A 70 -3.80 -12.30 -4.79
CA ASP A 70 -4.59 -12.65 -3.61
C ASP A 70 -4.15 -11.84 -2.41
N LYS A 71 -4.06 -10.53 -2.63
CA LYS A 71 -3.64 -9.52 -1.67
C LYS A 71 -2.19 -9.75 -1.15
N LEU A 72 -1.78 -10.99 -0.96
CA LEU A 72 -0.60 -11.32 -0.17
C LEU A 72 0.67 -10.71 -0.78
N ALA A 73 0.75 -10.77 -2.10
CA ALA A 73 1.92 -10.29 -2.82
C ALA A 73 1.61 -9.00 -3.56
N THR A 74 2.44 -7.97 -3.33
CA THR A 74 2.29 -6.68 -3.98
C THR A 74 3.46 -5.76 -3.58
N GLY A 75 4.42 -5.60 -4.50
CA GLY A 75 5.60 -4.78 -4.23
C GLY A 75 6.05 -3.99 -5.44
N ARG A 76 7.22 -3.36 -5.33
CA ARG A 76 7.77 -2.56 -6.42
C ARG A 76 9.29 -2.71 -6.47
N GLY A 77 9.82 -2.94 -7.67
CA GLY A 77 11.25 -3.12 -7.84
C GLY A 77 11.71 -2.77 -9.23
N PHE A 78 12.20 -1.56 -9.40
CA PHE A 78 12.74 -1.11 -10.69
C PHE A 78 14.18 -0.64 -10.51
N ASP A 79 14.89 -0.48 -11.61
CA ASP A 79 16.29 -0.08 -11.58
C ASP A 79 16.58 0.83 -12.77
N GLN A 80 16.76 2.11 -12.49
CA GLN A 80 17.09 3.10 -13.50
C GLN A 80 18.39 3.79 -13.12
N GLY A 1 -9.97 17.31 21.13
CA GLY A 1 -10.87 18.44 21.48
C GLY A 1 -11.07 19.38 20.31
N PRO A 2 -10.14 20.33 20.11
CA PRO A 2 -10.23 21.33 19.04
C PRO A 2 -9.84 20.77 17.67
N GLY A 3 -10.21 21.49 16.61
CA GLY A 3 -9.81 21.11 15.27
C GLY A 3 -8.39 21.57 14.96
N SER A 4 -7.43 20.70 15.22
CA SER A 4 -6.01 21.01 15.05
C SER A 4 -5.69 21.58 13.66
N MET A 5 -5.13 22.78 13.64
CA MET A 5 -4.62 23.39 12.42
C MET A 5 -3.36 22.64 11.98
N SER A 6 -2.60 22.21 12.98
CA SER A 6 -1.29 21.58 12.79
C SER A 6 -1.35 20.37 11.85
N ILE A 7 -0.19 20.03 11.30
CA ILE A 7 0.00 18.82 10.53
C ILE A 7 0.77 17.81 11.38
N ASN A 8 0.06 16.80 11.86
CA ASN A 8 0.65 15.80 12.75
C ASN A 8 1.46 14.74 11.97
N PRO A 9 0.98 14.28 10.80
CA PRO A 9 1.76 13.35 9.96
C PRO A 9 2.97 14.03 9.32
N PHE A 10 4.16 13.69 9.78
CA PHE A 10 5.41 14.24 9.24
C PHE A 10 5.85 13.40 8.03
N ASP A 11 6.51 12.28 8.29
CA ASP A 11 6.88 11.32 7.24
C ASP A 11 5.94 10.12 7.36
N ASP A 12 4.65 10.41 7.28
CA ASP A 12 3.61 9.44 7.60
C ASP A 12 2.51 9.44 6.51
N ASP A 13 1.32 9.95 6.86
CA ASP A 13 0.16 9.97 5.95
C ASP A 13 0.48 10.62 4.61
N ASN A 14 1.38 11.59 4.64
CA ASN A 14 1.69 12.40 3.45
C ASN A 14 2.87 11.81 2.67
N GLY A 15 3.23 10.56 2.96
CA GLY A 15 4.33 9.91 2.26
C GLY A 15 3.86 9.10 1.06
N SER A 16 4.78 8.40 0.40
CA SER A 16 4.44 7.53 -0.73
C SER A 16 3.50 6.42 -0.29
N PHE A 17 2.75 5.82 -1.22
CA PHE A 17 1.96 4.66 -0.85
C PHE A 17 2.88 3.50 -0.54
N PHE A 18 3.04 3.26 0.75
CA PHE A 18 3.69 2.08 1.27
C PHE A 18 3.08 1.79 2.62
N VAL A 19 2.69 0.55 2.84
CA VAL A 19 1.88 0.22 4.01
C VAL A 19 2.30 -1.14 4.57
N LEU A 20 2.51 -1.19 5.87
CA LEU A 20 2.96 -2.40 6.55
C LEU A 20 1.92 -2.79 7.61
N VAL A 21 1.41 -4.02 7.52
CA VAL A 21 0.49 -4.53 8.53
C VAL A 21 1.17 -5.66 9.29
N ASN A 22 1.18 -5.52 10.61
CA ASN A 22 1.78 -6.53 11.48
C ASN A 22 0.77 -7.63 11.76
N ASP A 23 1.26 -8.85 11.91
CA ASP A 23 0.40 -10.02 12.14
C ASP A 23 -0.49 -9.82 13.36
N GLU A 24 -0.05 -8.95 14.26
CA GLU A 24 -0.80 -8.64 15.48
C GLU A 24 -1.82 -7.51 15.24
N GLU A 25 -2.20 -7.35 13.96
CA GLU A 25 -3.24 -6.39 13.55
C GLU A 25 -2.79 -4.94 13.72
N GLN A 26 -1.49 -4.71 13.80
CA GLN A 26 -0.96 -3.36 13.88
C GLN A 26 -0.85 -2.75 12.49
N HIS A 27 -1.59 -1.67 12.26
CA HIS A 27 -1.55 -0.96 10.98
C HIS A 27 -0.52 0.16 11.06
N SER A 28 0.52 0.07 10.24
CA SER A 28 1.63 1.02 10.31
C SER A 28 2.31 1.15 8.95
N LEU A 29 3.43 1.88 8.93
CA LEU A 29 4.27 1.99 7.76
C LEU A 29 5.70 1.61 8.12
N TRP A 30 6.62 1.76 7.18
CA TRP A 30 8.01 1.43 7.41
C TRP A 30 8.92 2.40 6.66
N PRO A 31 9.91 3.00 7.34
CA PRO A 31 10.88 3.90 6.70
C PRO A 31 11.57 3.22 5.51
N ALA A 32 11.60 3.91 4.37
CA ALA A 32 12.11 3.33 3.12
C ALA A 32 13.50 2.68 3.27
N PHE A 33 14.30 3.20 4.20
CA PHE A 33 15.66 2.68 4.41
C PHE A 33 15.63 1.43 5.29
N ALA A 34 14.63 1.33 6.14
CA ALA A 34 14.53 0.23 7.09
C ALA A 34 14.11 -1.06 6.40
N ASP A 35 14.48 -2.19 7.00
CA ASP A 35 14.09 -3.50 6.48
C ASP A 35 12.82 -3.98 7.17
N VAL A 36 11.93 -4.60 6.41
CA VAL A 36 10.69 -5.14 6.95
C VAL A 36 10.95 -6.49 7.62
N PRO A 37 10.84 -6.57 8.96
CA PRO A 37 11.08 -7.81 9.71
C PRO A 37 10.18 -8.95 9.23
N ALA A 38 10.77 -10.12 9.02
CA ALA A 38 10.04 -11.28 8.55
C ALA A 38 8.91 -11.65 9.50
N GLY A 39 7.74 -11.93 8.95
CA GLY A 39 6.58 -12.26 9.76
C GLY A 39 5.48 -11.23 9.64
N TRP A 40 5.87 -10.00 9.29
CA TRP A 40 4.90 -8.93 9.03
C TRP A 40 4.56 -8.94 7.54
N ARG A 41 3.37 -8.43 7.19
CA ARG A 41 2.93 -8.45 5.79
C ARG A 41 2.93 -7.04 5.23
N VAL A 42 3.62 -6.85 4.12
CA VAL A 42 3.66 -5.55 3.46
C VAL A 42 2.55 -5.43 2.41
N VAL A 43 1.71 -4.42 2.55
CA VAL A 43 0.64 -4.15 1.59
C VAL A 43 1.25 -3.58 0.30
N HIS A 44 2.22 -2.70 0.48
CA HIS A 44 2.96 -2.13 -0.64
C HIS A 44 4.27 -1.54 -0.13
N GLY A 45 5.34 -1.70 -0.91
CA GLY A 45 6.64 -1.19 -0.52
C GLY A 45 6.85 0.25 -0.91
N GLU A 46 8.08 0.73 -0.76
CA GLU A 46 8.47 2.11 -1.09
C GLU A 46 8.03 2.46 -2.52
N ALA A 47 7.54 3.67 -2.71
CA ALA A 47 6.90 4.05 -3.96
C ALA A 47 7.20 5.51 -4.36
N ASP A 48 6.61 5.92 -5.49
CA ASP A 48 6.90 7.22 -6.11
C ASP A 48 5.92 8.31 -5.62
N ARG A 49 6.13 9.52 -6.15
CA ARG A 49 5.35 10.70 -5.76
C ARG A 49 3.85 10.52 -6.06
N ALA A 50 3.54 9.94 -7.22
CA ALA A 50 2.14 9.67 -7.57
C ALA A 50 1.52 8.70 -6.56
N ALA A 51 2.35 7.76 -6.10
CA ALA A 51 1.95 6.83 -5.06
C ALA A 51 1.78 7.56 -3.72
N CYS A 52 2.55 8.61 -3.53
CA CYS A 52 2.35 9.50 -2.39
C CYS A 52 0.95 10.07 -2.45
N LEU A 53 0.58 10.57 -3.63
CA LEU A 53 -0.76 11.11 -3.85
C LEU A 53 -1.83 10.06 -3.55
N GLU A 54 -1.50 8.80 -3.80
CA GLU A 54 -2.43 7.70 -3.54
C GLU A 54 -2.63 7.51 -2.03
N TYR A 55 -1.52 7.36 -1.29
CA TYR A 55 -1.59 7.04 0.13
C TYR A 55 -2.24 8.15 0.94
N ILE A 56 -1.87 9.40 0.66
CA ILE A 56 -2.43 10.54 1.37
C ILE A 56 -3.94 10.67 1.10
N GLU A 57 -4.33 10.42 -0.14
CA GLU A 57 -5.72 10.57 -0.55
C GLU A 57 -6.57 9.43 0.01
N GLU A 58 -5.98 8.23 0.08
CA GLU A 58 -6.60 7.10 0.75
C GLU A 58 -6.72 7.40 2.24
N HIS A 59 -5.68 8.05 2.77
CA HIS A 59 -5.60 8.45 4.17
C HIS A 59 -5.83 7.25 5.08
N TRP A 60 -5.02 6.20 4.87
CA TRP A 60 -5.13 4.96 5.63
C TRP A 60 -5.08 5.26 7.15
N PRO A 61 -4.14 6.11 7.61
CA PRO A 61 -4.17 6.60 8.99
C PRO A 61 -5.31 7.61 9.18
N ASP A 62 -6.40 7.15 9.80
CA ASP A 62 -7.57 8.00 10.03
C ASP A 62 -7.17 9.24 10.82
N ILE A 63 -6.54 8.99 11.98
CA ILE A 63 -6.06 10.03 12.91
C ILE A 63 -7.05 11.19 13.12
N ARG A 64 -7.21 12.06 12.12
CA ARG A 64 -8.12 13.18 12.20
C ARG A 64 -8.43 13.69 10.79
N PRO A 65 -9.51 13.19 10.18
CA PRO A 65 -9.96 13.64 8.86
C PRO A 65 -10.46 15.08 8.89
N LYS A 66 -9.53 16.02 8.76
CA LYS A 66 -9.86 17.46 8.79
C LYS A 66 -10.45 17.90 7.45
N SER A 67 -10.46 16.99 6.48
CA SER A 67 -10.81 17.31 5.09
C SER A 67 -9.82 18.33 4.53
N LEU A 68 -9.96 19.58 4.94
CA LEU A 68 -8.96 20.60 4.63
C LEU A 68 -7.68 20.29 5.38
N ARG A 69 -6.65 19.89 4.62
CA ARG A 69 -5.38 19.47 5.21
C ARG A 69 -4.74 20.62 5.99
N ASP A 70 -4.92 21.83 5.48
CA ASP A 70 -4.54 23.04 6.21
C ASP A 70 -5.73 23.99 6.27
N LYS A 71 -5.70 24.93 7.20
CA LYS A 71 -6.77 25.91 7.36
C LYS A 71 -6.24 27.30 7.04
N LEU A 72 -5.68 27.47 5.85
CA LEU A 72 -5.13 28.75 5.41
C LEU A 72 -5.47 29.01 3.94
N ALA A 73 -5.46 27.95 3.15
CA ALA A 73 -5.79 28.06 1.72
C ALA A 73 -7.27 28.36 1.50
N THR A 74 -7.59 29.64 1.39
CA THR A 74 -8.95 30.08 1.14
C THR A 74 -9.30 29.89 -0.35
N GLY A 75 -9.95 28.77 -0.65
CA GLY A 75 -10.32 28.48 -2.03
C GLY A 75 -11.54 27.58 -2.12
N ARG A 76 -11.87 27.15 -3.33
CA ARG A 76 -13.02 26.30 -3.57
C ARG A 76 -12.77 24.89 -3.00
N GLY A 77 -13.00 24.74 -1.70
CA GLY A 77 -12.86 23.44 -1.07
C GLY A 77 -14.02 22.53 -1.41
N PHE A 78 -15.24 23.01 -1.11
CA PHE A 78 -16.49 22.31 -1.42
C PHE A 78 -16.71 21.09 -0.51
N ASP A 79 -15.65 20.37 -0.18
CA ASP A 79 -15.73 19.17 0.63
C ASP A 79 -16.04 19.51 2.08
N GLN A 80 -17.30 19.75 2.33
CA GLN A 80 -17.83 19.98 3.68
C GLN A 80 -18.72 18.81 4.08
N GLY A 1 -21.04 -5.63 10.90
CA GLY A 1 -21.58 -4.43 11.59
C GLY A 1 -21.08 -3.14 10.98
N PRO A 2 -21.05 -2.04 11.74
CA PRO A 2 -20.53 -0.74 11.27
C PRO A 2 -19.01 -0.74 11.17
N GLY A 3 -18.43 0.46 11.06
CA GLY A 3 -16.98 0.57 10.94
C GLY A 3 -16.52 0.37 9.51
N SER A 4 -16.96 -0.73 8.91
CA SER A 4 -16.67 -1.01 7.50
C SER A 4 -17.36 0.03 6.62
N MET A 5 -16.59 0.98 6.11
CA MET A 5 -17.11 2.09 5.30
C MET A 5 -17.93 1.57 4.12
N SER A 6 -17.26 0.87 3.21
CA SER A 6 -17.90 0.29 2.03
C SER A 6 -17.06 -0.86 1.51
N ILE A 7 -17.61 -2.07 1.55
CA ILE A 7 -16.91 -3.26 1.07
C ILE A 7 -16.79 -3.22 -0.46
N ASN A 8 -15.73 -2.59 -0.95
CA ASN A 8 -15.48 -2.49 -2.38
C ASN A 8 -14.35 -3.44 -2.79
N PRO A 9 -14.66 -4.45 -3.63
CA PRO A 9 -13.64 -5.31 -4.23
C PRO A 9 -12.82 -4.53 -5.25
N PHE A 10 -11.91 -3.71 -4.75
CA PHE A 10 -11.10 -2.84 -5.59
C PHE A 10 -10.02 -3.63 -6.31
N ASP A 11 -9.53 -3.08 -7.42
CA ASP A 11 -8.42 -3.66 -8.15
C ASP A 11 -7.13 -2.93 -7.77
N ASP A 12 -6.00 -3.62 -7.87
CA ASP A 12 -4.71 -3.08 -7.44
C ASP A 12 -4.03 -2.39 -8.62
N ASP A 13 -4.81 -1.58 -9.34
CA ASP A 13 -4.39 -1.04 -10.65
C ASP A 13 -3.44 0.16 -10.54
N ASN A 14 -3.97 1.33 -10.17
CA ASN A 14 -3.22 2.60 -10.30
C ASN A 14 -2.05 2.68 -9.31
N GLY A 15 -2.20 2.03 -8.18
CA GLY A 15 -1.18 2.08 -7.15
C GLY A 15 -1.36 3.25 -6.21
N SER A 16 -2.60 3.57 -5.89
CA SER A 16 -2.92 4.69 -4.98
C SER A 16 -2.58 4.32 -3.52
N PHE A 17 -1.36 3.81 -3.31
CA PHE A 17 -1.08 3.07 -2.08
C PHE A 17 0.41 2.90 -1.78
N PHE A 18 0.75 2.98 -0.49
CA PHE A 18 1.87 2.23 0.07
C PHE A 18 1.53 1.96 1.53
N VAL A 19 1.65 0.72 1.99
CA VAL A 19 1.09 0.35 3.31
C VAL A 19 1.86 -0.80 3.97
N LEU A 20 2.37 -0.53 5.17
CA LEU A 20 3.02 -1.54 5.98
C LEU A 20 2.02 -2.12 6.99
N VAL A 21 2.15 -3.41 7.28
CA VAL A 21 1.30 -4.07 8.26
C VAL A 21 2.16 -4.83 9.27
N ASN A 22 1.94 -4.55 10.54
CA ASN A 22 2.66 -5.20 11.62
C ASN A 22 2.08 -6.60 11.84
N ASP A 23 2.93 -7.55 12.20
CA ASP A 23 2.47 -8.89 12.60
C ASP A 23 1.53 -8.77 13.82
N GLU A 24 1.61 -7.61 14.46
CA GLU A 24 0.74 -7.24 15.59
C GLU A 24 -0.68 -6.94 15.11
N GLU A 25 -0.91 -7.06 13.80
CA GLU A 25 -2.21 -6.79 13.16
C GLU A 25 -2.48 -5.28 13.12
N GLN A 26 -1.44 -4.50 13.36
CA GLN A 26 -1.49 -3.05 13.20
C GLN A 26 -1.08 -2.70 11.76
N HIS A 27 -1.42 -1.51 11.29
CA HIS A 27 -1.09 -1.12 9.91
C HIS A 27 -0.92 0.39 9.79
N SER A 28 0.06 0.81 8.99
CA SER A 28 0.35 2.22 8.79
C SER A 28 1.33 2.38 7.61
N LEU A 29 1.91 3.56 7.47
CA LEU A 29 2.89 3.82 6.41
C LEU A 29 4.31 3.59 6.92
N TRP A 30 5.25 3.42 5.99
CA TRP A 30 6.64 3.13 6.33
C TRP A 30 7.59 3.92 5.44
N PRO A 31 8.78 4.32 5.98
CA PRO A 31 9.78 5.05 5.22
C PRO A 31 10.43 4.17 4.15
N ALA A 32 10.24 4.54 2.88
CA ALA A 32 10.75 3.78 1.75
C ALA A 32 12.29 3.70 1.77
N PHE A 33 12.92 4.63 2.48
CA PHE A 33 14.38 4.66 2.57
C PHE A 33 14.86 3.67 3.63
N ALA A 34 13.97 3.29 4.54
CA ALA A 34 14.31 2.35 5.61
C ALA A 34 14.13 0.91 5.13
N ASP A 35 14.91 0.01 5.69
CA ASP A 35 14.80 -1.41 5.37
C ASP A 35 13.92 -2.09 6.40
N VAL A 36 12.74 -2.53 5.98
CA VAL A 36 11.77 -3.14 6.88
C VAL A 36 12.09 -4.61 7.14
N PRO A 37 12.32 -4.99 8.41
CA PRO A 37 12.67 -6.36 8.81
C PRO A 37 11.46 -7.30 8.80
N ALA A 38 11.73 -8.60 9.00
CA ALA A 38 10.68 -9.62 9.03
C ALA A 38 9.74 -9.40 10.22
N GLY A 39 8.49 -9.84 10.07
CA GLY A 39 7.49 -9.59 11.09
C GLY A 39 6.67 -8.37 10.75
N TRP A 40 7.29 -7.44 10.04
CA TRP A 40 6.62 -6.25 9.54
C TRP A 40 6.39 -6.43 8.05
N ARG A 41 5.19 -6.84 7.67
CA ARG A 41 4.88 -7.19 6.29
C ARG A 41 4.18 -6.06 5.57
N VAL A 42 4.74 -5.67 4.42
CA VAL A 42 4.15 -4.61 3.61
C VAL A 42 3.03 -5.17 2.73
N VAL A 43 1.81 -4.66 2.91
CA VAL A 43 0.64 -5.19 2.20
C VAL A 43 0.51 -4.52 0.83
N HIS A 44 1.03 -3.31 0.75
CA HIS A 44 1.11 -2.57 -0.51
C HIS A 44 2.52 -2.01 -0.66
N GLY A 45 3.27 -2.61 -1.56
CA GLY A 45 4.69 -2.34 -1.68
C GLY A 45 5.04 -0.90 -2.00
N GLU A 46 6.34 -0.62 -1.97
CA GLU A 46 6.88 0.69 -2.30
C GLU A 46 6.53 1.06 -3.74
N ALA A 47 6.12 2.31 -3.94
CA ALA A 47 5.66 2.75 -5.25
C ALA A 47 5.97 4.24 -5.48
N ASP A 48 5.54 4.74 -6.63
CA ASP A 48 5.84 6.12 -7.06
C ASP A 48 5.34 7.16 -6.05
N ARG A 49 5.91 8.37 -6.14
CA ARG A 49 5.49 9.48 -5.30
C ARG A 49 3.98 9.69 -5.45
N ALA A 50 3.48 9.64 -6.68
CA ALA A 50 2.05 9.78 -6.94
C ALA A 50 1.28 8.65 -6.27
N ALA A 51 1.89 7.48 -6.20
CA ALA A 51 1.26 6.31 -5.61
C ALA A 51 1.05 6.49 -4.11
N CYS A 52 2.08 7.06 -3.46
CA CYS A 52 2.01 7.41 -2.05
C CYS A 52 1.14 8.64 -1.83
N LEU A 53 1.18 9.58 -2.77
CA LEU A 53 0.38 10.81 -2.69
C LEU A 53 -1.10 10.48 -2.77
N GLU A 54 -1.43 9.46 -3.54
CA GLU A 54 -2.79 8.96 -3.60
C GLU A 54 -3.10 8.11 -2.36
N TYR A 55 -2.11 7.32 -1.89
CA TYR A 55 -2.30 6.55 -0.65
C TYR A 55 -2.91 7.39 0.48
N ILE A 56 -2.41 8.61 0.69
CA ILE A 56 -2.91 9.43 1.80
C ILE A 56 -4.39 9.76 1.64
N GLU A 57 -4.81 10.04 0.41
CA GLU A 57 -6.19 10.42 0.14
C GLU A 57 -7.12 9.21 0.23
N GLU A 58 -6.69 8.09 -0.34
CA GLU A 58 -7.49 6.85 -0.36
C GLU A 58 -7.44 6.13 1.00
N HIS A 59 -6.25 6.10 1.60
CA HIS A 59 -6.00 5.54 2.94
C HIS A 59 -5.80 4.02 2.93
N TRP A 60 -6.09 3.36 1.80
CA TRP A 60 -5.92 1.91 1.69
C TRP A 60 -6.22 1.40 0.26
N PRO A 61 -7.42 1.68 -0.29
CA PRO A 61 -7.84 1.13 -1.59
C PRO A 61 -7.13 1.79 -2.77
N ASP A 62 -7.46 1.34 -3.97
CA ASP A 62 -6.86 1.89 -5.19
C ASP A 62 -7.92 2.59 -6.04
N ILE A 63 -9.07 1.94 -6.23
CA ILE A 63 -10.17 2.53 -6.97
C ILE A 63 -10.64 3.80 -6.26
N ARG A 64 -10.45 4.93 -6.92
CA ARG A 64 -10.57 6.24 -6.27
C ARG A 64 -11.97 6.81 -6.41
N PRO A 65 -12.72 6.94 -5.29
CA PRO A 65 -13.95 7.73 -5.27
C PRO A 65 -13.60 9.21 -5.42
N LYS A 66 -12.38 9.55 -4.98
CA LYS A 66 -11.81 10.88 -5.13
C LYS A 66 -12.67 11.93 -4.42
N SER A 67 -13.58 11.47 -3.57
CA SER A 67 -14.49 12.35 -2.86
C SER A 67 -14.87 11.75 -1.51
N LEU A 68 -15.41 12.59 -0.62
CA LEU A 68 -15.76 12.15 0.72
C LEU A 68 -16.92 11.16 0.71
N ARG A 69 -16.58 9.87 0.70
CA ARG A 69 -17.56 8.81 0.89
C ARG A 69 -17.55 8.40 2.37
N ASP A 70 -18.57 8.83 3.10
CA ASP A 70 -18.62 8.61 4.54
C ASP A 70 -19.78 7.69 4.91
N LYS A 71 -19.55 6.87 5.92
CA LYS A 71 -20.58 5.97 6.46
C LYS A 71 -20.84 6.33 7.92
N LEU A 72 -20.29 7.45 8.34
CA LEU A 72 -20.28 7.82 9.75
C LEU A 72 -20.67 9.30 9.89
N ALA A 73 -21.96 9.56 9.73
CA ALA A 73 -22.50 10.91 9.95
C ALA A 73 -22.72 11.14 11.44
N THR A 74 -21.64 11.48 12.15
CA THR A 74 -21.70 11.72 13.58
C THR A 74 -22.52 12.97 13.91
N GLY A 75 -22.49 13.94 12.98
CA GLY A 75 -23.22 15.17 13.18
C GLY A 75 -22.58 16.06 14.22
N ARG A 76 -23.40 16.77 14.98
CA ARG A 76 -22.91 17.67 16.02
C ARG A 76 -23.79 17.56 17.27
N GLY A 77 -24.43 16.41 17.42
CA GLY A 77 -25.31 16.18 18.56
C GLY A 77 -26.74 16.59 18.26
N PHE A 78 -27.35 15.93 17.28
CA PHE A 78 -28.71 16.27 16.88
C PHE A 78 -29.73 15.45 17.67
N ASP A 79 -30.89 16.05 17.91
CA ASP A 79 -31.99 15.39 18.61
C ASP A 79 -32.61 14.31 17.72
N GLN A 80 -32.99 14.72 16.51
CA GLN A 80 -33.63 13.83 15.56
C GLN A 80 -33.81 14.58 14.24
N GLY A 1 -24.93 5.51 2.46
CA GLY A 1 -24.53 4.13 2.08
C GLY A 1 -24.57 3.94 0.58
N PRO A 2 -23.44 4.18 -0.13
CA PRO A 2 -23.39 4.08 -1.57
C PRO A 2 -23.18 2.63 -2.06
N GLY A 3 -23.99 2.23 -3.03
CA GLY A 3 -23.78 0.96 -3.70
C GLY A 3 -22.90 1.13 -4.92
N SER A 4 -21.71 1.69 -4.68
CA SER A 4 -20.83 2.13 -5.73
C SER A 4 -20.03 0.99 -6.35
N MET A 5 -20.25 0.76 -7.64
CA MET A 5 -19.39 -0.09 -8.45
C MET A 5 -18.19 0.73 -8.88
N SER A 6 -18.50 1.85 -9.52
CA SER A 6 -17.53 2.86 -9.92
C SER A 6 -18.24 4.17 -10.22
N ILE A 7 -18.02 5.17 -9.39
CA ILE A 7 -18.72 6.45 -9.53
C ILE A 7 -18.06 7.30 -10.60
N ASN A 8 -16.81 7.70 -10.33
CA ASN A 8 -16.01 8.49 -11.26
C ASN A 8 -14.63 8.79 -10.64
N PRO A 9 -14.56 9.24 -9.37
CA PRO A 9 -13.29 9.39 -8.66
C PRO A 9 -12.83 8.06 -8.06
N PHE A 10 -11.64 8.07 -7.45
CA PHE A 10 -11.04 6.86 -6.87
C PHE A 10 -10.66 5.87 -7.97
N ASP A 11 -9.41 5.99 -8.43
CA ASP A 11 -8.85 5.15 -9.50
C ASP A 11 -7.46 5.67 -9.87
N ASP A 12 -6.67 4.82 -10.53
CA ASP A 12 -5.33 5.17 -10.97
C ASP A 12 -4.77 4.10 -11.90
N ASP A 13 -3.94 4.52 -12.85
CA ASP A 13 -3.36 3.63 -13.88
C ASP A 13 -2.65 2.44 -13.25
N ASN A 14 -1.63 2.73 -12.45
CA ASN A 14 -0.84 1.69 -11.80
C ASN A 14 -1.55 1.22 -10.54
N GLY A 15 -2.41 2.07 -10.02
CA GLY A 15 -3.05 1.81 -8.75
C GLY A 15 -2.17 2.29 -7.62
N SER A 16 -2.12 3.60 -7.46
CA SER A 16 -1.29 4.23 -6.42
C SER A 16 -1.72 3.72 -5.03
N PHE A 17 -0.85 2.86 -4.52
CA PHE A 17 -1.17 1.95 -3.40
C PHE A 17 0.15 1.38 -2.88
N PHE A 18 0.72 1.85 -1.78
CA PHE A 18 1.90 1.17 -1.21
C PHE A 18 1.95 1.38 0.28
N VAL A 19 2.13 0.30 1.03
CA VAL A 19 2.08 0.37 2.49
C VAL A 19 2.67 -0.86 3.17
N LEU A 20 3.36 -0.63 4.29
CA LEU A 20 3.71 -1.70 5.20
C LEU A 20 2.75 -1.67 6.39
N VAL A 21 2.07 -2.79 6.65
CA VAL A 21 1.12 -2.87 7.75
C VAL A 21 1.62 -3.85 8.81
N ASN A 22 1.71 -3.39 10.04
CA ASN A 22 2.22 -4.22 11.14
C ASN A 22 1.06 -4.83 11.92
N ASP A 23 1.34 -5.91 12.63
CA ASP A 23 0.36 -6.53 13.53
C ASP A 23 -0.03 -5.52 14.61
N GLU A 24 0.83 -4.53 14.79
CA GLU A 24 0.63 -3.45 15.76
C GLU A 24 -0.39 -2.43 15.24
N GLU A 25 -1.06 -2.78 14.14
CA GLU A 25 -2.06 -1.93 13.49
C GLU A 25 -1.42 -0.69 12.90
N GLN A 26 -0.10 -0.72 12.76
CA GLN A 26 0.63 0.33 12.07
C GLN A 26 0.47 0.13 10.56
N HIS A 27 0.43 1.22 9.82
CA HIS A 27 0.33 1.15 8.36
C HIS A 27 0.94 2.40 7.73
N SER A 28 2.15 2.25 7.21
CA SER A 28 2.89 3.36 6.63
C SER A 28 4.15 2.86 5.92
N LEU A 29 5.01 3.78 5.52
CA LEU A 29 6.27 3.47 4.86
C LEU A 29 7.33 3.07 5.89
N TRP A 30 8.43 2.49 5.40
CA TRP A 30 9.49 1.96 6.27
C TRP A 30 10.88 2.20 5.66
N PRO A 31 11.94 2.25 6.51
CA PRO A 31 13.32 2.41 6.03
C PRO A 31 13.79 1.17 5.26
N ALA A 32 13.67 1.24 3.94
CA ALA A 32 14.00 0.11 3.07
C ALA A 32 15.49 -0.20 3.08
N PHE A 33 16.30 0.76 3.51
CA PHE A 33 17.75 0.59 3.54
C PHE A 33 18.18 -0.20 4.78
N ALA A 34 17.32 -0.22 5.79
CA ALA A 34 17.62 -0.88 7.06
C ALA A 34 17.02 -2.29 7.08
N ASP A 35 17.30 -3.02 8.16
CA ASP A 35 16.72 -4.36 8.36
C ASP A 35 15.29 -4.23 8.88
N VAL A 36 14.41 -5.06 8.37
CA VAL A 36 13.00 -5.03 8.74
C VAL A 36 12.67 -6.20 9.69
N PRO A 37 12.02 -5.91 10.84
CA PRO A 37 11.80 -6.90 11.92
C PRO A 37 10.69 -7.93 11.62
N ALA A 38 10.31 -8.68 12.65
CA ALA A 38 9.16 -9.58 12.58
C ALA A 38 7.86 -8.82 12.90
N GLY A 39 6.74 -9.29 12.35
CA GLY A 39 5.44 -8.81 12.79
C GLY A 39 4.80 -7.79 11.86
N TRP A 40 5.14 -7.84 10.58
CA TRP A 40 4.53 -6.96 9.59
C TRP A 40 4.03 -7.75 8.38
N ARG A 41 3.36 -7.04 7.49
CA ARG A 41 2.91 -7.58 6.22
C ARG A 41 2.77 -6.41 5.24
N VAL A 42 3.41 -6.50 4.09
CA VAL A 42 3.37 -5.44 3.11
C VAL A 42 2.21 -5.67 2.15
N VAL A 43 1.41 -4.63 1.90
CA VAL A 43 0.26 -4.76 0.99
C VAL A 43 0.69 -4.39 -0.42
N HIS A 44 1.75 -3.59 -0.49
CA HIS A 44 2.40 -3.21 -1.74
C HIS A 44 3.68 -2.49 -1.41
N GLY A 45 4.77 -2.90 -2.06
CA GLY A 45 6.12 -2.50 -1.67
C GLY A 45 6.46 -1.07 -2.01
N GLU A 46 7.16 -0.42 -1.07
CA GLU A 46 7.54 1.00 -1.14
C GLU A 46 7.65 1.57 -2.56
N ALA A 47 6.89 2.64 -2.79
CA ALA A 47 6.93 3.39 -4.05
C ALA A 47 7.06 4.88 -3.74
N ASP A 48 7.05 5.69 -4.79
CA ASP A 48 7.09 7.14 -4.64
C ASP A 48 6.01 7.63 -3.68
N ARG A 49 6.28 8.76 -3.04
CA ARG A 49 5.38 9.32 -2.04
C ARG A 49 3.99 9.48 -2.62
N ALA A 50 3.91 9.74 -3.93
CA ALA A 50 2.63 9.87 -4.62
C ALA A 50 1.86 8.54 -4.63
N ALA A 51 2.59 7.47 -4.94
CA ALA A 51 2.01 6.12 -5.02
C ALA A 51 1.47 5.65 -3.65
N CYS A 52 2.26 6.00 -2.62
CA CYS A 52 1.91 5.76 -1.21
C CYS A 52 0.80 6.71 -0.72
N LEU A 53 0.85 7.97 -1.14
CA LEU A 53 -0.15 8.96 -0.72
C LEU A 53 -1.49 8.64 -1.34
N GLU A 54 -1.48 8.32 -2.62
CA GLU A 54 -2.69 7.90 -3.28
C GLU A 54 -3.14 6.54 -2.76
N TYR A 55 -2.23 5.69 -2.24
CA TYR A 55 -2.69 4.57 -1.40
C TYR A 55 -3.74 5.05 -0.37
N ILE A 56 -3.36 5.97 0.53
CA ILE A 56 -4.28 6.42 1.59
C ILE A 56 -5.44 7.23 1.02
N GLU A 57 -5.15 8.01 -0.03
CA GLU A 57 -6.17 8.84 -0.68
C GLU A 57 -7.26 7.96 -1.28
N GLU A 58 -6.84 6.88 -1.93
CA GLU A 58 -7.72 5.89 -2.52
C GLU A 58 -8.50 5.14 -1.43
N HIS A 59 -7.81 4.82 -0.34
CA HIS A 59 -8.42 4.19 0.83
C HIS A 59 -8.80 2.74 0.54
N TRP A 60 -8.32 2.22 -0.59
CA TRP A 60 -8.61 0.85 -1.03
C TRP A 60 -10.07 0.65 -1.38
N PRO A 61 -10.37 0.37 -2.66
CA PRO A 61 -11.70 -0.10 -3.07
C PRO A 61 -11.92 -1.54 -2.59
N ASP A 62 -13.08 -1.82 -2.03
CA ASP A 62 -13.34 -3.13 -1.40
C ASP A 62 -13.50 -4.26 -2.43
N ILE A 63 -13.07 -4.01 -3.67
CA ILE A 63 -12.97 -5.07 -4.67
C ILE A 63 -11.75 -5.93 -4.35
N ARG A 64 -10.61 -5.55 -4.91
CA ARG A 64 -9.30 -6.12 -4.56
C ARG A 64 -8.29 -4.98 -4.72
N PRO A 65 -7.23 -4.92 -3.89
CA PRO A 65 -6.26 -3.80 -3.91
C PRO A 65 -5.45 -3.71 -5.22
N LYS A 66 -6.14 -3.31 -6.30
CA LYS A 66 -5.53 -3.08 -7.62
C LYS A 66 -6.64 -2.89 -8.66
N SER A 67 -6.70 -1.71 -9.27
CA SER A 67 -7.77 -1.39 -10.22
C SER A 67 -7.51 -2.07 -11.56
N LEU A 68 -8.07 -3.25 -11.74
CA LEU A 68 -7.97 -3.99 -13.00
C LEU A 68 -9.18 -4.94 -13.14
N ARG A 69 -10.21 -4.68 -12.33
CA ARG A 69 -11.41 -5.50 -12.30
C ARG A 69 -12.46 -4.85 -11.40
N ASP A 70 -13.70 -5.35 -11.46
CA ASP A 70 -14.83 -4.70 -10.76
C ASP A 70 -15.52 -5.65 -9.78
N LYS A 71 -16.64 -5.18 -9.22
CA LYS A 71 -17.39 -5.91 -8.18
C LYS A 71 -18.01 -7.20 -8.72
N LEU A 72 -18.33 -7.23 -10.01
CA LEU A 72 -18.89 -8.42 -10.63
C LEU A 72 -17.76 -9.36 -11.04
N ALA A 73 -16.69 -8.78 -11.56
CA ALA A 73 -15.53 -9.54 -11.99
C ALA A 73 -14.45 -9.57 -10.91
N THR A 74 -14.69 -10.39 -9.88
CA THR A 74 -13.71 -10.54 -8.81
C THR A 74 -12.57 -11.45 -9.27
N GLY A 75 -12.94 -12.65 -9.72
CA GLY A 75 -11.99 -13.59 -10.29
C GLY A 75 -10.75 -13.79 -9.43
N ARG A 76 -10.93 -14.32 -8.23
CA ARG A 76 -9.81 -14.57 -7.33
C ARG A 76 -8.89 -15.64 -7.93
N GLY A 77 -7.98 -15.19 -8.79
CA GLY A 77 -7.03 -16.08 -9.42
C GLY A 77 -5.65 -15.95 -8.79
N PHE A 78 -4.62 -16.23 -9.57
CA PHE A 78 -3.25 -16.19 -9.07
C PHE A 78 -2.31 -15.56 -10.08
N ASP A 79 -1.35 -14.82 -9.56
CA ASP A 79 -0.30 -14.21 -10.38
C ASP A 79 0.92 -15.13 -10.41
N GLN A 80 1.06 -15.89 -9.33
CA GLN A 80 2.13 -16.87 -9.20
C GLN A 80 1.56 -18.16 -8.57
#